data_2W9W
#
_entry.id   2W9W
#
_cell.length_a   1.000
_cell.length_b   1.000
_cell.length_c   1.000
_cell.angle_alpha   90.00
_cell.angle_beta   90.00
_cell.angle_gamma   90.00
#
_symmetry.space_group_name_H-M   'P 1'
#
_entity_poly.entity_id   1
_entity_poly.type   'polypeptide(L)'
_entity_poly.pdbx_seq_one_letter_code
;AMDCTTGPCCRQCKLKPAGTTCWKTSVSSHYCTGRSCECPSYPG
;
_entity_poly.pdbx_strand_id   A
#
# COMPACT_ATOMS: atom_id res chain seq x y z
N ALA A 1 -10.88 -10.97 9.06
CA ALA A 1 -10.65 -12.38 9.48
C ALA A 1 -9.29 -12.54 10.13
N MET A 2 -8.33 -11.73 9.70
CA MET A 2 -6.97 -11.78 10.24
C MET A 2 -6.39 -10.38 10.37
N ASP A 3 -5.20 -10.30 10.97
CA ASP A 3 -4.53 -9.02 11.15
C ASP A 3 -3.48 -8.80 10.07
N CYS A 4 -3.77 -9.26 8.86
CA CYS A 4 -2.85 -9.11 7.74
C CYS A 4 -3.23 -7.91 6.88
N THR A 5 -4.53 -7.63 6.82
CA THR A 5 -5.03 -6.50 6.03
C THR A 5 -4.67 -6.68 4.55
N THR A 6 -5.39 -7.56 3.88
CA THR A 6 -5.15 -7.82 2.46
C THR A 6 -5.29 -6.54 1.64
N GLY A 7 -4.20 -6.12 1.03
CA GLY A 7 -4.21 -4.92 0.22
C GLY A 7 -3.07 -4.86 -0.78
N PRO A 8 -3.13 -3.94 -1.76
CA PRO A 8 -2.08 -3.81 -2.77
C PRO A 8 -0.69 -3.66 -2.17
N CYS A 9 -0.64 -3.14 -0.94
CA CYS A 9 0.63 -2.95 -0.25
C CYS A 9 0.90 -4.09 0.73
N CYS A 10 0.41 -5.28 0.39
CA CYS A 10 0.59 -6.46 1.23
C CYS A 10 0.34 -7.73 0.44
N ARG A 11 1.36 -8.58 0.33
CA ARG A 11 1.23 -9.84 -0.39
C ARG A 11 0.39 -10.84 0.39
N GLN A 12 0.98 -11.42 1.43
CA GLN A 12 0.28 -12.40 2.25
C GLN A 12 -0.01 -11.84 3.64
N CYS A 13 0.82 -10.89 4.07
CA CYS A 13 0.65 -10.26 5.38
C CYS A 13 1.61 -9.09 5.55
N LYS A 14 2.84 -9.27 5.09
CA LYS A 14 3.85 -8.23 5.19
C LYS A 14 3.48 -7.03 4.33
N LEU A 15 3.99 -5.86 4.71
CA LEU A 15 3.72 -4.63 3.97
C LEU A 15 4.92 -4.20 3.14
N LYS A 16 4.66 -3.72 1.93
CA LYS A 16 5.74 -3.28 1.04
C LYS A 16 6.62 -2.23 1.72
N PRO A 17 7.89 -2.14 1.32
CA PRO A 17 8.84 -1.18 1.89
C PRO A 17 8.30 0.25 1.86
N ALA A 18 8.63 1.02 2.88
CA ALA A 18 8.19 2.41 2.96
C ALA A 18 8.71 3.22 1.79
N GLY A 19 7.80 3.58 0.88
CA GLY A 19 8.19 4.35 -0.29
C GLY A 19 8.02 3.58 -1.58
N THR A 20 7.13 2.60 -1.57
CA THR A 20 6.89 1.78 -2.76
C THR A 20 5.48 2.03 -3.30
N THR A 21 5.40 2.67 -4.45
CA THR A 21 4.12 2.97 -5.08
C THR A 21 3.35 1.68 -5.38
N CYS A 22 2.30 1.43 -4.61
CA CYS A 22 1.48 0.24 -4.79
C CYS A 22 0.59 0.38 -6.02
N TRP A 23 -0.01 1.56 -6.17
CA TRP A 23 -0.90 1.82 -7.30
C TRP A 23 -0.31 2.89 -8.22
N LYS A 24 -0.15 2.54 -9.50
CA LYS A 24 0.40 3.46 -10.47
C LYS A 24 -0.57 3.68 -11.63
N THR A 25 -1.57 4.52 -11.41
CA THR A 25 -2.57 4.81 -12.42
C THR A 25 -2.32 6.18 -13.06
N SER A 26 -2.99 6.44 -14.18
CA SER A 26 -2.83 7.71 -14.88
C SER A 26 -3.48 8.84 -14.11
N VAL A 27 -4.56 8.52 -13.38
CA VAL A 27 -5.27 9.51 -12.59
C VAL A 27 -4.49 9.89 -11.34
N SER A 28 -3.75 8.92 -10.79
CA SER A 28 -2.97 9.15 -9.58
C SER A 28 -2.17 7.90 -9.22
N SER A 29 -1.57 7.92 -8.04
CA SER A 29 -0.78 6.79 -7.56
C SER A 29 -0.60 6.85 -6.04
N HIS A 30 -0.72 5.69 -5.40
CA HIS A 30 -0.57 5.60 -3.95
C HIS A 30 0.80 5.06 -3.57
N TYR A 31 1.23 5.36 -2.35
CA TYR A 31 2.53 4.91 -1.87
C TYR A 31 2.38 4.14 -0.56
N CYS A 32 3.47 3.51 -0.11
CA CYS A 32 3.46 2.74 1.12
C CYS A 32 4.29 3.43 2.20
N THR A 33 3.68 3.66 3.35
CA THR A 33 4.37 4.31 4.47
C THR A 33 4.92 3.27 5.44
N GLY A 34 5.11 2.04 4.97
CA GLY A 34 5.62 0.98 5.82
C GLY A 34 4.87 0.86 7.13
N ARG A 35 3.59 1.25 7.11
CA ARG A 35 2.76 1.17 8.30
C ARG A 35 1.66 0.12 8.14
N SER A 36 0.72 0.40 7.24
CA SER A 36 -0.38 -0.51 6.98
C SER A 36 -0.46 -0.86 5.50
N CYS A 37 -1.29 -1.84 5.17
CA CYS A 37 -1.46 -2.28 3.79
C CYS A 37 -2.38 -1.33 3.03
N GLU A 38 -3.27 -0.67 3.76
CA GLU A 38 -4.21 0.27 3.15
C GLU A 38 -3.46 1.43 2.48
N CYS A 39 -3.32 1.36 1.17
CA CYS A 39 -2.63 2.41 0.42
C CYS A 39 -3.31 3.76 0.61
N PRO A 40 -2.67 4.69 1.34
CA PRO A 40 -3.23 6.03 1.59
C PRO A 40 -3.65 6.72 0.31
N SER A 41 -4.47 7.76 0.45
CA SER A 41 -4.96 8.52 -0.70
C SER A 41 -4.23 9.85 -0.82
N TYR A 42 -2.97 9.87 -0.42
CA TYR A 42 -2.16 11.08 -0.49
C TYR A 42 -1.01 10.92 -1.47
N PRO A 43 -1.26 11.14 -2.77
CA PRO A 43 -0.24 11.02 -3.82
C PRO A 43 1.01 11.82 -3.49
N GLY A 44 1.96 11.83 -4.43
CA GLY A 44 3.19 12.56 -4.22
C GLY A 44 3.86 12.97 -5.53
N ALA A 1 -8.88 -5.43 11.69
CA ALA A 1 -7.95 -6.05 10.72
C ALA A 1 -6.54 -6.16 11.31
N MET A 2 -6.24 -7.32 11.89
CA MET A 2 -4.93 -7.56 12.49
C MET A 2 -4.56 -9.04 12.46
N ASP A 3 -3.87 -9.44 11.40
CA ASP A 3 -3.46 -10.84 11.26
C ASP A 3 -2.60 -11.01 9.99
N CYS A 4 -2.99 -10.34 8.93
CA CYS A 4 -2.25 -10.42 7.67
C CYS A 4 -2.65 -9.28 6.73
N THR A 5 -3.95 -9.02 6.65
CA THR A 5 -4.46 -7.96 5.79
C THR A 5 -4.12 -8.23 4.32
N THR A 6 -4.93 -7.67 3.43
CA THR A 6 -4.72 -7.86 2.00
C THR A 6 -4.74 -6.51 1.27
N GLY A 7 -4.40 -6.54 -0.02
CA GLY A 7 -4.40 -5.32 -0.81
C GLY A 7 -3.27 -5.30 -1.83
N PRO A 8 -3.11 -4.18 -2.57
CA PRO A 8 -2.06 -4.05 -3.58
C PRO A 8 -0.67 -3.93 -2.96
N CYS A 9 -0.62 -3.40 -1.73
CA CYS A 9 0.65 -3.23 -1.04
C CYS A 9 1.19 -4.57 -0.55
N CYS A 10 0.33 -5.37 0.07
CA CYS A 10 0.72 -6.68 0.57
C CYS A 10 0.22 -7.78 -0.35
N ARG A 11 1.10 -8.75 -0.63
CA ARG A 11 0.75 -9.87 -1.50
C ARG A 11 -0.43 -10.65 -0.92
N GLN A 12 -0.17 -11.43 0.12
CA GLN A 12 -1.20 -12.23 0.76
C GLN A 12 -1.14 -12.13 2.28
N CYS A 13 -0.28 -11.27 2.79
CA CYS A 13 -0.13 -11.09 4.23
C CYS A 13 0.91 -10.02 4.55
N LYS A 14 2.09 -10.14 3.94
CA LYS A 14 3.17 -9.18 4.16
C LYS A 14 3.02 -7.97 3.25
N LEU A 15 3.23 -6.78 3.81
CA LEU A 15 3.12 -5.54 3.06
C LEU A 15 4.48 -5.05 2.62
N LYS A 16 4.52 -4.34 1.50
CA LYS A 16 5.77 -3.81 0.97
C LYS A 16 6.43 -2.85 1.96
N PRO A 17 7.72 -2.57 1.78
CA PRO A 17 8.47 -1.66 2.66
C PRO A 17 7.93 -0.24 2.63
N ALA A 18 7.99 0.45 3.77
CA ALA A 18 7.50 1.82 3.87
C ALA A 18 8.25 2.72 2.90
N GLY A 19 7.52 3.28 1.94
CA GLY A 19 8.12 4.17 0.96
C GLY A 19 8.09 3.60 -0.45
N THR A 20 7.24 2.61 -0.67
CA THR A 20 7.11 1.99 -1.98
C THR A 20 5.77 2.32 -2.62
N THR A 21 5.60 1.93 -3.88
CA THR A 21 4.36 2.19 -4.60
C THR A 21 3.38 1.03 -4.44
N CYS A 22 2.11 1.30 -4.71
CA CYS A 22 1.08 0.27 -4.60
C CYS A 22 0.04 0.42 -5.70
N TRP A 23 -0.42 1.65 -5.93
CA TRP A 23 -1.42 1.92 -6.95
C TRP A 23 -0.83 2.79 -8.06
N LYS A 24 -0.68 2.20 -9.25
CA LYS A 24 -0.12 2.93 -10.39
C LYS A 24 -1.20 3.19 -11.43
N THR A 25 -2.02 4.21 -11.19
CA THR A 25 -3.09 4.56 -12.11
C THR A 25 -2.59 5.50 -13.19
N SER A 26 -3.43 5.77 -14.18
CA SER A 26 -3.07 6.66 -15.29
C SER A 26 -3.48 8.10 -14.98
N VAL A 27 -3.13 8.57 -13.80
CA VAL A 27 -3.47 9.94 -13.39
C VAL A 27 -2.91 10.24 -12.00
N SER A 28 -2.98 9.26 -11.11
CA SER A 28 -2.48 9.41 -9.75
C SER A 28 -1.99 8.09 -9.18
N SER A 29 -0.93 8.15 -8.38
CA SER A 29 -0.36 6.96 -7.77
C SER A 29 -0.18 7.13 -6.28
N HIS A 30 -0.39 6.06 -5.52
CA HIS A 30 -0.25 6.10 -4.07
C HIS A 30 1.06 5.45 -3.63
N TYR A 31 1.27 5.39 -2.32
CA TYR A 31 2.49 4.80 -1.77
C TYR A 31 2.18 4.06 -0.47
N CYS A 32 3.13 3.23 -0.04
CA CYS A 32 2.97 2.46 1.19
C CYS A 32 3.75 3.10 2.33
N THR A 33 3.08 3.29 3.46
CA THR A 33 3.72 3.88 4.64
C THR A 33 4.23 2.81 5.59
N GLY A 34 4.39 1.59 5.08
CA GLY A 34 4.87 0.50 5.90
C GLY A 34 4.08 0.34 7.19
N ARG A 35 2.82 0.75 7.17
CA ARG A 35 1.96 0.66 8.34
C ARG A 35 0.86 -0.37 8.13
N SER A 36 0.39 -0.48 6.89
CA SER A 36 -0.67 -1.43 6.56
C SER A 36 -0.87 -1.50 5.05
N CYS A 37 -1.71 -2.44 4.61
CA CYS A 37 -1.99 -2.61 3.19
C CYS A 37 -2.85 -1.47 2.67
N GLU A 38 -3.70 -0.91 3.53
CA GLU A 38 -4.57 0.19 3.15
C GLU A 38 -3.75 1.40 2.70
N CYS A 39 -3.41 1.42 1.42
CA CYS A 39 -2.63 2.51 0.85
C CYS A 39 -3.44 3.82 0.84
N PRO A 40 -3.06 4.80 1.67
CA PRO A 40 -3.77 6.08 1.74
C PRO A 40 -3.64 6.88 0.46
N SER A 41 -4.31 8.03 0.41
CA SER A 41 -4.27 8.90 -0.77
C SER A 41 -3.56 10.21 -0.44
N TYR A 42 -2.24 10.13 -0.24
CA TYR A 42 -1.45 11.31 0.07
C TYR A 42 -0.45 11.60 -1.04
N PRO A 43 -0.94 11.86 -2.26
CA PRO A 43 -0.08 12.15 -3.42
C PRO A 43 0.69 13.46 -3.24
N GLY A 44 1.99 13.35 -3.00
CA GLY A 44 2.81 14.53 -2.82
C GLY A 44 3.19 15.18 -4.13
N ALA A 1 0.44 -12.22 14.60
CA ALA A 1 -0.63 -12.44 13.59
C ALA A 1 -1.99 -12.07 14.16
N MET A 2 -2.89 -11.62 13.29
CA MET A 2 -4.24 -11.24 13.71
C MET A 2 -5.16 -11.08 12.51
N ASP A 3 -4.82 -10.14 11.63
CA ASP A 3 -5.61 -9.89 10.43
C ASP A 3 -4.71 -9.52 9.25
N CYS A 4 -5.24 -9.69 8.05
CA CYS A 4 -4.49 -9.38 6.83
C CYS A 4 -5.34 -8.55 5.86
N THR A 5 -4.99 -7.27 5.73
CA THR A 5 -5.72 -6.38 4.84
C THR A 5 -5.29 -6.59 3.39
N THR A 6 -5.91 -7.55 2.73
CA THR A 6 -5.58 -7.87 1.34
C THR A 6 -5.78 -6.63 0.46
N GLY A 7 -4.66 -6.08 -0.01
CA GLY A 7 -4.72 -4.90 -0.86
C GLY A 7 -3.48 -4.76 -1.72
N PRO A 8 -3.29 -3.58 -2.35
CA PRO A 8 -2.14 -3.32 -3.21
C PRO A 8 -0.89 -2.91 -2.43
N CYS A 9 -0.58 -3.69 -1.39
CA CYS A 9 0.59 -3.41 -0.56
C CYS A 9 0.71 -4.43 0.58
N CYS A 10 0.35 -5.68 0.28
CA CYS A 10 0.42 -6.73 1.28
C CYS A 10 0.38 -8.11 0.62
N ARG A 11 1.43 -8.89 0.81
CA ARG A 11 1.51 -10.22 0.22
C ARG A 11 1.79 -11.26 1.31
N GLN A 12 0.97 -12.31 1.34
CA GLN A 12 1.13 -13.37 2.33
C GLN A 12 0.91 -12.84 3.75
N CYS A 13 0.31 -11.66 3.85
CA CYS A 13 0.04 -11.03 5.13
C CYS A 13 1.31 -10.38 5.69
N LYS A 14 1.83 -9.41 4.95
CA LYS A 14 3.03 -8.69 5.37
C LYS A 14 3.06 -7.28 4.78
N LEU A 15 2.90 -6.29 5.65
CA LEU A 15 2.91 -4.89 5.23
C LEU A 15 4.17 -4.55 4.46
N LYS A 16 4.01 -4.12 3.22
CA LYS A 16 5.15 -3.76 2.38
C LYS A 16 5.97 -2.64 3.01
N PRO A 17 7.20 -2.41 2.52
CA PRO A 17 8.08 -1.37 3.05
C PRO A 17 7.52 0.02 2.83
N ALA A 18 7.77 0.91 3.79
CA ALA A 18 7.29 2.29 3.70
C ALA A 18 7.87 2.98 2.47
N GLY A 19 7.00 3.27 1.50
CA GLY A 19 7.44 3.94 0.29
C GLY A 19 7.27 3.07 -0.95
N THR A 20 6.35 2.11 -0.88
CA THR A 20 6.09 1.22 -1.99
C THR A 20 4.89 1.68 -2.79
N THR A 21 5.06 1.77 -4.11
CA THR A 21 4.00 2.21 -5.00
C THR A 21 2.79 1.27 -4.91
N CYS A 22 1.61 1.82 -5.15
CA CYS A 22 0.37 1.03 -5.09
C CYS A 22 -0.59 1.46 -6.20
N TRP A 23 -0.78 2.76 -6.35
CA TRP A 23 -1.67 3.29 -7.38
C TRP A 23 -0.89 3.68 -8.62
N LYS A 24 -1.30 3.13 -9.76
CA LYS A 24 -0.64 3.42 -11.04
C LYS A 24 -1.65 3.86 -12.08
N THR A 25 -2.68 4.58 -11.65
CA THR A 25 -3.71 5.07 -12.56
C THR A 25 -3.12 6.01 -13.60
N SER A 26 -3.93 6.41 -14.57
CA SER A 26 -3.49 7.30 -15.63
C SER A 26 -3.75 8.76 -15.26
N VAL A 27 -3.33 9.13 -14.05
CA VAL A 27 -3.51 10.50 -13.57
C VAL A 27 -2.44 10.87 -12.56
N SER A 28 -2.19 9.97 -11.62
CA SER A 28 -1.19 10.20 -10.58
C SER A 28 -1.03 8.98 -9.70
N SER A 29 0.19 8.46 -9.63
CA SER A 29 0.48 7.28 -8.81
C SER A 29 0.75 7.67 -7.37
N HIS A 30 0.60 6.71 -6.46
CA HIS A 30 0.83 6.95 -5.04
C HIS A 30 1.79 5.92 -4.46
N TYR A 31 2.05 6.03 -3.16
CA TYR A 31 2.95 5.10 -2.49
C TYR A 31 2.41 4.72 -1.11
N CYS A 32 3.03 3.73 -0.48
CA CYS A 32 2.61 3.27 0.83
C CYS A 32 3.46 3.90 1.93
N THR A 33 2.90 4.01 3.12
CA THR A 33 3.62 4.59 4.26
C THR A 33 3.95 3.54 5.30
N GLY A 34 3.99 2.27 4.88
CA GLY A 34 4.29 1.19 5.79
C GLY A 34 3.40 1.19 7.01
N ARG A 35 2.19 1.72 6.86
CA ARG A 35 1.23 1.79 7.96
C ARG A 35 0.12 0.75 7.78
N SER A 36 -0.28 0.55 6.53
CA SER A 36 -1.33 -0.41 6.21
C SER A 36 -1.23 -0.87 4.76
N CYS A 37 -2.00 -1.90 4.41
CA CYS A 37 -1.99 -2.43 3.05
C CYS A 37 -2.73 -1.50 2.10
N GLU A 38 -3.71 -0.78 2.63
CA GLU A 38 -4.50 0.15 1.83
C GLU A 38 -3.61 1.23 1.20
N CYS A 39 -3.85 1.51 -0.07
CA CYS A 39 -3.07 2.52 -0.78
C CYS A 39 -3.55 3.93 -0.44
N PRO A 40 -2.67 4.76 0.16
CA PRO A 40 -3.02 6.13 0.54
C PRO A 40 -3.65 6.92 -0.62
N SER A 41 -4.55 7.84 -0.28
CA SER A 41 -5.22 8.65 -1.29
C SER A 41 -4.55 10.01 -1.43
N TYR A 42 -3.24 10.06 -1.19
CA TYR A 42 -2.49 11.29 -1.29
C TYR A 42 -1.05 11.02 -1.74
N PRO A 43 -0.44 11.97 -2.48
CA PRO A 43 0.93 11.82 -2.97
C PRO A 43 1.96 11.92 -1.85
N GLY A 44 2.44 10.78 -1.38
CA GLY A 44 3.42 10.77 -0.32
C GLY A 44 4.52 9.76 -0.56
N ALA A 1 -4.23 -8.16 16.83
CA ALA A 1 -5.24 -7.37 16.07
C ALA A 1 -5.04 -7.53 14.57
N MET A 2 -3.78 -7.51 14.14
CA MET A 2 -3.46 -7.64 12.73
C MET A 2 -3.32 -9.12 12.34
N ASP A 3 -3.32 -9.39 11.04
CA ASP A 3 -3.20 -10.76 10.55
C ASP A 3 -2.48 -10.79 9.21
N CYS A 4 -3.05 -10.11 8.22
CA CYS A 4 -2.46 -10.06 6.88
C CYS A 4 -2.96 -8.85 6.11
N THR A 5 -4.27 -8.61 6.18
CA THR A 5 -4.88 -7.49 5.48
C THR A 5 -4.68 -7.60 3.97
N THR A 6 -5.58 -6.98 3.21
CA THR A 6 -5.49 -7.01 1.75
C THR A 6 -5.36 -5.60 1.19
N GLY A 7 -4.82 -5.50 -0.03
CA GLY A 7 -4.66 -4.21 -0.66
C GLY A 7 -3.52 -4.21 -1.67
N PRO A 8 -3.47 -3.19 -2.55
CA PRO A 8 -2.42 -3.08 -3.57
C PRO A 8 -1.02 -3.18 -2.96
N CYS A 9 -0.89 -2.80 -1.70
CA CYS A 9 0.39 -2.83 -1.00
C CYS A 9 0.75 -4.26 -0.61
N CYS A 10 -0.19 -4.96 0.01
CA CYS A 10 0.02 -6.34 0.43
C CYS A 10 -0.60 -7.32 -0.56
N ARG A 11 0.22 -8.21 -1.09
CA ARG A 11 -0.26 -9.21 -2.05
C ARG A 11 -1.02 -10.32 -1.34
N GLN A 12 -0.30 -11.15 -0.59
CA GLN A 12 -0.91 -12.25 0.14
C GLN A 12 -0.90 -11.99 1.64
N CYS A 13 0.09 -11.22 2.10
CA CYS A 13 0.22 -10.90 3.50
C CYS A 13 1.38 -9.93 3.75
N LYS A 14 2.48 -10.14 3.03
CA LYS A 14 3.65 -9.30 3.16
C LYS A 14 3.46 -7.98 2.42
N LEU A 15 3.24 -6.91 3.17
CA LEU A 15 3.04 -5.60 2.58
C LEU A 15 4.36 -4.99 2.11
N LYS A 16 4.30 -4.18 1.07
CA LYS A 16 5.49 -3.54 0.53
C LYS A 16 6.18 -2.67 1.58
N PRO A 17 7.51 -2.53 1.49
CA PRO A 17 8.29 -1.73 2.44
C PRO A 17 7.76 -0.31 2.57
N ALA A 18 7.90 0.25 3.77
CA ALA A 18 7.44 1.62 4.03
C ALA A 18 8.08 2.61 3.07
N GLY A 19 7.28 3.13 2.14
CA GLY A 19 7.79 4.08 1.18
C GLY A 19 7.80 3.53 -0.24
N THR A 20 6.96 2.54 -0.49
CA THR A 20 6.89 1.92 -1.81
C THR A 20 5.47 1.99 -2.36
N THR A 21 5.35 2.31 -3.65
CA THR A 21 4.05 2.42 -4.30
C THR A 21 3.24 1.14 -4.11
N CYS A 22 1.92 1.29 -4.03
CA CYS A 22 1.02 0.16 -3.84
C CYS A 22 0.00 0.09 -4.97
N TRP A 23 -0.57 1.25 -5.32
CA TRP A 23 -1.56 1.33 -6.38
C TRP A 23 -0.90 1.47 -7.74
N LYS A 24 -0.30 2.62 -7.98
CA LYS A 24 0.39 2.88 -9.24
C LYS A 24 -0.60 2.83 -10.41
N THR A 25 -0.95 3.99 -10.95
CA THR A 25 -1.89 4.07 -12.06
C THR A 25 -1.47 5.18 -13.02
N SER A 26 -2.16 5.25 -14.16
CA SER A 26 -1.88 6.27 -15.17
C SER A 26 -2.18 7.67 -14.63
N VAL A 27 -3.16 7.75 -13.73
CA VAL A 27 -3.55 9.02 -13.15
C VAL A 27 -2.58 9.44 -12.03
N SER A 28 -2.12 8.46 -11.28
CA SER A 28 -1.20 8.72 -10.18
C SER A 28 -0.82 7.42 -9.47
N SER A 29 -0.03 7.54 -8.41
CA SER A 29 0.41 6.37 -7.64
C SER A 29 0.27 6.63 -6.15
N HIS A 30 0.16 5.55 -5.37
CA HIS A 30 0.03 5.66 -3.92
C HIS A 30 1.21 4.98 -3.22
N TYR A 31 1.97 5.77 -2.47
CA TYR A 31 3.12 5.25 -1.74
C TYR A 31 2.69 4.60 -0.43
N CYS A 32 2.89 3.31 -0.33
CA CYS A 32 2.53 2.56 0.88
C CYS A 32 3.36 3.03 2.07
N THR A 33 2.77 2.99 3.25
CA THR A 33 3.46 3.40 4.47
C THR A 33 4.11 2.20 5.18
N GLY A 34 4.17 1.07 4.49
CA GLY A 34 4.77 -0.13 5.07
C GLY A 34 4.18 -0.48 6.41
N ARG A 35 2.93 -0.08 6.64
CA ARG A 35 2.26 -0.35 7.91
C ARG A 35 0.89 -0.97 7.67
N SER A 36 0.15 -0.42 6.73
CA SER A 36 -1.18 -0.92 6.41
C SER A 36 -1.38 -1.00 4.90
N CYS A 37 -2.24 -1.92 4.46
CA CYS A 37 -2.52 -2.09 3.04
C CYS A 37 -3.34 -0.93 2.50
N GLU A 38 -4.07 -0.25 3.38
CA GLU A 38 -4.89 0.89 2.99
C GLU A 38 -4.05 2.01 2.42
N CYS A 39 -3.96 2.07 1.09
CA CYS A 39 -3.18 3.11 0.42
C CYS A 39 -3.74 4.49 0.71
N PRO A 40 -2.86 5.51 0.78
CA PRO A 40 -3.28 6.89 1.04
C PRO A 40 -4.38 7.36 0.10
N SER A 41 -4.86 8.58 0.32
CA SER A 41 -5.92 9.15 -0.52
C SER A 41 -5.38 10.29 -1.37
N TYR A 42 -4.42 11.03 -0.82
CA TYR A 42 -3.83 12.15 -1.54
C TYR A 42 -2.38 11.85 -1.92
N PRO A 43 -1.86 12.53 -2.97
CA PRO A 43 -0.49 12.33 -3.44
C PRO A 43 0.54 12.86 -2.45
N GLY A 44 1.69 12.21 -2.40
CA GLY A 44 2.74 12.63 -1.48
C GLY A 44 3.56 13.79 -2.04
N ALA A 1 -4.19 -17.05 14.03
CA ALA A 1 -3.74 -15.83 13.30
C ALA A 1 -4.88 -15.23 12.48
N MET A 2 -5.36 -14.07 12.90
CA MET A 2 -6.44 -13.40 12.20
C MET A 2 -6.10 -11.93 11.96
N ASP A 3 -4.82 -11.65 11.74
CA ASP A 3 -4.37 -10.29 11.50
C ASP A 3 -3.28 -10.26 10.42
N CYS A 4 -3.71 -10.34 9.16
CA CYS A 4 -2.78 -10.33 8.03
C CYS A 4 -2.86 -9.01 7.27
N THR A 5 -4.04 -8.38 7.31
CA THR A 5 -4.26 -7.11 6.63
C THR A 5 -3.67 -7.13 5.22
N THR A 6 -4.50 -7.47 4.24
CA THR A 6 -4.05 -7.52 2.85
C THR A 6 -4.63 -6.36 2.06
N GLY A 7 -4.12 -6.16 0.84
CA GLY A 7 -4.60 -5.07 0.00
C GLY A 7 -3.62 -4.73 -1.11
N PRO A 8 -3.82 -3.58 -1.78
CA PRO A 8 -2.94 -3.14 -2.87
C PRO A 8 -1.47 -3.12 -2.45
N CYS A 9 -1.22 -2.67 -1.22
CA CYS A 9 0.14 -2.59 -0.71
C CYS A 9 0.46 -3.79 0.18
N CYS A 10 -0.23 -4.90 -0.06
CA CYS A 10 -0.01 -6.11 0.73
C CYS A 10 -0.31 -7.36 -0.10
N ARG A 11 0.66 -8.25 -0.21
CA ARG A 11 0.49 -9.48 -0.97
C ARG A 11 -0.63 -10.34 -0.38
N GLN A 12 -0.32 -11.07 0.68
CA GLN A 12 -1.31 -11.93 1.32
C GLN A 12 -1.23 -11.83 2.85
N CYS A 13 -0.41 -10.91 3.35
CA CYS A 13 -0.25 -10.73 4.79
C CYS A 13 0.73 -9.60 5.09
N LYS A 14 1.84 -9.57 4.36
CA LYS A 14 2.86 -8.55 4.56
C LYS A 14 2.57 -7.33 3.69
N LEU A 15 3.15 -6.19 4.06
CA LEU A 15 2.95 -4.95 3.31
C LEU A 15 4.28 -4.46 2.73
N LYS A 16 4.19 -3.72 1.64
CA LYS A 16 5.37 -3.18 0.97
C LYS A 16 6.16 -2.28 1.92
N PRO A 17 7.49 -2.22 1.74
CA PRO A 17 8.36 -1.39 2.59
C PRO A 17 7.90 0.05 2.67
N ALA A 18 8.07 0.66 3.83
CA ALA A 18 7.67 2.05 4.04
C ALA A 18 8.39 2.97 3.08
N GLY A 19 7.66 3.48 2.09
CA GLY A 19 8.26 4.38 1.11
C GLY A 19 8.30 3.78 -0.28
N THR A 20 7.38 2.86 -0.56
CA THR A 20 7.32 2.21 -1.87
C THR A 20 6.00 2.52 -2.56
N THR A 21 6.00 2.40 -3.89
CA THR A 21 4.80 2.66 -4.68
C THR A 21 3.84 1.47 -4.62
N CYS A 22 2.55 1.75 -4.50
CA CYS A 22 1.54 0.71 -4.44
C CYS A 22 0.60 0.79 -5.64
N TRP A 23 0.26 2.01 -6.03
CA TRP A 23 -0.63 2.23 -7.17
C TRP A 23 0.08 2.99 -8.28
N LYS A 24 -0.01 2.47 -9.50
CA LYS A 24 0.62 3.09 -10.65
C LYS A 24 -0.34 3.18 -11.83
N THR A 25 -1.63 3.33 -11.53
CA THR A 25 -2.65 3.43 -12.56
C THR A 25 -2.41 4.64 -13.45
N SER A 26 -3.20 4.75 -14.52
CA SER A 26 -3.07 5.86 -15.45
C SER A 26 -3.95 7.04 -15.01
N VAL A 27 -3.78 7.46 -13.76
CA VAL A 27 -4.54 8.57 -13.22
C VAL A 27 -3.76 9.30 -12.12
N SER A 28 -3.18 8.52 -11.22
CA SER A 28 -2.41 9.08 -10.12
C SER A 28 -1.76 7.98 -9.29
N SER A 29 -0.44 7.94 -9.29
CA SER A 29 0.31 6.94 -8.54
C SER A 29 0.26 7.23 -7.05
N HIS A 30 0.33 6.18 -6.24
CA HIS A 30 0.30 6.32 -4.79
C HIS A 30 1.59 5.80 -4.16
N TYR A 31 1.66 5.87 -2.83
CA TYR A 31 2.84 5.40 -2.11
C TYR A 31 2.44 4.70 -0.82
N CYS A 32 3.41 4.09 -0.15
CA CYS A 32 3.16 3.39 1.10
C CYS A 32 4.00 3.96 2.23
N THR A 33 3.39 4.13 3.40
CA THR A 33 4.09 4.67 4.55
C THR A 33 4.44 3.57 5.55
N GLY A 34 4.52 2.33 5.07
CA GLY A 34 4.84 1.21 5.93
C GLY A 34 3.91 1.11 7.13
N ARG A 35 2.65 1.47 6.93
CA ARG A 35 1.66 1.43 8.01
C ARG A 35 0.58 0.40 7.70
N SER A 36 -0.24 0.70 6.70
CA SER A 36 -1.31 -0.20 6.31
C SER A 36 -1.36 -0.36 4.79
N CYS A 37 -2.21 -1.27 4.31
CA CYS A 37 -2.34 -1.53 2.90
C CYS A 37 -3.09 -0.39 2.20
N GLU A 38 -4.01 0.22 2.92
CA GLU A 38 -4.80 1.33 2.39
C GLU A 38 -3.89 2.48 1.96
N CYS A 39 -3.62 2.57 0.67
CA CYS A 39 -2.76 3.63 0.13
C CYS A 39 -3.37 5.01 0.40
N PRO A 40 -2.51 6.03 0.59
CA PRO A 40 -2.97 7.39 0.86
C PRO A 40 -3.98 7.89 -0.18
N SER A 41 -4.48 9.10 0.03
CA SER A 41 -5.45 9.69 -0.89
C SER A 41 -4.95 11.02 -1.43
N TYR A 42 -3.63 11.15 -1.54
CA TYR A 42 -3.02 12.38 -2.06
C TYR A 42 -1.52 12.21 -2.25
N PRO A 43 -1.10 11.66 -3.40
CA PRO A 43 0.32 11.43 -3.69
C PRO A 43 1.07 12.74 -3.94
N GLY A 44 2.37 12.71 -3.70
CA GLY A 44 3.18 13.91 -3.90
C GLY A 44 3.58 14.57 -2.60
N ALA A 1 2.43 -7.97 11.97
CA ALA A 1 1.09 -7.85 12.59
C ALA A 1 0.35 -9.19 12.57
N MET A 2 -0.45 -9.43 13.61
CA MET A 2 -1.20 -10.67 13.71
C MET A 2 -2.64 -10.48 13.24
N ASP A 3 -2.81 -9.66 12.20
CA ASP A 3 -4.13 -9.39 11.65
C ASP A 3 -4.16 -9.64 10.14
N CYS A 4 -3.18 -9.07 9.43
CA CYS A 4 -3.09 -9.24 7.99
C CYS A 4 -4.33 -8.69 7.31
N THR A 5 -4.17 -7.58 6.59
CA THR A 5 -5.28 -6.96 5.88
C THR A 5 -5.19 -7.23 4.37
N THR A 6 -6.24 -6.84 3.66
CA THR A 6 -6.28 -7.05 2.21
C THR A 6 -6.16 -5.71 1.47
N GLY A 7 -5.72 -5.79 0.22
CA GLY A 7 -5.56 -4.57 -0.58
C GLY A 7 -4.39 -4.66 -1.53
N PRO A 8 -4.29 -3.72 -2.49
CA PRO A 8 -3.19 -3.71 -3.47
C PRO A 8 -1.87 -3.22 -2.85
N CYS A 9 -1.40 -3.92 -1.83
CA CYS A 9 -0.16 -3.56 -1.16
C CYS A 9 0.16 -4.54 -0.04
N CYS A 10 -0.15 -5.82 -0.26
CA CYS A 10 0.10 -6.85 0.74
C CYS A 10 0.25 -8.22 0.07
N ARG A 11 1.19 -9.02 0.58
CA ARG A 11 1.43 -10.35 0.04
C ARG A 11 0.57 -11.39 0.76
N GLN A 12 -0.73 -11.13 0.83
CA GLN A 12 -1.66 -12.04 1.48
C GLN A 12 -1.52 -12.00 3.00
N CYS A 13 -0.68 -11.09 3.50
CA CYS A 13 -0.47 -10.95 4.93
C CYS A 13 0.53 -9.83 5.23
N LYS A 14 1.71 -9.93 4.62
CA LYS A 14 2.75 -8.93 4.81
C LYS A 14 2.52 -7.71 3.92
N LEU A 15 2.75 -6.52 4.46
CA LEU A 15 2.56 -5.28 3.72
C LEU A 15 3.87 -4.80 3.12
N LYS A 16 3.78 -4.14 1.97
CA LYS A 16 4.97 -3.62 1.29
C LYS A 16 5.73 -2.63 2.18
N PRO A 17 7.04 -2.50 1.97
CA PRO A 17 7.88 -1.59 2.76
C PRO A 17 7.31 -0.18 2.79
N ALA A 18 7.47 0.49 3.93
CA ALA A 18 6.98 1.86 4.09
C ALA A 18 7.71 2.82 3.17
N GLY A 19 7.01 3.29 2.14
CA GLY A 19 7.60 4.21 1.19
C GLY A 19 7.74 3.61 -0.19
N THR A 20 6.87 2.66 -0.51
CA THR A 20 6.89 2.01 -1.81
C THR A 20 5.77 2.54 -2.70
N THR A 21 5.83 2.22 -3.99
CA THR A 21 4.81 2.65 -4.94
C THR A 21 3.89 1.51 -5.32
N CYS A 22 2.64 1.57 -4.85
CA CYS A 22 1.66 0.53 -5.14
C CYS A 22 0.76 0.96 -6.28
N TRP A 23 0.51 2.26 -6.40
CA TRP A 23 -0.33 2.79 -7.45
C TRP A 23 0.41 3.83 -8.27
N LYS A 24 0.46 3.63 -9.58
CA LYS A 24 1.14 4.55 -10.49
C LYS A 24 0.30 4.82 -11.73
N THR A 25 -1.01 4.92 -11.53
CA THR A 25 -1.93 5.19 -12.64
C THR A 25 -1.60 6.51 -13.32
N SER A 26 -1.99 6.64 -14.57
CA SER A 26 -1.74 7.86 -15.34
C SER A 26 -2.40 9.07 -14.67
N VAL A 27 -3.50 8.82 -13.97
CA VAL A 27 -4.22 9.88 -13.29
C VAL A 27 -3.47 10.35 -12.05
N SER A 28 -2.75 9.42 -11.41
CA SER A 28 -1.98 9.74 -10.22
C SER A 28 -1.19 8.53 -9.74
N SER A 29 -0.31 8.75 -8.77
CA SER A 29 0.51 7.67 -8.22
C SER A 29 0.65 7.81 -6.71
N HIS A 30 0.08 6.86 -5.97
CA HIS A 30 0.15 6.88 -4.52
C HIS A 30 1.30 6.01 -4.01
N TYR A 31 1.41 5.91 -2.69
CA TYR A 31 2.47 5.11 -2.08
C TYR A 31 1.95 4.37 -0.86
N CYS A 32 2.77 3.48 -0.31
CA CYS A 32 2.39 2.70 0.86
C CYS A 32 3.18 3.16 2.09
N THR A 33 2.46 3.46 3.16
CA THR A 33 3.10 3.90 4.41
C THR A 33 3.26 2.75 5.39
N GLY A 34 3.27 1.52 4.86
CA GLY A 34 3.43 0.35 5.70
C GLY A 34 2.42 0.31 6.83
N ARG A 35 1.25 0.90 6.61
CA ARG A 35 0.20 0.92 7.63
C ARG A 35 -0.98 0.07 7.21
N SER A 36 -1.26 0.03 5.91
CA SER A 36 -2.37 -0.75 5.38
C SER A 36 -2.03 -1.33 4.02
N CYS A 37 -2.91 -2.18 3.50
CA CYS A 37 -2.71 -2.80 2.20
C CYS A 37 -3.45 -2.04 1.09
N GLU A 38 -3.95 -0.86 1.43
CA GLU A 38 -4.67 -0.03 0.46
C GLU A 38 -3.98 1.31 0.27
N CYS A 39 -3.65 1.61 -0.99
CA CYS A 39 -2.98 2.88 -1.32
C CYS A 39 -3.83 4.07 -0.90
N PRO A 40 -3.40 4.82 0.13
CA PRO A 40 -4.13 5.99 0.62
C PRO A 40 -4.47 6.97 -0.50
N SER A 41 -5.48 7.79 -0.27
CA SER A 41 -5.91 8.78 -1.26
C SER A 41 -4.78 9.75 -1.57
N TYR A 42 -3.95 10.04 -0.58
CA TYR A 42 -2.83 10.95 -0.76
C TYR A 42 -1.52 10.18 -0.90
N PRO A 43 -0.56 10.75 -1.66
CA PRO A 43 0.74 10.11 -1.88
C PRO A 43 1.42 9.71 -0.57
N GLY A 44 2.63 9.16 -0.69
CA GLY A 44 3.36 8.74 0.50
C GLY A 44 4.86 8.89 0.34
N ALA A 1 1.21 -7.12 15.87
CA ALA A 1 0.96 -7.61 14.49
C ALA A 1 0.49 -9.06 14.50
N MET A 2 -0.76 -9.28 14.07
CA MET A 2 -1.33 -10.61 14.04
C MET A 2 -2.46 -10.69 13.01
N ASP A 3 -2.32 -9.92 11.93
CA ASP A 3 -3.32 -9.91 10.87
C ASP A 3 -2.66 -9.72 9.51
N CYS A 4 -3.18 -10.42 8.51
CA CYS A 4 -2.64 -10.33 7.15
C CYS A 4 -3.26 -9.16 6.40
N THR A 5 -4.52 -8.87 6.70
CA THR A 5 -5.22 -7.77 6.05
C THR A 5 -5.31 -7.99 4.55
N THR A 6 -6.06 -7.14 3.86
CA THR A 6 -6.23 -7.24 2.42
C THR A 6 -6.23 -5.86 1.78
N GLY A 7 -5.62 -5.76 0.60
CA GLY A 7 -5.56 -4.50 -0.11
C GLY A 7 -4.50 -4.48 -1.19
N PRO A 8 -4.61 -3.57 -2.17
CA PRO A 8 -3.64 -3.46 -3.27
C PRO A 8 -2.30 -2.89 -2.81
N CYS A 9 -1.64 -3.61 -1.90
CA CYS A 9 -0.35 -3.17 -1.38
C CYS A 9 0.22 -4.20 -0.41
N CYS A 10 0.01 -5.47 -0.72
CA CYS A 10 0.51 -6.55 0.13
C CYS A 10 0.36 -7.90 -0.56
N ARG A 11 1.18 -8.87 -0.17
CA ARG A 11 1.14 -10.20 -0.76
C ARG A 11 0.19 -11.11 0.03
N GLN A 12 -1.04 -10.62 0.24
CA GLN A 12 -2.05 -11.39 0.98
C GLN A 12 -1.73 -11.44 2.46
N CYS A 13 -0.71 -10.71 2.89
CA CYS A 13 -0.30 -10.68 4.29
C CYS A 13 0.83 -9.70 4.52
N LYS A 14 1.89 -9.84 3.72
CA LYS A 14 3.05 -8.97 3.83
C LYS A 14 2.81 -7.64 3.11
N LEU A 15 2.92 -6.55 3.85
CA LEU A 15 2.71 -5.22 3.29
C LEU A 15 4.01 -4.63 2.75
N LYS A 16 3.93 -3.96 1.62
CA LYS A 16 5.11 -3.35 1.00
C LYS A 16 5.76 -2.36 1.95
N PRO A 17 7.07 -2.11 1.76
CA PRO A 17 7.82 -1.17 2.61
C PRO A 17 7.16 0.21 2.67
N ALA A 18 7.28 0.86 3.83
CA ALA A 18 6.70 2.18 4.03
C ALA A 18 7.24 3.17 3.00
N GLY A 19 6.38 3.54 2.05
CA GLY A 19 6.77 4.49 1.02
C GLY A 19 6.79 3.86 -0.36
N THR A 20 6.03 2.79 -0.54
CA THR A 20 5.95 2.10 -1.82
C THR A 20 4.57 2.27 -2.46
N THR A 21 4.53 2.98 -3.58
CA THR A 21 3.27 3.21 -4.28
C THR A 21 2.60 1.89 -4.67
N CYS A 22 1.34 1.97 -5.06
CA CYS A 22 0.58 0.79 -5.45
C CYS A 22 -0.22 1.05 -6.73
N TRP A 23 -0.90 2.19 -6.77
CA TRP A 23 -1.70 2.55 -7.93
C TRP A 23 -0.84 3.20 -9.01
N LYS A 24 -1.07 2.82 -10.25
CA LYS A 24 -0.30 3.37 -11.38
C LYS A 24 -1.23 3.76 -12.52
N THR A 25 -1.96 4.86 -12.34
CA THR A 25 -2.88 5.35 -13.35
C THR A 25 -2.19 6.34 -14.28
N SER A 26 -1.19 5.86 -15.01
CA SER A 26 -0.43 6.69 -15.94
C SER A 26 0.57 7.58 -15.20
N VAL A 27 0.07 8.36 -14.27
CA VAL A 27 0.91 9.26 -13.48
C VAL A 27 0.55 9.20 -12.00
N SER A 28 -0.74 9.22 -11.72
CA SER A 28 -1.24 9.17 -10.35
C SER A 28 -0.76 7.89 -9.65
N SER A 29 -0.51 7.99 -8.34
CA SER A 29 -0.05 6.85 -7.56
C SER A 29 -0.25 7.11 -6.07
N HIS A 30 -0.59 6.05 -5.33
CA HIS A 30 -0.80 6.16 -3.90
C HIS A 30 0.35 5.54 -3.13
N TYR A 31 1.15 6.38 -2.48
CA TYR A 31 2.30 5.91 -1.70
C TYR A 31 1.84 5.27 -0.40
N CYS A 32 2.11 3.97 -0.25
CA CYS A 32 1.74 3.25 0.95
C CYS A 32 2.64 3.62 2.11
N THR A 33 2.08 3.60 3.32
CA THR A 33 2.84 3.95 4.52
C THR A 33 3.29 2.69 5.25
N GLY A 34 3.29 1.55 4.55
CA GLY A 34 3.71 0.30 5.16
C GLY A 34 3.04 0.05 6.50
N ARG A 35 1.82 0.52 6.66
CA ARG A 35 1.07 0.34 7.89
C ARG A 35 -0.11 -0.61 7.70
N SER A 36 -0.71 -0.56 6.51
CA SER A 36 -1.85 -1.41 6.20
C SER A 36 -1.86 -1.80 4.73
N CYS A 37 -2.76 -2.70 4.36
CA CYS A 37 -2.86 -3.16 2.98
C CYS A 37 -3.54 -2.09 2.11
N GLU A 38 -4.43 -1.32 2.71
CA GLU A 38 -5.14 -0.26 1.99
C GLU A 38 -4.16 0.73 1.37
N CYS A 39 -4.62 1.46 0.36
CA CYS A 39 -3.78 2.45 -0.32
C CYS A 39 -4.32 3.86 -0.09
N PRO A 40 -3.89 4.51 1.00
CA PRO A 40 -4.33 5.87 1.33
C PRO A 40 -4.16 6.84 0.16
N SER A 41 -4.64 8.06 0.34
CA SER A 41 -4.55 9.07 -0.70
C SER A 41 -3.35 10.00 -0.45
N TYR A 42 -2.27 9.44 0.06
CA TYR A 42 -1.07 10.21 0.34
C TYR A 42 0.03 9.91 -0.67
N PRO A 43 -0.04 10.52 -1.86
CA PRO A 43 0.95 10.31 -2.92
C PRO A 43 2.30 10.93 -2.58
N GLY A 44 2.28 11.97 -1.76
CA GLY A 44 3.50 12.64 -1.36
C GLY A 44 3.38 14.15 -1.34
N ALA A 1 -6.37 -5.80 13.55
CA ALA A 1 -6.33 -6.74 12.40
C ALA A 1 -4.90 -7.02 11.98
N MET A 2 -4.23 -7.90 12.72
CA MET A 2 -2.85 -8.26 12.41
C MET A 2 -2.77 -9.66 11.80
N ASP A 3 -3.77 -10.00 11.00
CA ASP A 3 -3.82 -11.30 10.34
C ASP A 3 -3.00 -11.29 9.05
N CYS A 4 -3.43 -10.49 8.09
CA CYS A 4 -2.73 -10.39 6.81
C CYS A 4 -3.08 -9.07 6.11
N THR A 5 -4.36 -8.72 6.12
CA THR A 5 -4.83 -7.49 5.48
C THR A 5 -4.50 -7.50 3.99
N THR A 6 -5.52 -7.63 3.16
CA THR A 6 -5.34 -7.65 1.72
C THR A 6 -5.41 -6.24 1.14
N GLY A 7 -4.60 -5.99 0.13
CA GLY A 7 -4.58 -4.67 -0.50
C GLY A 7 -3.42 -4.51 -1.47
N PRO A 8 -3.42 -3.42 -2.25
CA PRO A 8 -2.34 -3.16 -3.23
C PRO A 8 -0.96 -3.16 -2.59
N CYS A 9 -0.91 -2.83 -1.30
CA CYS A 9 0.35 -2.79 -0.57
C CYS A 9 0.79 -4.19 -0.16
N CYS A 10 -0.18 -5.07 0.08
CA CYS A 10 0.10 -6.44 0.48
C CYS A 10 -0.02 -7.39 -0.70
N ARG A 11 0.92 -8.31 -0.83
CA ARG A 11 0.92 -9.28 -1.92
C ARG A 11 0.19 -10.55 -1.51
N GLN A 12 0.77 -11.29 -0.57
CA GLN A 12 0.18 -12.53 -0.09
C GLN A 12 -0.29 -12.40 1.35
N CYS A 13 0.35 -11.51 2.10
CA CYS A 13 -0.02 -11.29 3.50
C CYS A 13 0.78 -10.13 4.09
N LYS A 14 2.07 -10.06 3.74
CA LYS A 14 2.94 -9.00 4.24
C LYS A 14 2.71 -7.70 3.48
N LEU A 15 3.04 -6.58 4.13
CA LEU A 15 2.87 -5.27 3.51
C LEU A 15 4.19 -4.77 2.92
N LYS A 16 4.10 -4.04 1.82
CA LYS A 16 5.28 -3.51 1.16
C LYS A 16 6.06 -2.59 2.10
N PRO A 17 7.38 -2.50 1.92
CA PRO A 17 8.25 -1.65 2.75
C PRO A 17 7.76 -0.21 2.79
N ALA A 18 8.00 0.46 3.92
CA ALA A 18 7.60 1.85 4.09
C ALA A 18 8.22 2.73 3.01
N GLY A 19 7.37 3.31 2.17
CA GLY A 19 7.85 4.17 1.11
C GLY A 19 7.78 3.51 -0.25
N THR A 20 6.92 2.48 -0.37
CA THR A 20 6.76 1.77 -1.63
C THR A 20 5.36 1.97 -2.19
N THR A 21 5.29 2.29 -3.48
CA THR A 21 4.01 2.51 -4.14
C THR A 21 3.12 1.28 -4.05
N CYS A 22 1.86 1.50 -3.70
CA CYS A 22 0.91 0.40 -3.57
C CYS A 22 -0.02 0.36 -4.79
N TRP A 23 -0.29 1.52 -5.36
CA TRP A 23 -1.17 1.61 -6.53
C TRP A 23 -0.54 2.50 -7.60
N LYS A 24 -0.76 2.14 -8.86
CA LYS A 24 -0.22 2.90 -9.97
C LYS A 24 -1.28 3.13 -11.05
N THR A 25 -1.63 4.39 -11.27
CA THR A 25 -2.63 4.75 -12.27
C THR A 25 -2.06 5.74 -13.27
N SER A 26 -2.67 5.78 -14.47
CA SER A 26 -2.23 6.68 -15.51
C SER A 26 -2.33 8.13 -15.05
N VAL A 27 -3.33 8.42 -14.23
CA VAL A 27 -3.53 9.77 -13.72
C VAL A 27 -2.62 10.06 -12.53
N SER A 28 -2.35 9.02 -11.73
CA SER A 28 -1.49 9.16 -10.57
C SER A 28 -1.30 7.82 -9.87
N SER A 29 -0.36 7.77 -8.94
CA SER A 29 -0.07 6.55 -8.20
C SER A 29 -0.21 6.77 -6.70
N HIS A 30 0.07 5.73 -5.92
CA HIS A 30 -0.03 5.81 -4.46
C HIS A 30 1.32 5.52 -3.82
N TYR A 31 1.36 5.57 -2.50
CA TYR A 31 2.60 5.30 -1.76
C TYR A 31 2.31 4.70 -0.39
N CYS A 32 2.77 3.47 -0.18
CA CYS A 32 2.56 2.79 1.09
C CYS A 32 3.62 3.19 2.10
N THR A 33 3.19 3.48 3.32
CA THR A 33 4.10 3.88 4.39
C THR A 33 4.49 2.68 5.25
N GLY A 34 4.33 1.47 4.71
CA GLY A 34 4.66 0.27 5.45
C GLY A 34 4.00 0.23 6.81
N ARG A 35 2.87 0.90 6.95
CA ARG A 35 2.16 0.93 8.22
C ARG A 35 0.92 0.04 8.18
N SER A 36 0.30 -0.05 7.01
CA SER A 36 -0.89 -0.87 6.82
C SER A 36 -1.18 -1.09 5.34
N CYS A 37 -2.11 -1.99 5.06
CA CYS A 37 -2.48 -2.30 3.68
C CYS A 37 -3.28 -1.16 3.07
N GLU A 38 -4.02 -0.45 3.91
CA GLU A 38 -4.84 0.68 3.45
C GLU A 38 -3.95 1.81 2.91
N CYS A 39 -4.01 2.03 1.60
CA CYS A 39 -3.23 3.07 0.96
C CYS A 39 -3.69 4.46 1.41
N PRO A 40 -2.79 5.45 1.37
CA PRO A 40 -3.12 6.82 1.77
C PRO A 40 -4.05 7.51 0.77
N SER A 41 -4.43 8.74 1.09
CA SER A 41 -5.33 9.51 0.22
C SER A 41 -4.56 10.64 -0.46
N TYR A 42 -3.30 10.39 -0.81
CA TYR A 42 -2.48 11.38 -1.47
C TYR A 42 -1.49 10.73 -2.43
N PRO A 43 -1.12 11.42 -3.52
CA PRO A 43 -0.18 10.90 -4.51
C PRO A 43 1.12 10.40 -3.87
N GLY A 44 1.46 10.98 -2.72
CA GLY A 44 2.68 10.57 -2.04
C GLY A 44 3.02 11.51 -0.89
N ALA A 1 -3.68 -16.90 16.62
CA ALA A 1 -3.80 -15.47 16.24
C ALA A 1 -2.75 -15.09 15.18
N MET A 2 -3.17 -14.31 14.20
CA MET A 2 -2.28 -13.88 13.13
C MET A 2 -2.97 -12.87 12.22
N ASP A 3 -2.93 -11.61 12.61
CA ASP A 3 -3.55 -10.54 11.83
C ASP A 3 -2.92 -10.44 10.45
N CYS A 4 -3.74 -10.15 9.44
CA CYS A 4 -3.26 -10.04 8.07
C CYS A 4 -4.18 -9.14 7.25
N THR A 5 -3.59 -8.30 6.41
CA THR A 5 -4.36 -7.39 5.57
C THR A 5 -4.31 -7.84 4.10
N THR A 6 -5.24 -7.31 3.30
CA THR A 6 -5.31 -7.66 1.89
C THR A 6 -5.48 -6.41 1.03
N GLY A 7 -4.67 -6.30 -0.02
CA GLY A 7 -4.76 -5.15 -0.90
C GLY A 7 -3.58 -5.08 -1.86
N PRO A 8 -3.46 -3.96 -2.61
CA PRO A 8 -2.36 -3.78 -3.57
C PRO A 8 -1.04 -3.50 -2.88
N CYS A 9 -1.10 -2.91 -1.70
CA CYS A 9 0.10 -2.58 -0.94
C CYS A 9 0.63 -3.81 -0.19
N CYS A 10 -0.28 -4.70 0.18
CA CYS A 10 0.08 -5.91 0.90
C CYS A 10 -0.21 -7.16 0.07
N ARG A 11 0.82 -7.96 -0.17
CA ARG A 11 0.68 -9.18 -0.96
C ARG A 11 -0.48 -10.04 -0.43
N GLN A 12 -0.24 -10.75 0.67
CA GLN A 12 -1.27 -11.61 1.25
C GLN A 12 -1.35 -11.43 2.77
N CYS A 13 -0.61 -10.46 3.30
CA CYS A 13 -0.61 -10.20 4.73
C CYS A 13 0.28 -9.01 5.08
N LYS A 14 1.52 -9.06 4.62
CA LYS A 14 2.48 -7.98 4.88
C LYS A 14 2.33 -6.86 3.85
N LEU A 15 2.45 -5.63 4.32
CA LEU A 15 2.33 -4.46 3.45
C LEU A 15 3.69 -4.09 2.86
N LYS A 16 3.66 -3.30 1.79
CA LYS A 16 4.89 -2.87 1.13
C LYS A 16 5.65 -1.87 2.00
N PRO A 17 6.99 -1.86 1.89
CA PRO A 17 7.84 -0.96 2.67
C PRO A 17 7.42 0.50 2.54
N ALA A 18 7.63 1.27 3.60
CA ALA A 18 7.27 2.68 3.61
C ALA A 18 7.95 3.41 2.45
N GLY A 19 7.13 3.98 1.57
CA GLY A 19 7.66 4.71 0.43
C GLY A 19 7.54 3.92 -0.87
N THR A 20 6.71 2.88 -0.87
CA THR A 20 6.52 2.06 -2.05
C THR A 20 5.10 2.21 -2.59
N THR A 21 4.98 2.82 -3.77
CA THR A 21 3.68 3.04 -4.40
C THR A 21 2.91 1.72 -4.54
N CYS A 22 1.59 1.82 -4.58
CA CYS A 22 0.74 0.65 -4.71
C CYS A 22 -0.27 0.83 -5.85
N TRP A 23 -0.86 2.01 -5.92
CA TRP A 23 -1.84 2.32 -6.96
C TRP A 23 -1.19 3.07 -8.11
N LYS A 24 -1.85 3.09 -9.26
CA LYS A 24 -1.34 3.77 -10.44
C LYS A 24 -2.31 3.67 -11.60
N THR A 25 -2.57 4.79 -12.26
CA THR A 25 -3.49 4.82 -13.39
C THR A 25 -2.88 5.59 -14.57
N SER A 26 -1.72 5.14 -15.02
CA SER A 26 -1.04 5.78 -16.14
C SER A 26 -0.81 7.26 -15.90
N VAL A 27 -0.81 7.68 -14.64
CA VAL A 27 -0.60 9.08 -14.30
C VAL A 27 -0.56 9.28 -12.79
N SER A 28 -1.55 8.73 -12.10
CA SER A 28 -1.63 8.85 -10.65
C SER A 28 -0.86 7.73 -9.96
N SER A 29 -0.81 7.79 -8.63
CA SER A 29 -0.11 6.77 -7.85
C SER A 29 -0.24 7.06 -6.36
N HIS A 30 -0.34 5.99 -5.57
CA HIS A 30 -0.48 6.12 -4.12
C HIS A 30 0.73 5.55 -3.40
N TYR A 31 1.49 6.40 -2.73
CA TYR A 31 2.68 5.98 -2.00
C TYR A 31 2.31 5.38 -0.65
N CYS A 32 2.77 4.15 -0.40
CA CYS A 32 2.48 3.47 0.86
C CYS A 32 3.32 4.06 1.99
N THR A 33 2.70 4.25 3.15
CA THR A 33 3.39 4.79 4.30
C THR A 33 3.95 3.67 5.18
N GLY A 34 3.98 2.46 4.64
CA GLY A 34 4.50 1.33 5.40
C GLY A 34 3.83 1.18 6.76
N ARG A 35 2.60 1.65 6.87
CA ARG A 35 1.86 1.58 8.12
C ARG A 35 0.70 0.58 8.02
N SER A 36 0.10 0.50 6.84
CA SER A 36 -1.01 -0.41 6.62
C SER A 36 -1.12 -0.79 5.15
N CYS A 37 -2.00 -1.74 4.85
CA CYS A 37 -2.21 -2.19 3.47
C CYS A 37 -2.96 -1.16 2.66
N GLU A 38 -3.80 -0.36 3.34
CA GLU A 38 -4.58 0.66 2.67
C GLU A 38 -3.68 1.64 1.91
N CYS A 39 -4.21 2.20 0.83
CA CYS A 39 -3.45 3.15 0.02
C CYS A 39 -4.07 4.55 0.09
N PRO A 40 -3.65 5.35 1.07
CA PRO A 40 -4.17 6.72 1.24
C PRO A 40 -4.10 7.53 -0.04
N SER A 41 -4.59 8.76 0.02
CA SER A 41 -4.59 9.64 -1.15
C SER A 41 -3.37 10.56 -1.13
N TYR A 42 -2.21 9.99 -0.82
CA TYR A 42 -0.97 10.76 -0.76
C TYR A 42 -0.08 10.43 -1.96
N PRO A 43 -0.29 11.14 -3.09
CA PRO A 43 0.49 10.93 -4.32
C PRO A 43 1.93 11.42 -4.16
N GLY A 44 2.13 12.39 -3.29
CA GLY A 44 3.46 12.93 -3.07
C GLY A 44 3.46 14.15 -2.18
N ALA A 1 -4.04 -4.87 11.56
CA ALA A 1 -5.07 -5.45 12.45
C ALA A 1 -4.68 -6.85 12.91
N MET A 2 -3.37 -7.07 13.05
CA MET A 2 -2.86 -8.37 13.49
C MET A 2 -3.28 -9.47 12.52
N ASP A 3 -3.39 -9.11 11.24
CA ASP A 3 -3.78 -10.07 10.22
C ASP A 3 -2.93 -9.89 8.95
N CYS A 4 -3.22 -10.70 7.93
CA CYS A 4 -2.48 -10.63 6.67
C CYS A 4 -2.83 -9.35 5.91
N THR A 5 -4.08 -8.91 6.04
CA THR A 5 -4.53 -7.69 5.37
C THR A 5 -4.39 -7.83 3.86
N THR A 6 -5.47 -8.19 3.19
CA THR A 6 -5.46 -8.35 1.74
C THR A 6 -5.63 -7.01 1.05
N GLY A 7 -4.65 -6.64 0.22
CA GLY A 7 -4.72 -5.38 -0.50
C GLY A 7 -3.58 -5.22 -1.49
N PRO A 8 -3.48 -4.05 -2.15
CA PRO A 8 -2.42 -3.79 -3.13
C PRO A 8 -1.04 -3.66 -2.48
N CYS A 9 -1.03 -3.22 -1.23
CA CYS A 9 0.22 -3.05 -0.49
C CYS A 9 0.79 -4.39 -0.06
N CYS A 10 -0.10 -5.35 0.20
CA CYS A 10 0.32 -6.68 0.63
C CYS A 10 0.27 -7.66 -0.54
N ARG A 11 1.38 -8.35 -0.78
CA ARG A 11 1.46 -9.32 -1.86
C ARG A 11 0.66 -10.58 -1.53
N GLN A 12 1.20 -11.40 -0.64
CA GLN A 12 0.54 -12.63 -0.23
C GLN A 12 -0.01 -12.52 1.18
N CYS A 13 0.63 -11.69 1.99
CA CYS A 13 0.21 -11.49 3.38
C CYS A 13 0.94 -10.31 4.00
N LYS A 14 2.24 -10.23 3.75
CA LYS A 14 3.06 -9.15 4.29
C LYS A 14 2.89 -7.87 3.46
N LEU A 15 2.64 -6.76 4.13
CA LEU A 15 2.47 -5.47 3.46
C LEU A 15 3.77 -5.01 2.82
N LYS A 16 3.67 -4.03 1.94
CA LYS A 16 4.84 -3.50 1.25
C LYS A 16 5.58 -2.49 2.13
N PRO A 17 6.86 -2.25 1.84
CA PRO A 17 7.68 -1.30 2.61
C PRO A 17 7.15 0.12 2.55
N ALA A 18 7.30 0.85 3.65
CA ALA A 18 6.84 2.22 3.72
C ALA A 18 7.57 3.11 2.71
N GLY A 19 6.84 3.61 1.73
CA GLY A 19 7.43 4.47 0.72
C GLY A 19 7.45 3.82 -0.65
N THR A 20 6.53 2.90 -0.89
CA THR A 20 6.44 2.20 -2.16
C THR A 20 5.05 2.35 -2.77
N THR A 21 4.99 2.40 -4.10
CA THR A 21 3.72 2.53 -4.80
C THR A 21 2.84 1.31 -4.58
N CYS A 22 1.57 1.43 -4.96
CA CYS A 22 0.62 0.32 -4.80
C CYS A 22 -0.52 0.44 -5.81
N TRP A 23 -1.04 1.64 -5.97
CA TRP A 23 -2.14 1.88 -6.91
C TRP A 23 -1.61 2.07 -8.32
N LYS A 24 -0.94 3.19 -8.55
CA LYS A 24 -0.37 3.51 -9.85
C LYS A 24 -1.45 3.48 -10.93
N THR A 25 -2.14 4.60 -11.11
CA THR A 25 -3.19 4.70 -12.11
C THR A 25 -3.21 6.09 -12.74
N SER A 26 -3.05 6.13 -14.07
CA SER A 26 -3.03 7.38 -14.79
C SER A 26 -1.90 8.29 -14.31
N VAL A 27 -0.81 7.68 -13.88
CA VAL A 27 0.35 8.41 -13.39
C VAL A 27 0.04 9.07 -12.04
N SER A 28 -0.81 8.43 -11.27
CA SER A 28 -1.19 8.94 -9.95
C SER A 28 -1.41 7.80 -8.96
N SER A 29 -0.37 7.47 -8.20
CA SER A 29 -0.45 6.40 -7.22
C SER A 29 -0.73 6.96 -5.82
N HIS A 30 -0.94 6.07 -4.87
CA HIS A 30 -1.22 6.47 -3.49
C HIS A 30 -0.02 6.22 -2.59
N TYR A 31 0.81 5.25 -2.96
CA TYR A 31 2.00 4.91 -2.19
C TYR A 31 1.62 4.41 -0.80
N CYS A 32 2.39 3.47 -0.29
CA CYS A 32 2.14 2.90 1.03
C CYS A 32 3.13 3.44 2.05
N THR A 33 2.72 3.46 3.32
CA THR A 33 3.57 3.96 4.40
C THR A 33 4.01 2.82 5.31
N GLY A 34 3.95 1.59 4.81
CA GLY A 34 4.35 0.44 5.60
C GLY A 34 3.66 0.39 6.95
N ARG A 35 2.49 1.00 7.04
CA ARG A 35 1.73 1.02 8.28
C ARG A 35 0.46 0.20 8.16
N SER A 36 -0.13 0.19 6.97
CA SER A 36 -1.36 -0.56 6.72
C SER A 36 -1.39 -1.08 5.28
N CYS A 37 -2.40 -1.89 4.98
CA CYS A 37 -2.55 -2.46 3.64
C CYS A 37 -3.52 -1.63 2.80
N GLU A 38 -3.88 -0.45 3.30
CA GLU A 38 -4.80 0.43 2.58
C GLU A 38 -4.10 1.73 2.19
N CYS A 39 -3.81 1.86 0.90
CA CYS A 39 -3.15 3.05 0.37
C CYS A 39 -3.94 4.31 0.69
N PRO A 40 -3.45 5.15 1.61
CA PRO A 40 -4.12 6.40 2.00
C PRO A 40 -4.13 7.43 0.88
N SER A 41 -4.85 8.53 1.09
CA SER A 41 -4.93 9.60 0.11
C SER A 41 -3.76 10.56 0.25
N TYR A 42 -2.54 10.03 0.16
CA TYR A 42 -1.35 10.85 0.28
C TYR A 42 -0.27 10.39 -0.69
N PRO A 43 -0.29 10.92 -1.93
CA PRO A 43 0.68 10.56 -2.97
C PRO A 43 2.07 11.11 -2.66
N GLY A 44 2.99 10.92 -3.60
CA GLY A 44 4.35 11.40 -3.41
C GLY A 44 4.91 12.05 -4.66
N ALA A 1 -7.55 -12.32 14.14
CA ALA A 1 -8.61 -11.28 14.13
C ALA A 1 -8.20 -10.10 13.26
N MET A 2 -7.01 -9.56 13.52
CA MET A 2 -6.51 -8.43 12.76
C MET A 2 -5.03 -8.62 12.42
N ASP A 3 -4.76 -9.40 11.38
CA ASP A 3 -3.39 -9.65 10.96
C ASP A 3 -3.30 -9.78 9.44
N CYS A 4 -2.08 -9.69 8.91
CA CYS A 4 -1.84 -9.79 7.47
C CYS A 4 -2.47 -8.61 6.73
N THR A 5 -3.79 -8.54 6.73
CA THR A 5 -4.52 -7.48 6.06
C THR A 5 -4.26 -7.52 4.56
N THR A 6 -5.29 -7.17 3.78
CA THR A 6 -5.18 -7.18 2.33
C THR A 6 -5.07 -5.76 1.78
N GLY A 7 -4.52 -5.64 0.57
CA GLY A 7 -4.36 -4.33 -0.04
C GLY A 7 -3.25 -4.31 -1.08
N PRO A 8 -3.27 -3.32 -1.99
CA PRO A 8 -2.25 -3.21 -3.04
C PRO A 8 -0.83 -3.27 -2.47
N CYS A 9 -0.68 -2.90 -1.21
CA CYS A 9 0.63 -2.90 -0.56
C CYS A 9 1.00 -4.32 -0.11
N CYS A 10 0.00 -5.10 0.30
CA CYS A 10 0.23 -6.46 0.76
C CYS A 10 -0.27 -7.47 -0.26
N ARG A 11 0.61 -8.38 -0.68
CA ARG A 11 0.26 -9.40 -1.65
C ARG A 11 -0.62 -10.48 -1.01
N GLN A 12 0.00 -11.30 -0.16
CA GLN A 12 -0.72 -12.37 0.53
C GLN A 12 -0.80 -12.11 2.02
N CYS A 13 0.15 -11.36 2.54
CA CYS A 13 0.18 -11.03 3.96
C CYS A 13 1.29 -10.02 4.28
N LYS A 14 2.44 -10.21 3.63
CA LYS A 14 3.58 -9.33 3.84
C LYS A 14 3.22 -7.88 3.51
N LEU A 15 4.13 -6.97 3.81
CA LEU A 15 3.91 -5.55 3.54
C LEU A 15 5.07 -4.95 2.76
N LYS A 16 4.77 -4.31 1.64
CA LYS A 16 5.78 -3.70 0.80
C LYS A 16 6.59 -2.67 1.59
N PRO A 17 7.78 -2.29 1.07
CA PRO A 17 8.65 -1.31 1.73
C PRO A 17 8.04 0.10 1.75
N ALA A 18 8.32 0.84 2.81
CA ALA A 18 7.80 2.19 2.94
C ALA A 18 8.26 3.07 1.79
N GLY A 19 7.56 4.18 1.57
CA GLY A 19 7.92 5.09 0.50
C GLY A 19 7.88 4.42 -0.86
N THR A 20 7.09 3.36 -0.97
CA THR A 20 6.96 2.63 -2.23
C THR A 20 5.52 2.64 -2.73
N THR A 21 5.34 2.98 -4.00
CA THR A 21 4.01 3.03 -4.60
C THR A 21 3.32 1.68 -4.50
N CYS A 22 1.99 1.71 -4.39
CA CYS A 22 1.20 0.49 -4.29
C CYS A 22 0.16 0.42 -5.39
N TRP A 23 -0.49 1.55 -5.66
CA TRP A 23 -1.52 1.61 -6.70
C TRP A 23 -0.89 1.66 -8.09
N LYS A 24 -0.20 2.76 -8.36
CA LYS A 24 0.46 2.93 -9.66
C LYS A 24 -0.57 2.93 -10.79
N THR A 25 -1.24 4.06 -10.98
CA THR A 25 -2.24 4.18 -12.03
C THR A 25 -1.86 5.26 -13.04
N SER A 26 -2.62 5.35 -14.12
CA SER A 26 -2.34 6.34 -15.16
C SER A 26 -3.13 7.63 -14.89
N VAL A 27 -2.87 8.25 -13.74
CA VAL A 27 -3.54 9.49 -13.36
C VAL A 27 -3.04 10.00 -12.02
N SER A 28 -2.80 9.07 -11.09
CA SER A 28 -2.32 9.42 -9.76
C SER A 28 -1.84 8.20 -9.01
N SER A 29 -0.59 8.21 -8.57
CA SER A 29 -0.02 7.09 -7.84
C SER A 29 -0.07 7.35 -6.33
N HIS A 30 -0.02 6.27 -5.56
CA HIS A 30 -0.06 6.38 -4.11
C HIS A 30 1.14 5.68 -3.47
N TYR A 31 1.93 6.45 -2.73
CA TYR A 31 3.12 5.91 -2.08
C TYR A 31 2.76 5.24 -0.75
N CYS A 32 3.05 3.96 -0.64
CA CYS A 32 2.77 3.21 0.57
C CYS A 32 3.79 3.54 1.67
N THR A 33 3.30 3.70 2.90
CA THR A 33 4.18 4.01 4.03
C THR A 33 4.61 2.73 4.76
N GLY A 34 4.44 1.59 4.11
CA GLY A 34 4.82 0.33 4.72
C GLY A 34 4.27 0.16 6.12
N ARG A 35 3.15 0.82 6.39
CA ARG A 35 2.52 0.73 7.71
C ARG A 35 1.32 -0.20 7.68
N SER A 36 0.60 -0.19 6.58
CA SER A 36 -0.57 -1.04 6.42
C SER A 36 -0.92 -1.24 4.95
N CYS A 37 -1.77 -2.21 4.67
CA CYS A 37 -2.19 -2.50 3.29
C CYS A 37 -3.10 -1.41 2.76
N GLU A 38 -3.84 -0.77 3.66
CA GLU A 38 -4.77 0.29 3.28
C GLU A 38 -4.01 1.53 2.83
N CYS A 39 -3.70 1.60 1.54
CA CYS A 39 -2.96 2.74 0.99
C CYS A 39 -3.72 4.04 1.22
N PRO A 40 -3.00 5.16 1.37
CA PRO A 40 -3.61 6.48 1.60
C PRO A 40 -4.35 6.99 0.37
N SER A 41 -4.97 8.16 0.51
CA SER A 41 -5.72 8.75 -0.60
C SER A 41 -4.90 9.85 -1.27
N TYR A 42 -4.06 10.52 -0.49
CA TYR A 42 -3.22 11.60 -1.02
C TYR A 42 -1.96 11.03 -1.66
N PRO A 43 -1.43 11.71 -2.70
CA PRO A 43 -0.22 11.28 -3.40
C PRO A 43 1.03 11.44 -2.55
N GLY A 44 2.16 11.00 -3.09
CA GLY A 44 3.42 11.10 -2.37
C GLY A 44 4.58 11.46 -3.27
N ALA A 1 -9.65 -12.89 6.93
CA ALA A 1 -8.55 -12.32 7.76
C ALA A 1 -8.68 -12.76 9.21
N MET A 2 -7.65 -12.46 10.00
CA MET A 2 -7.64 -12.83 11.41
C MET A 2 -6.39 -12.29 12.10
N ASP A 3 -5.23 -12.49 11.48
CA ASP A 3 -3.98 -12.03 12.03
C ASP A 3 -2.96 -11.74 10.92
N CYS A 4 -3.46 -11.23 9.79
CA CYS A 4 -2.61 -10.91 8.66
C CYS A 4 -3.14 -9.69 7.91
N THR A 5 -2.35 -8.62 7.90
CA THR A 5 -2.75 -7.39 7.21
C THR A 5 -2.67 -7.56 5.71
N THR A 6 -3.81 -7.45 5.04
CA THR A 6 -3.88 -7.59 3.59
C THR A 6 -4.16 -6.25 2.93
N GLY A 7 -4.08 -6.22 1.60
CA GLY A 7 -4.33 -4.99 0.86
C GLY A 7 -3.44 -4.85 -0.35
N PRO A 8 -3.69 -3.84 -1.20
CA PRO A 8 -2.90 -3.61 -2.42
C PRO A 8 -1.40 -3.54 -2.12
N CYS A 9 -1.07 -3.12 -0.91
CA CYS A 9 0.33 -3.01 -0.50
C CYS A 9 0.71 -4.11 0.48
N CYS A 10 0.15 -5.30 0.27
CA CYS A 10 0.42 -6.44 1.14
C CYS A 10 0.18 -7.75 0.39
N ARG A 11 1.19 -8.60 0.38
CA ARG A 11 1.10 -9.90 -0.30
C ARG A 11 -0.04 -10.73 0.29
N GLN A 12 -0.29 -10.55 1.58
CA GLN A 12 -1.33 -11.28 2.28
C GLN A 12 -1.17 -11.13 3.79
N CYS A 13 0.08 -10.96 4.22
CA CYS A 13 0.39 -10.81 5.64
C CYS A 13 1.37 -9.66 5.86
N LYS A 14 2.42 -9.62 5.05
CA LYS A 14 3.43 -8.57 5.16
C LYS A 14 3.02 -7.33 4.36
N LEU A 15 3.75 -6.25 4.56
CA LEU A 15 3.47 -4.99 3.86
C LEU A 15 4.72 -4.45 3.19
N LYS A 16 4.54 -3.83 2.03
CA LYS A 16 5.67 -3.26 1.28
C LYS A 16 6.39 -2.21 2.11
N PRO A 17 7.69 -1.98 1.83
CA PRO A 17 8.49 -0.99 2.55
C PRO A 17 8.02 0.43 2.31
N ALA A 18 8.18 1.28 3.32
CA ALA A 18 7.76 2.67 3.22
C ALA A 18 8.46 3.37 2.05
N GLY A 19 7.67 3.78 1.05
CA GLY A 19 8.22 4.44 -0.10
C GLY A 19 8.05 3.65 -1.38
N THR A 20 7.17 2.65 -1.34
CA THR A 20 6.91 1.81 -2.51
C THR A 20 5.64 2.25 -3.22
N THR A 21 5.49 1.84 -4.47
CA THR A 21 4.32 2.18 -5.27
C THR A 21 3.31 1.04 -5.28
N CYS A 22 2.11 1.31 -4.75
CA CYS A 22 1.06 0.31 -4.71
C CYS A 22 0.02 0.54 -5.80
N TRP A 23 -0.35 1.81 -5.98
CA TRP A 23 -1.33 2.17 -7.00
C TRP A 23 -0.70 3.04 -8.08
N LYS A 24 -1.24 2.96 -9.29
CA LYS A 24 -0.73 3.74 -10.41
C LYS A 24 -1.54 3.47 -11.67
N THR A 25 -2.32 4.47 -12.10
CA THR A 25 -3.14 4.34 -13.29
C THR A 25 -3.45 5.70 -13.90
N SER A 26 -2.40 6.40 -14.31
CA SER A 26 -2.53 7.72 -14.91
C SER A 26 -3.50 8.61 -14.12
N VAL A 27 -3.57 8.37 -12.82
CA VAL A 27 -4.47 9.15 -11.96
C VAL A 27 -3.69 9.93 -10.91
N SER A 28 -2.66 9.29 -10.35
CA SER A 28 -1.83 9.92 -9.34
C SER A 28 -0.74 8.97 -8.85
N SER A 29 -1.09 7.69 -8.75
CA SER A 29 -0.16 6.67 -8.29
C SER A 29 0.25 6.91 -6.85
N HIS A 30 -0.41 6.23 -5.92
CA HIS A 30 -0.11 6.37 -4.50
C HIS A 30 1.13 5.56 -4.12
N TYR A 31 1.54 5.69 -2.88
CA TYR A 31 2.72 4.97 -2.38
C TYR A 31 2.44 4.35 -1.02
N CYS A 32 3.39 3.55 -0.54
CA CYS A 32 3.25 2.89 0.75
C CYS A 32 3.96 3.67 1.84
N THR A 33 3.26 3.90 2.95
CA THR A 33 3.82 4.64 4.08
C THR A 33 4.41 3.70 5.12
N GLY A 34 4.67 2.45 4.71
CA GLY A 34 5.24 1.48 5.63
C GLY A 34 4.48 1.40 6.94
N ARG A 35 3.20 1.75 6.91
CA ARG A 35 2.37 1.72 8.10
C ARG A 35 1.19 0.76 7.94
N SER A 36 0.60 0.77 6.75
CA SER A 36 -0.53 -0.11 6.45
C SER A 36 -0.56 -0.49 4.98
N CYS A 37 -1.39 -1.46 4.63
CA CYS A 37 -1.51 -1.93 3.26
C CYS A 37 -2.28 -0.92 2.41
N GLU A 38 -3.18 -0.18 3.04
CA GLU A 38 -3.98 0.81 2.34
C GLU A 38 -3.09 1.92 1.77
N CYS A 39 -3.46 2.41 0.59
CA CYS A 39 -2.69 3.48 -0.05
C CYS A 39 -3.29 4.84 0.26
N PRO A 40 -2.46 5.89 0.32
CA PRO A 40 -2.90 7.26 0.61
C PRO A 40 -3.69 7.86 -0.54
N SER A 41 -4.60 8.76 -0.22
CA SER A 41 -5.43 9.42 -1.23
C SER A 41 -4.56 10.26 -2.17
N TYR A 42 -3.47 10.79 -1.64
CA TYR A 42 -2.55 11.61 -2.43
C TYR A 42 -1.28 10.85 -2.75
N PRO A 43 -0.59 11.24 -3.84
CA PRO A 43 0.66 10.58 -4.25
C PRO A 43 1.81 10.86 -3.29
N GLY A 44 1.74 12.01 -2.61
CA GLY A 44 2.78 12.38 -1.66
C GLY A 44 3.18 13.83 -1.79
N ALA A 1 -7.51 -16.22 13.84
CA ALA A 1 -7.13 -14.79 13.73
C ALA A 1 -5.65 -14.63 13.43
N MET A 2 -5.30 -13.55 12.73
CA MET A 2 -3.91 -13.29 12.37
C MET A 2 -3.67 -11.78 12.21
N ASP A 3 -2.40 -11.40 12.19
CA ASP A 3 -2.03 -10.00 12.04
C ASP A 3 -1.67 -9.68 10.59
N CYS A 4 -2.35 -10.33 9.66
CA CYS A 4 -2.10 -10.12 8.25
C CYS A 4 -3.24 -9.33 7.60
N THR A 5 -2.91 -8.16 7.05
CA THR A 5 -3.90 -7.31 6.40
C THR A 5 -3.89 -7.51 4.90
N THR A 6 -5.04 -7.32 4.26
CA THR A 6 -5.16 -7.47 2.82
C THR A 6 -5.21 -6.11 2.13
N GLY A 7 -4.75 -6.07 0.88
CA GLY A 7 -4.76 -4.82 0.14
C GLY A 7 -3.62 -4.74 -0.87
N PRO A 8 -3.67 -3.78 -1.80
CA PRO A 8 -2.64 -3.61 -2.83
C PRO A 8 -1.25 -3.43 -2.22
N CYS A 9 -1.20 -3.02 -0.96
CA CYS A 9 0.07 -2.81 -0.26
C CYS A 9 0.45 -4.02 0.57
N CYS A 10 0.13 -5.21 0.06
CA CYS A 10 0.44 -6.46 0.75
C CYS A 10 0.00 -7.67 -0.07
N ARG A 11 0.95 -8.55 -0.36
CA ARG A 11 0.68 -9.75 -1.14
C ARG A 11 -0.39 -10.61 -0.45
N GLN A 12 0.03 -11.38 0.54
CA GLN A 12 -0.88 -12.25 1.27
C GLN A 12 -0.63 -12.20 2.78
N CYS A 13 0.24 -11.28 3.21
CA CYS A 13 0.56 -11.13 4.62
C CYS A 13 1.54 -9.99 4.84
N LYS A 14 2.61 -9.98 4.04
CA LYS A 14 3.63 -8.95 4.15
C LYS A 14 3.11 -7.61 3.61
N LEU A 15 3.72 -6.52 4.05
CA LEU A 15 3.33 -5.19 3.60
C LEU A 15 4.49 -4.48 2.93
N LYS A 16 4.20 -3.83 1.80
CA LYS A 16 5.23 -3.11 1.05
C LYS A 16 5.92 -2.06 1.92
N PRO A 17 7.20 -1.79 1.65
CA PRO A 17 7.97 -0.80 2.43
C PRO A 17 7.27 0.55 2.51
N ALA A 18 7.40 1.21 3.66
CA ALA A 18 6.79 2.51 3.86
C ALA A 18 7.33 3.55 2.88
N GLY A 19 6.50 3.91 1.91
CA GLY A 19 6.92 4.89 0.91
C GLY A 19 7.03 4.29 -0.48
N THR A 20 6.26 3.24 -0.74
CA THR A 20 6.28 2.58 -2.03
C THR A 20 4.99 2.84 -2.80
N THR A 21 5.09 2.84 -4.13
CA THR A 21 3.92 3.08 -4.98
C THR A 21 3.09 1.81 -5.13
N CYS A 22 1.77 1.96 -5.05
CA CYS A 22 0.87 0.83 -5.18
C CYS A 22 -0.20 1.10 -6.24
N TRP A 23 -0.77 2.30 -6.20
CA TRP A 23 -1.80 2.68 -7.17
C TRP A 23 -1.19 3.44 -8.34
N LYS A 24 -1.79 3.27 -9.51
CA LYS A 24 -1.31 3.94 -10.72
C LYS A 24 -2.32 3.79 -11.86
N THR A 25 -3.22 4.77 -11.97
CA THR A 25 -4.23 4.76 -13.02
C THR A 25 -3.79 5.59 -14.22
N SER A 26 -2.85 5.05 -14.99
CA SER A 26 -2.32 5.74 -16.17
C SER A 26 -1.33 6.82 -15.78
N VAL A 27 -1.77 7.75 -14.94
CA VAL A 27 -0.91 8.84 -14.49
C VAL A 27 -1.01 9.02 -12.97
N SER A 28 -2.23 8.99 -12.47
CA SER A 28 -2.47 9.15 -11.03
C SER A 28 -1.96 7.93 -10.26
N SER A 29 -0.96 8.15 -9.41
CA SER A 29 -0.39 7.07 -8.62
C SER A 29 -0.33 7.46 -7.14
N HIS A 30 -0.56 6.48 -6.27
CA HIS A 30 -0.53 6.73 -4.83
C HIS A 30 0.70 6.09 -4.20
N TYR A 31 0.83 6.24 -2.88
CA TYR A 31 1.96 5.69 -2.15
C TYR A 31 1.52 5.09 -0.83
N CYS A 32 2.44 4.41 -0.15
CA CYS A 32 2.14 3.79 1.14
C CYS A 32 3.00 4.40 2.24
N THR A 33 2.48 4.38 3.47
CA THR A 33 3.20 4.93 4.61
C THR A 33 3.63 3.82 5.57
N GLY A 34 3.69 2.59 5.06
CA GLY A 34 4.09 1.46 5.89
C GLY A 34 3.30 1.38 7.19
N ARG A 35 2.04 1.81 7.13
CA ARG A 35 1.19 1.78 8.32
C ARG A 35 0.06 0.77 8.15
N SER A 36 -0.45 0.65 6.93
CA SER A 36 -1.54 -0.27 6.65
C SER A 36 -1.50 -0.73 5.19
N CYS A 37 -2.35 -1.69 4.86
CA CYS A 37 -2.41 -2.22 3.49
C CYS A 37 -3.05 -1.21 2.54
N GLU A 38 -3.94 -0.38 3.07
CA GLU A 38 -4.62 0.63 2.27
C GLU A 38 -3.61 1.58 1.62
N CYS A 39 -4.04 2.23 0.55
CA CYS A 39 -3.17 3.18 -0.17
C CYS A 39 -3.71 4.60 -0.05
N PRO A 40 -3.32 5.32 1.01
CA PRO A 40 -3.75 6.70 1.25
C PRO A 40 -3.51 7.59 0.03
N SER A 41 -4.01 8.83 0.09
CA SER A 41 -3.85 9.77 -1.01
C SER A 41 -2.70 10.72 -0.73
N TYR A 42 -1.61 10.18 -0.17
CA TYR A 42 -0.44 10.98 0.13
C TYR A 42 0.70 10.69 -0.84
N PRO A 43 0.67 11.31 -2.03
CA PRO A 43 1.70 11.11 -3.05
C PRO A 43 3.03 11.74 -2.66
N GLY A 44 3.95 11.82 -3.62
CA GLY A 44 5.25 12.39 -3.36
C GLY A 44 6.34 11.34 -3.25
N ALA A 1 3.15 -13.72 12.97
CA ALA A 1 2.30 -13.65 11.75
C ALA A 1 0.83 -13.77 12.10
N MET A 2 0.24 -12.66 12.56
CA MET A 2 -1.17 -12.65 12.93
C MET A 2 -1.86 -11.41 12.37
N ASP A 3 -3.17 -11.31 12.59
CA ASP A 3 -3.95 -10.18 12.11
C ASP A 3 -3.98 -10.14 10.58
N CYS A 4 -2.89 -9.65 10.00
CA CYS A 4 -2.78 -9.55 8.54
C CYS A 4 -3.88 -8.66 7.98
N THR A 5 -3.63 -8.11 6.79
CA THR A 5 -4.60 -7.23 6.13
C THR A 5 -4.53 -7.38 4.62
N THR A 6 -5.65 -7.14 3.95
CA THR A 6 -5.70 -7.26 2.49
C THR A 6 -5.74 -5.87 1.85
N GLY A 7 -5.32 -5.81 0.59
CA GLY A 7 -5.29 -4.55 -0.13
C GLY A 7 -4.13 -4.44 -1.09
N PRO A 8 -4.15 -3.44 -1.99
CA PRO A 8 -3.08 -3.24 -2.98
C PRO A 8 -1.71 -3.10 -2.33
N CYS A 9 -1.70 -2.66 -1.07
CA CYS A 9 -0.45 -2.49 -0.33
C CYS A 9 -0.13 -3.72 0.52
N CYS A 10 -0.35 -4.90 -0.06
CA CYS A 10 -0.08 -6.16 0.64
C CYS A 10 -0.45 -7.35 -0.23
N ARG A 11 0.39 -8.38 -0.20
CA ARG A 11 0.14 -9.59 -0.99
C ARG A 11 -0.96 -10.42 -0.37
N GLN A 12 -0.62 -11.19 0.66
CA GLN A 12 -1.59 -12.04 1.34
C GLN A 12 -1.48 -11.93 2.86
N CYS A 13 -0.65 -11.00 3.33
CA CYS A 13 -0.45 -10.80 4.76
C CYS A 13 0.55 -9.67 5.02
N LYS A 14 1.63 -9.65 4.24
CA LYS A 14 2.65 -8.62 4.38
C LYS A 14 2.35 -7.43 3.49
N LEU A 15 2.55 -6.22 4.03
CA LEU A 15 2.30 -5.00 3.28
C LEU A 15 3.59 -4.44 2.67
N LYS A 16 3.46 -3.73 1.56
CA LYS A 16 4.61 -3.15 0.89
C LYS A 16 5.38 -2.20 1.81
N PRO A 17 6.69 -2.06 1.59
CA PRO A 17 7.54 -1.17 2.41
C PRO A 17 7.01 0.26 2.45
N ALA A 18 7.27 0.93 3.57
CA ALA A 18 6.82 2.30 3.75
C ALA A 18 7.37 3.20 2.63
N GLY A 19 6.46 3.81 1.88
CA GLY A 19 6.87 4.69 0.79
C GLY A 19 6.82 3.99 -0.56
N THR A 20 6.03 2.93 -0.65
CA THR A 20 5.91 2.18 -1.90
C THR A 20 4.52 2.39 -2.52
N THR A 21 4.50 2.77 -3.79
CA THR A 21 3.24 2.99 -4.49
C THR A 21 2.38 1.73 -4.49
N CYS A 22 1.10 1.89 -4.83
CA CYS A 22 0.18 0.77 -4.87
C CYS A 22 -1.01 1.06 -5.79
N TRP A 23 -0.76 1.87 -6.82
CA TRP A 23 -1.80 2.23 -7.77
C TRP A 23 -1.22 2.36 -9.17
N LYS A 24 -0.39 3.37 -9.38
CA LYS A 24 0.23 3.60 -10.67
C LYS A 24 -0.82 3.78 -11.76
N THR A 25 -1.46 4.94 -11.78
CA THR A 25 -2.48 5.23 -12.78
C THR A 25 -1.89 5.95 -13.99
N SER A 26 -1.10 5.23 -14.78
CA SER A 26 -0.46 5.78 -15.96
C SER A 26 0.76 6.61 -15.59
N VAL A 27 0.56 7.61 -14.75
CA VAL A 27 1.63 8.47 -14.29
C VAL A 27 1.61 8.67 -12.78
N SER A 28 0.41 8.91 -12.26
CA SER A 28 0.23 9.11 -10.82
C SER A 28 0.33 7.80 -10.07
N SER A 29 0.26 7.87 -8.74
CA SER A 29 0.33 6.69 -7.90
C SER A 29 0.17 7.06 -6.42
N HIS A 30 -0.22 6.08 -5.62
CA HIS A 30 -0.42 6.30 -4.19
C HIS A 30 0.68 5.63 -3.38
N TYR A 31 1.61 6.44 -2.87
CA TYR A 31 2.72 5.92 -2.07
C TYR A 31 2.22 5.43 -0.71
N CYS A 32 2.37 4.13 -0.47
CA CYS A 32 1.94 3.53 0.79
C CYS A 32 2.82 4.01 1.94
N THR A 33 2.29 3.94 3.15
CA THR A 33 3.03 4.37 4.34
C THR A 33 3.53 3.17 5.13
N GLY A 34 3.57 2.00 4.49
CA GLY A 34 4.04 0.80 5.16
C GLY A 34 3.35 0.55 6.49
N ARG A 35 2.13 1.06 6.61
CA ARG A 35 1.36 0.89 7.84
C ARG A 35 0.15 -0.01 7.62
N SER A 36 -0.82 0.50 6.85
CA SER A 36 -2.02 -0.26 6.55
C SER A 36 -2.08 -0.62 5.07
N CYS A 37 -2.95 -1.57 4.74
CA CYS A 37 -3.10 -2.02 3.36
C CYS A 37 -3.80 -0.94 2.52
N GLU A 38 -4.64 -0.15 3.16
CA GLU A 38 -5.36 0.92 2.47
C GLU A 38 -4.41 2.01 2.00
N CYS A 39 -4.37 2.24 0.69
CA CYS A 39 -3.51 3.27 0.12
C CYS A 39 -4.02 4.67 0.45
N PRO A 40 -3.10 5.63 0.62
CA PRO A 40 -3.47 7.02 0.94
C PRO A 40 -4.09 7.74 -0.25
N SER A 41 -5.23 8.39 -0.01
CA SER A 41 -5.92 9.13 -1.05
C SER A 41 -5.04 10.22 -1.64
N TYR A 42 -4.16 10.77 -0.81
CA TYR A 42 -3.26 11.82 -1.25
C TYR A 42 -1.92 11.24 -1.70
N PRO A 43 -1.22 11.92 -2.63
CA PRO A 43 0.08 11.46 -3.13
C PRO A 43 1.18 11.59 -2.10
N GLY A 44 1.93 10.51 -1.90
CA GLY A 44 3.01 10.53 -0.93
C GLY A 44 2.60 9.92 0.40
N ALA A 1 -2.80 -8.50 17.50
CA ALA A 1 -2.18 -7.63 16.48
C ALA A 1 -1.32 -8.45 15.52
N MET A 2 -1.96 -9.11 14.57
CA MET A 2 -1.26 -9.93 13.59
C MET A 2 -2.12 -10.18 12.36
N ASP A 3 -2.97 -9.21 12.04
CA ASP A 3 -3.85 -9.33 10.89
C ASP A 3 -3.06 -9.34 9.59
N CYS A 4 -3.73 -9.67 8.48
CA CYS A 4 -3.08 -9.72 7.17
C CYS A 4 -3.51 -8.53 6.32
N THR A 5 -4.73 -8.05 6.54
CA THR A 5 -5.28 -6.93 5.79
C THR A 5 -4.95 -7.02 4.30
N THR A 6 -5.63 -7.92 3.61
CA THR A 6 -5.40 -8.13 2.18
C THR A 6 -5.81 -6.88 1.39
N GLY A 7 -4.94 -6.44 0.50
CA GLY A 7 -5.21 -5.27 -0.30
C GLY A 7 -4.17 -5.03 -1.38
N PRO A 8 -4.33 -3.98 -2.19
CA PRO A 8 -3.38 -3.66 -3.27
C PRO A 8 -1.94 -3.58 -2.77
N CYS A 9 -1.77 -3.00 -1.58
CA CYS A 9 -0.45 -2.86 -0.99
C CYS A 9 -0.17 -4.00 -0.01
N CYS A 10 -0.57 -5.21 -0.39
CA CYS A 10 -0.37 -6.38 0.46
C CYS A 10 0.02 -7.60 -0.38
N ARG A 11 1.07 -8.28 0.04
CA ARG A 11 1.55 -9.47 -0.68
C ARG A 11 0.79 -10.72 -0.21
N GLN A 12 -0.53 -10.68 -0.32
CA GLN A 12 -1.38 -11.80 0.08
C GLN A 12 -1.48 -11.90 1.60
N CYS A 13 -0.88 -10.95 2.31
CA CYS A 13 -0.91 -10.93 3.78
C CYS A 13 0.03 -9.88 4.34
N LYS A 14 1.28 -9.90 3.88
CA LYS A 14 2.28 -8.94 4.33
C LYS A 14 2.09 -7.59 3.65
N LEU A 15 2.60 -6.54 4.29
CA LEU A 15 2.48 -5.19 3.75
C LEU A 15 3.74 -4.79 2.99
N LYS A 16 3.56 -4.12 1.85
CA LYS A 16 4.69 -3.69 1.04
C LYS A 16 5.56 -2.70 1.81
N PRO A 17 6.83 -2.53 1.39
CA PRO A 17 7.76 -1.61 2.05
C PRO A 17 7.32 -0.16 1.94
N ALA A 18 7.58 0.61 3.00
CA ALA A 18 7.20 2.02 3.02
C ALA A 18 7.85 2.79 1.87
N GLY A 19 7.31 3.96 1.58
CA GLY A 19 7.85 4.76 0.49
C GLY A 19 7.81 4.05 -0.84
N THR A 20 6.91 3.08 -0.98
CA THR A 20 6.77 2.32 -2.20
C THR A 20 5.40 2.54 -2.83
N THR A 21 5.38 2.68 -4.17
CA THR A 21 4.13 2.90 -4.89
C THR A 21 3.34 1.60 -4.99
N CYS A 22 2.01 1.72 -4.95
CA CYS A 22 1.13 0.56 -5.04
C CYS A 22 0.20 0.68 -6.24
N TRP A 23 -0.32 1.88 -6.47
CA TRP A 23 -1.22 2.12 -7.59
C TRP A 23 -0.45 2.30 -8.88
N LYS A 24 0.30 3.38 -8.98
CA LYS A 24 1.09 3.68 -10.17
C LYS A 24 0.20 3.76 -11.40
N THR A 25 -0.34 4.95 -11.66
CA THR A 25 -1.21 5.16 -12.81
C THR A 25 -0.70 6.32 -13.67
N SER A 26 -1.32 6.50 -14.82
CA SER A 26 -0.92 7.57 -15.73
C SER A 26 -1.71 8.86 -15.44
N VAL A 27 -1.69 9.27 -14.18
CA VAL A 27 -2.39 10.48 -13.77
C VAL A 27 -2.16 10.76 -12.28
N SER A 28 -2.14 9.70 -11.48
CA SER A 28 -1.94 9.85 -10.04
C SER A 28 -1.64 8.49 -9.41
N SER A 29 -0.63 8.45 -8.55
CA SER A 29 -0.24 7.22 -7.87
C SER A 29 -0.11 7.44 -6.37
N HIS A 30 -0.14 6.35 -5.61
CA HIS A 30 -0.03 6.42 -4.16
C HIS A 30 1.10 5.54 -3.66
N TYR A 31 1.58 5.83 -2.45
CA TYR A 31 2.67 5.07 -1.86
C TYR A 31 2.24 4.43 -0.54
N CYS A 32 2.99 3.43 -0.10
CA CYS A 32 2.68 2.73 1.14
C CYS A 32 3.41 3.37 2.32
N THR A 33 2.89 3.18 3.53
CA THR A 33 3.50 3.74 4.72
C THR A 33 4.16 2.64 5.57
N GLY A 34 4.36 1.47 4.97
CA GLY A 34 4.99 0.37 5.68
C GLY A 34 4.31 0.08 7.01
N ARG A 35 2.99 -0.03 6.99
CA ARG A 35 2.22 -0.32 8.20
C ARG A 35 0.87 -0.92 7.85
N SER A 36 0.19 -0.32 6.88
CA SER A 36 -1.12 -0.80 6.44
C SER A 36 -1.05 -1.40 5.05
N CYS A 37 -2.15 -2.02 4.61
CA CYS A 37 -2.20 -2.64 3.29
C CYS A 37 -3.31 -2.01 2.45
N GLU A 38 -3.61 -0.74 2.73
CA GLU A 38 -4.65 -0.03 2.00
C GLU A 38 -4.11 1.29 1.43
N CYS A 39 -3.98 1.35 0.12
CA CYS A 39 -3.49 2.56 -0.54
C CYS A 39 -4.35 3.77 -0.19
N PRO A 40 -3.80 4.71 0.61
CA PRO A 40 -4.54 5.92 1.00
C PRO A 40 -5.13 6.65 -0.19
N SER A 41 -5.85 7.73 0.08
CA SER A 41 -6.47 8.53 -0.97
C SER A 41 -5.63 9.77 -1.28
N TYR A 42 -4.32 9.64 -1.14
CA TYR A 42 -3.41 10.75 -1.40
C TYR A 42 -1.98 10.24 -1.60
N PRO A 43 -1.20 10.94 -2.44
CA PRO A 43 0.19 10.56 -2.73
C PRO A 43 1.11 10.78 -1.53
N GLY A 44 2.39 10.49 -1.72
CA GLY A 44 3.36 10.67 -0.65
C GLY A 44 4.70 10.03 -0.96
N ALA A 1 -2.38 -7.88 15.00
CA ALA A 1 -1.20 -8.77 15.20
C ALA A 1 -1.15 -9.86 14.14
N MET A 2 -2.10 -10.78 14.21
CA MET A 2 -2.16 -11.89 13.26
C MET A 2 -3.27 -11.66 12.25
N ASP A 3 -3.50 -10.40 11.89
CA ASP A 3 -4.54 -10.05 10.92
C ASP A 3 -3.92 -9.67 9.58
N CYS A 4 -3.93 -10.60 8.64
CA CYS A 4 -3.39 -10.36 7.31
C CYS A 4 -4.36 -9.58 6.45
N THR A 5 -4.01 -8.34 6.13
CA THR A 5 -4.86 -7.49 5.32
C THR A 5 -4.50 -7.62 3.84
N THR A 6 -5.51 -7.68 2.99
CA THR A 6 -5.29 -7.80 1.55
C THR A 6 -5.33 -6.44 0.87
N GLY A 7 -4.71 -6.34 -0.29
CA GLY A 7 -4.68 -5.08 -1.01
C GLY A 7 -3.48 -4.97 -1.95
N PRO A 8 -3.31 -3.81 -2.61
CA PRO A 8 -2.20 -3.59 -3.53
C PRO A 8 -0.85 -3.45 -2.81
N CYS A 9 -0.91 -3.01 -1.56
CA CYS A 9 0.30 -2.83 -0.75
C CYS A 9 0.55 -4.05 0.13
N CYS A 10 0.34 -5.24 -0.43
CA CYS A 10 0.54 -6.47 0.31
C CYS A 10 0.30 -7.69 -0.59
N ARG A 11 1.22 -8.64 -0.56
CA ARG A 11 1.10 -9.84 -1.37
C ARG A 11 -0.06 -10.71 -0.88
N GLN A 12 0.17 -11.47 0.17
CA GLN A 12 -0.86 -12.35 0.73
C GLN A 12 -0.89 -12.28 2.25
N CYS A 13 -0.12 -11.36 2.83
CA CYS A 13 -0.08 -11.21 4.29
C CYS A 13 0.79 -10.01 4.67
N LYS A 14 1.96 -9.92 4.07
CA LYS A 14 2.89 -8.82 4.36
C LYS A 14 2.58 -7.61 3.50
N LEU A 15 3.06 -6.45 3.92
CA LEU A 15 2.83 -5.21 3.18
C LEU A 15 4.15 -4.63 2.68
N LYS A 16 4.10 -3.92 1.56
CA LYS A 16 5.28 -3.31 0.97
C LYS A 16 5.95 -2.36 1.95
N PRO A 17 7.24 -2.06 1.76
CA PRO A 17 8.00 -1.16 2.63
C PRO A 17 7.30 0.18 2.82
N ALA A 18 7.39 0.72 4.03
CA ALA A 18 6.76 2.00 4.34
C ALA A 18 7.32 3.12 3.45
N GLY A 19 6.43 3.69 2.64
CA GLY A 19 6.85 4.76 1.73
C GLY A 19 7.08 4.27 0.33
N THR A 20 6.39 3.21 -0.05
CA THR A 20 6.52 2.65 -1.39
C THR A 20 5.27 2.89 -2.22
N THR A 21 5.38 2.70 -3.53
CA THR A 21 4.25 2.90 -4.43
C THR A 21 3.39 1.65 -4.51
N CYS A 22 2.10 1.84 -4.76
CA CYS A 22 1.17 0.72 -4.87
C CYS A 22 0.12 0.99 -5.94
N TRP A 23 -0.46 2.18 -5.91
CA TRP A 23 -1.48 2.55 -6.88
C TRP A 23 -0.86 2.88 -8.24
N LYS A 24 -1.68 2.89 -9.28
CA LYS A 24 -1.21 3.17 -10.63
C LYS A 24 -2.37 3.19 -11.62
N THR A 25 -2.86 4.39 -11.92
CA THR A 25 -3.98 4.54 -12.86
C THR A 25 -4.05 5.97 -13.37
N SER A 26 -4.32 6.11 -14.67
CA SER A 26 -4.42 7.43 -15.29
C SER A 26 -3.12 8.20 -15.14
N VAL A 27 -2.00 7.49 -15.08
CA VAL A 27 -0.69 8.10 -14.94
C VAL A 27 -0.51 8.70 -13.55
N SER A 28 -1.17 8.09 -12.56
CA SER A 28 -1.09 8.54 -11.18
C SER A 28 -0.95 7.37 -10.22
N SER A 29 -0.21 7.58 -9.14
CA SER A 29 0.01 6.54 -8.14
C SER A 29 0.04 7.13 -6.74
N HIS A 30 0.08 6.26 -5.74
CA HIS A 30 0.11 6.70 -4.34
C HIS A 30 1.26 6.03 -3.59
N TYR A 31 1.47 6.45 -2.35
CA TYR A 31 2.53 5.89 -1.52
C TYR A 31 1.98 5.38 -0.19
N CYS A 32 2.53 4.26 0.27
CA CYS A 32 2.09 3.66 1.53
C CYS A 32 2.94 4.18 2.70
N THR A 33 2.45 3.93 3.91
CA THR A 33 3.17 4.37 5.11
C THR A 33 3.55 3.18 5.99
N GLY A 34 3.69 2.02 5.37
CA GLY A 34 4.04 0.82 6.11
C GLY A 34 3.08 0.52 7.24
N ARG A 35 1.81 0.87 7.04
CA ARG A 35 0.79 0.64 8.06
C ARG A 35 -0.21 -0.41 7.59
N SER A 36 -0.99 -0.06 6.59
CA SER A 36 -1.99 -0.97 6.03
C SER A 36 -1.90 -1.03 4.51
N CYS A 37 -2.67 -1.94 3.91
CA CYS A 37 -2.69 -2.09 2.47
C CYS A 37 -3.40 -0.93 1.80
N GLU A 38 -4.38 -0.36 2.50
CA GLU A 38 -5.15 0.76 1.97
C GLU A 38 -4.24 1.95 1.67
N CYS A 39 -3.84 2.08 0.41
CA CYS A 39 -2.96 3.16 0.00
C CYS A 39 -3.59 4.53 0.31
N PRO A 40 -3.04 5.26 1.29
CA PRO A 40 -3.57 6.58 1.67
C PRO A 40 -3.71 7.51 0.48
N SER A 41 -4.24 8.72 0.73
CA SER A 41 -4.44 9.70 -0.33
C SER A 41 -3.30 10.72 -0.33
N TYR A 42 -2.09 10.26 -0.03
CA TYR A 42 -0.92 11.13 0.01
C TYR A 42 0.09 10.73 -1.07
N PRO A 43 -0.13 11.20 -2.31
CA PRO A 43 0.77 10.89 -3.44
C PRO A 43 2.22 11.20 -3.12
N GLY A 44 2.96 10.19 -2.68
CA GLY A 44 4.36 10.37 -2.34
C GLY A 44 4.56 11.41 -1.25
N ALA A 1 -1.49 -7.30 16.21
CA ALA A 1 -1.14 -8.49 15.40
C ALA A 1 -2.15 -9.61 15.61
N MET A 2 -2.88 -9.93 14.55
CA MET A 2 -3.88 -10.99 14.62
C MET A 2 -4.52 -11.23 13.25
N ASP A 3 -4.79 -10.14 12.54
CA ASP A 3 -5.39 -10.23 11.21
C ASP A 3 -4.33 -10.32 10.12
N CYS A 4 -4.72 -10.79 8.95
CA CYS A 4 -3.80 -10.92 7.83
C CYS A 4 -3.83 -9.68 6.94
N THR A 5 -2.66 -9.23 6.51
CA THR A 5 -2.56 -8.06 5.65
C THR A 5 -2.56 -8.47 4.18
N THR A 6 -3.62 -8.10 3.47
CA THR A 6 -3.74 -8.43 2.05
C THR A 6 -4.42 -7.29 1.29
N GLY A 7 -4.18 -7.23 -0.01
CA GLY A 7 -4.78 -6.19 -0.82
C GLY A 7 -3.85 -5.69 -1.91
N PRO A 8 -4.03 -4.45 -2.39
CA PRO A 8 -3.18 -3.87 -3.44
C PRO A 8 -1.77 -3.58 -2.95
N CYS A 9 -1.64 -3.34 -1.64
CA CYS A 9 -0.34 -3.04 -1.04
C CYS A 9 0.06 -4.11 -0.03
N CYS A 10 -0.41 -5.34 -0.26
CA CYS A 10 -0.10 -6.45 0.64
C CYS A 10 -0.15 -7.77 -0.10
N ARG A 11 0.54 -8.78 0.44
CA ARG A 11 0.57 -10.10 -0.17
C ARG A 11 0.19 -11.17 0.84
N GLN A 12 -1.06 -11.64 0.75
CA GLN A 12 -1.56 -12.67 1.66
C GLN A 12 -1.64 -12.14 3.09
N CYS A 13 -0.49 -12.05 3.74
CA CYS A 13 -0.42 -11.56 5.12
C CYS A 13 0.88 -10.80 5.36
N LYS A 14 1.38 -10.16 4.31
CA LYS A 14 2.63 -9.39 4.41
C LYS A 14 2.53 -8.10 3.61
N LEU A 15 2.55 -6.97 4.31
CA LEU A 15 2.47 -5.66 3.67
C LEU A 15 3.82 -5.25 3.08
N LYS A 16 3.78 -4.45 2.02
CA LYS A 16 5.00 -3.99 1.36
C LYS A 16 5.80 -3.07 2.29
N PRO A 17 7.09 -2.86 1.98
CA PRO A 17 7.97 -2.00 2.79
C PRO A 17 7.53 -0.55 2.77
N ALA A 18 7.72 0.14 3.90
CA ALA A 18 7.34 1.54 4.02
C ALA A 18 8.09 2.39 3.01
N GLY A 19 7.35 2.96 2.05
CA GLY A 19 7.96 3.80 1.04
C GLY A 19 7.87 3.18 -0.35
N THR A 20 6.91 2.29 -0.54
CA THR A 20 6.72 1.63 -1.83
C THR A 20 5.64 2.33 -2.64
N THR A 21 5.60 2.03 -3.94
CA THR A 21 4.61 2.63 -4.83
C THR A 21 3.57 1.61 -5.25
N CYS A 22 2.36 1.75 -4.72
CA CYS A 22 1.27 0.83 -5.05
C CYS A 22 0.43 1.38 -6.20
N TRP A 23 0.24 2.70 -6.22
CA TRP A 23 -0.53 3.35 -7.26
C TRP A 23 0.34 4.28 -8.10
N LYS A 24 0.37 4.04 -9.41
CA LYS A 24 1.17 4.85 -10.32
C LYS A 24 0.45 5.02 -11.65
N THR A 25 -0.87 5.05 -11.62
CA THR A 25 -1.68 5.21 -12.82
C THR A 25 -1.44 6.58 -13.44
N SER A 26 -1.96 6.77 -14.66
CA SER A 26 -1.80 8.04 -15.36
C SER A 26 -2.60 9.14 -14.68
N VAL A 27 -3.66 8.76 -13.98
CA VAL A 27 -4.50 9.73 -13.28
C VAL A 27 -3.79 10.29 -12.04
N SER A 28 -2.99 9.44 -11.40
CA SER A 28 -2.26 9.83 -10.21
C SER A 28 -1.38 8.69 -9.70
N SER A 29 -0.84 8.86 -8.50
CA SER A 29 0.02 7.85 -7.91
C SER A 29 0.10 8.01 -6.39
N HIS A 30 0.26 6.91 -5.68
CA HIS A 30 0.35 6.94 -4.22
C HIS A 30 1.44 6.00 -3.72
N TYR A 31 1.74 6.09 -2.42
CA TYR A 31 2.75 5.24 -1.81
C TYR A 31 2.24 4.60 -0.54
N CYS A 32 3.02 3.68 0.02
CA CYS A 32 2.65 3.00 1.25
C CYS A 32 3.59 3.34 2.39
N THR A 33 3.09 3.29 3.62
CA THR A 33 3.90 3.61 4.79
C THR A 33 4.28 2.34 5.55
N GLY A 34 4.22 1.20 4.87
CA GLY A 34 4.55 -0.06 5.50
C GLY A 34 3.75 -0.32 6.76
N ARG A 35 2.49 0.11 6.75
CA ARG A 35 1.62 -0.08 7.90
C ARG A 35 0.15 -0.06 7.49
N SER A 36 -0.13 -0.63 6.32
CA SER A 36 -1.49 -0.68 5.80
C SER A 36 -1.55 -1.47 4.50
N CYS A 37 -2.77 -1.82 4.09
CA CYS A 37 -2.97 -2.58 2.85
C CYS A 37 -3.81 -1.78 1.86
N GLU A 38 -3.75 -0.46 1.96
CA GLU A 38 -4.51 0.41 1.07
C GLU A 38 -3.77 1.71 0.82
N CYS A 39 -3.68 2.10 -0.46
CA CYS A 39 -2.99 3.33 -0.84
C CYS A 39 -3.70 4.56 -0.27
N PRO A 40 -2.94 5.62 0.05
CA PRO A 40 -3.51 6.86 0.60
C PRO A 40 -4.33 7.62 -0.44
N SER A 41 -4.92 8.73 -0.01
CA SER A 41 -5.73 9.56 -0.90
C SER A 41 -4.91 10.72 -1.45
N TYR A 42 -3.95 11.20 -0.66
CA TYR A 42 -3.10 12.31 -1.07
C TYR A 42 -1.84 11.80 -1.76
N PRO A 43 -1.71 12.02 -3.08
CA PRO A 43 -0.54 11.57 -3.85
C PRO A 43 0.71 12.38 -3.50
N GLY A 44 1.77 12.17 -4.28
CA GLY A 44 3.00 12.87 -4.04
C GLY A 44 3.82 13.06 -5.31
N ALA A 1 -6.98 -11.56 16.06
CA ALA A 1 -6.97 -12.90 15.45
C ALA A 1 -6.40 -12.86 14.03
N MET A 2 -5.13 -13.21 13.91
CA MET A 2 -4.46 -13.22 12.61
C MET A 2 -4.47 -11.82 11.99
N ASP A 3 -3.50 -11.00 12.39
CA ASP A 3 -3.38 -9.64 11.88
C ASP A 3 -2.84 -9.64 10.46
N CYS A 4 -3.75 -9.59 9.48
CA CYS A 4 -3.35 -9.58 8.08
C CYS A 4 -4.40 -8.88 7.23
N THR A 5 -4.04 -7.70 6.71
CA THR A 5 -4.94 -6.92 5.88
C THR A 5 -4.67 -7.18 4.41
N THR A 6 -5.63 -6.83 3.56
CA THR A 6 -5.50 -7.03 2.12
C THR A 6 -5.44 -5.70 1.39
N GLY A 7 -4.84 -5.70 0.20
CA GLY A 7 -4.73 -4.49 -0.58
C GLY A 7 -3.64 -4.56 -1.63
N PRO A 8 -3.54 -3.56 -2.51
CA PRO A 8 -2.52 -3.53 -3.58
C PRO A 8 -1.10 -3.48 -3.00
N CYS A 9 -0.96 -2.88 -1.83
CA CYS A 9 0.35 -2.77 -1.18
C CYS A 9 0.51 -3.85 -0.12
N CYS A 10 -0.01 -5.04 -0.41
CA CYS A 10 0.07 -6.16 0.52
C CYS A 10 -0.28 -7.47 -0.17
N ARG A 11 0.68 -8.38 -0.24
CA ARG A 11 0.46 -9.68 -0.87
C ARG A 11 -0.55 -10.51 -0.08
N GLN A 12 -0.07 -11.14 0.99
CA GLN A 12 -0.93 -11.98 1.82
C GLN A 12 -1.03 -11.43 3.25
N CYS A 13 -0.06 -10.58 3.63
CA CYS A 13 -0.05 -10.00 4.96
C CYS A 13 1.00 -8.90 5.06
N LYS A 14 2.16 -9.12 4.46
CA LYS A 14 3.23 -8.14 4.48
C LYS A 14 2.97 -7.02 3.47
N LEU A 15 3.27 -5.79 3.89
CA LEU A 15 3.07 -4.63 3.02
C LEU A 15 4.37 -4.21 2.36
N LYS A 16 4.27 -3.66 1.15
CA LYS A 16 5.44 -3.22 0.41
C LYS A 16 6.24 -2.19 1.21
N PRO A 17 7.52 -1.96 0.85
CA PRO A 17 8.37 -1.00 1.54
C PRO A 17 7.72 0.38 1.65
N ALA A 18 8.00 1.06 2.76
CA ALA A 18 7.45 2.39 2.99
C ALA A 18 8.06 3.41 2.04
N GLY A 19 7.25 3.87 1.08
CA GLY A 19 7.73 4.85 0.12
C GLY A 19 7.80 4.30 -1.28
N THR A 20 6.94 3.33 -1.58
CA THR A 20 6.92 2.70 -2.90
C THR A 20 5.52 2.80 -3.50
N THR A 21 5.44 2.58 -4.82
CA THR A 21 4.16 2.65 -5.52
C THR A 21 3.36 1.37 -5.29
N CYS A 22 2.04 1.47 -5.42
CA CYS A 22 1.17 0.32 -5.23
C CYS A 22 -0.12 0.46 -6.06
N TRP A 23 -0.72 1.64 -6.02
CA TRP A 23 -1.94 1.90 -6.76
C TRP A 23 -1.64 2.25 -8.22
N LYS A 24 -1.27 3.50 -8.46
CA LYS A 24 -0.94 3.96 -9.80
C LYS A 24 -2.14 3.82 -10.73
N THR A 25 -2.64 4.95 -11.24
CA THR A 25 -3.78 4.94 -12.14
C THR A 25 -3.37 5.40 -13.53
N SER A 26 -2.41 4.71 -14.11
CA SER A 26 -1.91 5.01 -15.45
C SER A 26 -1.46 6.47 -15.56
N VAL A 27 -1.15 7.09 -14.42
CA VAL A 27 -0.69 8.48 -14.41
C VAL A 27 -0.39 8.96 -12.99
N SER A 28 -1.28 8.65 -12.07
CA SER A 28 -1.11 9.04 -10.67
C SER A 28 -1.09 7.82 -9.76
N SER A 29 -0.05 7.74 -8.92
CA SER A 29 0.09 6.62 -7.99
C SER A 29 0.26 7.12 -6.56
N HIS A 30 -0.23 6.33 -5.61
CA HIS A 30 -0.14 6.70 -4.20
C HIS A 30 0.92 5.85 -3.50
N TYR A 31 2.03 6.48 -3.14
CA TYR A 31 3.11 5.79 -2.46
C TYR A 31 2.64 5.15 -1.17
N CYS A 32 3.23 4.01 -0.81
CA CYS A 32 2.85 3.31 0.41
C CYS A 32 3.57 3.88 1.62
N THR A 33 2.88 3.95 2.74
CA THR A 33 3.45 4.49 3.97
C THR A 33 4.11 3.39 4.80
N GLY A 34 4.16 2.17 4.25
CA GLY A 34 4.77 1.06 4.95
C GLY A 34 4.21 0.88 6.35
N ARG A 35 2.95 1.29 6.55
CA ARG A 35 2.31 1.16 7.84
C ARG A 35 1.13 0.19 7.77
N SER A 36 0.42 0.20 6.65
CA SER A 36 -0.72 -0.69 6.46
C SER A 36 -0.66 -1.38 5.11
N CYS A 37 -1.54 -2.35 4.90
CA CYS A 37 -1.58 -3.09 3.65
C CYS A 37 -2.15 -2.24 2.52
N GLU A 38 -3.02 -1.30 2.89
CA GLU A 38 -3.62 -0.40 1.91
C GLU A 38 -2.77 0.84 1.70
N CYS A 39 -2.98 1.51 0.55
CA CYS A 39 -2.23 2.71 0.23
C CYS A 39 -2.94 3.96 0.74
N PRO A 40 -2.19 5.01 1.10
CA PRO A 40 -2.76 6.26 1.61
C PRO A 40 -3.82 6.83 0.66
N SER A 41 -4.43 7.93 1.06
CA SER A 41 -5.46 8.57 0.25
C SER A 41 -5.03 9.99 -0.15
N TYR A 42 -3.73 10.19 -0.30
CA TYR A 42 -3.20 11.49 -0.68
C TYR A 42 -1.80 11.36 -1.30
N PRO A 43 -1.44 12.28 -2.21
CA PRO A 43 -0.13 12.25 -2.87
C PRO A 43 1.01 12.60 -1.92
N GLY A 44 1.59 11.58 -1.30
CA GLY A 44 2.68 11.78 -0.37
C GLY A 44 2.25 12.55 0.87
N ALA A 1 -3.49 -5.46 18.02
CA ALA A 1 -4.44 -5.91 16.97
C ALA A 1 -3.85 -5.71 15.57
N MET A 2 -3.42 -6.81 14.96
CA MET A 2 -2.84 -6.76 13.63
C MET A 2 -2.85 -8.14 12.97
N ASP A 3 -3.47 -8.23 11.80
CA ASP A 3 -3.55 -9.49 11.07
C ASP A 3 -3.24 -9.28 9.59
N CYS A 4 -3.16 -10.39 8.86
CA CYS A 4 -2.85 -10.34 7.43
C CYS A 4 -3.99 -9.68 6.65
N THR A 5 -3.75 -8.46 6.18
CA THR A 5 -4.76 -7.73 5.41
C THR A 5 -4.53 -7.91 3.91
N THR A 6 -5.60 -7.75 3.13
CA THR A 6 -5.52 -7.90 1.69
C THR A 6 -5.52 -6.52 1.00
N GLY A 7 -5.21 -6.52 -0.29
CA GLY A 7 -5.17 -5.28 -1.04
C GLY A 7 -3.97 -5.20 -1.96
N PRO A 8 -3.85 -4.10 -2.74
CA PRO A 8 -2.74 -3.92 -3.67
C PRO A 8 -1.46 -3.46 -2.97
N CYS A 9 -1.04 -4.21 -1.95
CA CYS A 9 0.17 -3.87 -1.20
C CYS A 9 0.39 -4.87 -0.06
N CYS A 10 0.08 -6.14 -0.32
CA CYS A 10 0.25 -7.18 0.69
C CYS A 10 0.22 -8.57 0.05
N ARG A 11 1.40 -9.11 -0.22
CA ARG A 11 1.51 -10.43 -0.83
C ARG A 11 0.96 -11.50 0.12
N GLN A 12 -0.36 -11.65 0.10
CA GLN A 12 -1.04 -12.63 0.96
C GLN A 12 -1.12 -12.13 2.40
N CYS A 13 0.03 -11.87 3.00
CA CYS A 13 0.08 -11.38 4.37
C CYS A 13 1.16 -10.31 4.53
N LYS A 14 2.32 -10.54 3.91
CA LYS A 14 3.43 -9.60 3.99
C LYS A 14 3.11 -8.32 3.23
N LEU A 15 3.25 -7.18 3.91
CA LEU A 15 2.98 -5.88 3.29
C LEU A 15 4.22 -5.33 2.62
N LYS A 16 4.02 -4.55 1.57
CA LYS A 16 5.13 -3.95 0.83
C LYS A 16 5.95 -3.02 1.73
N PRO A 17 7.24 -2.83 1.41
CA PRO A 17 8.12 -1.96 2.19
C PRO A 17 7.66 -0.50 2.19
N ALA A 18 7.88 0.19 3.31
CA ALA A 18 7.49 1.58 3.43
C ALA A 18 8.15 2.45 2.36
N GLY A 19 7.34 2.95 1.44
CA GLY A 19 7.87 3.79 0.37
C GLY A 19 7.72 3.13 -0.99
N THR A 20 6.78 2.21 -1.12
CA THR A 20 6.54 1.52 -2.39
C THR A 20 5.35 2.13 -3.13
N THR A 21 5.24 1.81 -4.41
CA THR A 21 4.15 2.33 -5.23
C THR A 21 3.16 1.22 -5.61
N CYS A 22 1.90 1.41 -5.24
CA CYS A 22 0.87 0.43 -5.53
C CYS A 22 -0.12 0.96 -6.57
N TRP A 23 -0.54 2.21 -6.38
CA TRP A 23 -1.48 2.84 -7.30
C TRP A 23 -0.74 3.61 -8.38
N LYS A 24 -1.43 3.82 -9.51
CA LYS A 24 -0.83 4.55 -10.63
C LYS A 24 -1.84 4.71 -11.76
N THR A 25 -2.73 5.68 -11.61
CA THR A 25 -3.75 5.94 -12.63
C THR A 25 -3.25 6.96 -13.65
N SER A 26 -2.32 6.53 -14.49
CA SER A 26 -1.75 7.40 -15.53
C SER A 26 -0.71 8.35 -14.94
N VAL A 27 -1.14 9.13 -13.95
CA VAL A 27 -0.25 10.08 -13.30
C VAL A 27 -0.29 9.92 -11.79
N SER A 28 -1.50 9.76 -11.25
CA SER A 28 -1.67 9.59 -9.81
C SER A 28 -1.24 8.20 -9.36
N SER A 29 -0.11 8.14 -8.66
CA SER A 29 0.42 6.87 -8.17
C SER A 29 0.82 6.98 -6.70
N HIS A 30 -0.13 6.72 -5.81
CA HIS A 30 0.13 6.78 -4.38
C HIS A 30 1.21 5.79 -3.97
N TYR A 31 1.56 5.79 -2.69
CA TYR A 31 2.58 4.88 -2.17
C TYR A 31 2.16 4.30 -0.83
N CYS A 32 2.80 3.20 -0.44
CA CYS A 32 2.50 2.55 0.82
C CYS A 32 3.51 2.94 1.90
N THR A 33 3.01 3.26 3.09
CA THR A 33 3.87 3.65 4.20
C THR A 33 4.15 2.46 5.12
N GLY A 34 4.04 1.26 4.58
CA GLY A 34 4.29 0.06 5.37
C GLY A 34 3.47 0.03 6.64
N ARG A 35 2.32 0.69 6.64
CA ARG A 35 1.45 0.73 7.80
C ARG A 35 0.23 -0.18 7.61
N SER A 36 -0.24 -0.27 6.36
CA SER A 36 -1.38 -1.11 6.05
C SER A 36 -1.36 -1.54 4.59
N CYS A 37 -2.11 -2.59 4.27
CA CYS A 37 -2.17 -3.10 2.91
C CYS A 37 -2.96 -2.15 2.00
N GLU A 38 -3.88 -1.40 2.60
CA GLU A 38 -4.70 -0.45 1.85
C GLU A 38 -3.92 0.83 1.55
N CYS A 39 -3.71 1.10 0.27
CA CYS A 39 -2.98 2.29 -0.15
C CYS A 39 -3.66 3.56 0.35
N PRO A 40 -2.88 4.62 0.63
CA PRO A 40 -3.42 5.88 1.11
C PRO A 40 -4.22 6.63 0.04
N SER A 41 -4.79 7.76 0.42
CA SER A 41 -5.57 8.57 -0.50
C SER A 41 -5.13 10.03 -0.48
N TYR A 42 -3.84 10.25 -0.22
CA TYR A 42 -3.29 11.60 -0.16
C TYR A 42 -1.83 11.61 -0.61
N PRO A 43 -1.58 11.75 -1.93
CA PRO A 43 -0.22 11.77 -2.48
C PRO A 43 0.67 12.78 -1.78
N GLY A 44 1.48 12.30 -0.83
CA GLY A 44 2.36 13.18 -0.11
C GLY A 44 2.65 12.68 1.30
N ALA A 1 -10.12 -12.15 15.83
CA ALA A 1 -10.15 -12.70 14.44
C ALA A 1 -8.74 -12.96 13.93
N MET A 2 -8.60 -13.99 13.10
CA MET A 2 -7.30 -14.35 12.54
C MET A 2 -7.22 -13.97 11.06
N ASP A 3 -6.72 -12.78 10.79
CA ASP A 3 -6.59 -12.30 9.42
C ASP A 3 -5.25 -11.59 9.21
N CYS A 4 -4.74 -11.65 7.99
CA CYS A 4 -3.47 -11.02 7.66
C CYS A 4 -3.70 -9.73 6.87
N THR A 5 -2.60 -9.06 6.51
CA THR A 5 -2.69 -7.82 5.75
C THR A 5 -3.13 -8.09 4.32
N THR A 6 -4.41 -7.88 4.05
CA THR A 6 -4.97 -8.09 2.72
C THR A 6 -5.22 -6.77 2.01
N GLY A 7 -4.42 -6.48 1.00
CA GLY A 7 -4.57 -5.25 0.25
C GLY A 7 -3.57 -5.12 -0.88
N PRO A 8 -3.50 -3.96 -1.55
CA PRO A 8 -2.58 -3.72 -2.65
C PRO A 8 -1.15 -3.48 -2.18
N CYS A 9 -1.01 -3.00 -0.95
CA CYS A 9 0.31 -2.73 -0.38
C CYS A 9 0.66 -3.76 0.69
N CYS A 10 0.37 -5.03 0.42
CA CYS A 10 0.66 -6.10 1.36
C CYS A 10 0.29 -7.46 0.77
N ARG A 11 1.24 -8.38 0.80
CA ARG A 11 1.01 -9.73 0.27
C ARG A 11 0.59 -10.67 1.39
N GLN A 12 0.67 -11.98 1.12
CA GLN A 12 0.29 -12.98 2.10
C GLN A 12 1.00 -12.74 3.43
N CYS A 13 0.31 -12.06 4.32
CA CYS A 13 0.85 -11.74 5.63
C CYS A 13 2.17 -10.98 5.52
N LYS A 14 2.13 -9.82 4.88
CA LYS A 14 3.32 -9.00 4.71
C LYS A 14 2.98 -7.68 4.00
N LEU A 15 3.63 -6.61 4.42
CA LEU A 15 3.39 -5.29 3.84
C LEU A 15 4.53 -4.90 2.91
N LYS A 16 4.30 -3.87 2.09
CA LYS A 16 5.31 -3.39 1.16
C LYS A 16 6.28 -2.43 1.84
N PRO A 17 7.52 -2.32 1.32
CA PRO A 17 8.54 -1.43 1.89
C PRO A 17 8.17 0.05 1.74
N ALA A 18 8.58 0.85 2.71
CA ALA A 18 8.29 2.28 2.69
C ALA A 18 8.91 2.94 1.45
N GLY A 19 8.06 3.47 0.58
CA GLY A 19 8.55 4.11 -0.62
C GLY A 19 8.16 3.37 -1.88
N THR A 20 7.16 2.49 -1.77
CA THR A 20 6.70 1.71 -2.91
C THR A 20 5.43 2.32 -3.51
N THR A 21 5.09 1.88 -4.72
CA THR A 21 3.89 2.37 -5.40
C THR A 21 2.79 1.32 -5.41
N CYS A 22 1.66 1.64 -4.79
CA CYS A 22 0.53 0.73 -4.73
C CYS A 22 -0.48 1.01 -5.84
N TRP A 23 -0.72 2.30 -6.08
CA TRP A 23 -1.67 2.72 -7.11
C TRP A 23 -0.96 3.47 -8.23
N LYS A 24 0.13 2.91 -8.72
CA LYS A 24 0.90 3.53 -9.80
C LYS A 24 0.11 3.52 -11.11
N THR A 25 -0.92 4.35 -11.17
CA THR A 25 -1.76 4.42 -12.36
C THR A 25 -1.39 5.64 -13.21
N SER A 26 -1.95 5.71 -14.41
CA SER A 26 -1.68 6.83 -15.31
C SER A 26 -2.46 8.08 -14.91
N VAL A 27 -3.33 7.95 -13.91
CA VAL A 27 -4.13 9.07 -13.44
C VAL A 27 -3.55 9.66 -12.16
N SER A 28 -3.01 8.80 -11.30
CA SER A 28 -2.43 9.24 -10.04
C SER A 28 -1.84 8.06 -9.28
N SER A 29 -1.36 8.33 -8.06
CA SER A 29 -0.77 7.29 -7.23
C SER A 29 -0.87 7.66 -5.75
N HIS A 30 -0.84 6.65 -4.89
CA HIS A 30 -0.94 6.87 -3.45
C HIS A 30 0.40 6.57 -2.76
N TYR A 31 1.14 5.63 -3.31
CA TYR A 31 2.43 5.25 -2.74
C TYR A 31 2.27 4.75 -1.31
N CYS A 32 3.34 4.15 -0.78
CA CYS A 32 3.31 3.62 0.58
C CYS A 32 4.48 4.16 1.40
N THR A 33 4.23 4.46 2.66
CA THR A 33 5.26 4.98 3.54
C THR A 33 5.70 3.92 4.55
N GLY A 34 5.49 2.65 4.21
CA GLY A 34 5.87 1.57 5.09
C GLY A 34 5.21 1.68 6.46
N ARG A 35 4.05 2.31 6.50
CA ARG A 35 3.31 2.48 7.75
C ARG A 35 2.19 1.46 7.86
N SER A 36 1.60 1.11 6.72
CA SER A 36 0.50 0.16 6.67
C SER A 36 0.15 -0.20 5.24
N CYS A 37 -0.70 -1.22 5.08
CA CYS A 37 -1.12 -1.66 3.75
C CYS A 37 -2.06 -0.64 3.12
N GLU A 38 -2.81 0.06 3.96
CA GLU A 38 -3.76 1.06 3.48
C GLU A 38 -3.03 2.29 2.96
N CYS A 39 -3.02 2.46 1.64
CA CYS A 39 -2.35 3.61 1.02
C CYS A 39 -3.09 4.91 1.34
N PRO A 40 -2.36 6.02 1.48
CA PRO A 40 -2.95 7.33 1.79
C PRO A 40 -3.70 7.92 0.59
N SER A 41 -4.51 8.94 0.86
CA SER A 41 -5.27 9.60 -0.20
C SER A 41 -4.69 10.98 -0.51
N TYR A 42 -3.49 11.00 -1.05
CA TYR A 42 -2.83 12.25 -1.39
C TYR A 42 -1.70 12.02 -2.39
N PRO A 43 -2.03 12.03 -3.70
CA PRO A 43 -1.04 11.83 -4.76
C PRO A 43 -0.07 12.99 -4.89
N GLY A 44 1.11 12.71 -5.43
CA GLY A 44 2.11 13.76 -5.60
C GLY A 44 1.76 14.71 -6.73
N ALA A 1 -3.34 -8.55 17.27
CA ALA A 1 -4.32 -8.23 16.19
C ALA A 1 -3.65 -7.46 15.06
N MET A 2 -2.95 -8.19 14.20
CA MET A 2 -2.26 -7.58 13.07
C MET A 2 -2.99 -7.88 11.76
N ASP A 3 -3.47 -9.11 11.63
CA ASP A 3 -4.19 -9.52 10.43
C ASP A 3 -3.30 -9.41 9.20
N CYS A 4 -3.65 -10.14 8.15
CA CYS A 4 -2.88 -10.14 6.91
C CYS A 4 -3.37 -9.03 5.98
N THR A 5 -4.68 -8.77 6.02
CA THR A 5 -5.27 -7.73 5.18
C THR A 5 -5.06 -8.04 3.71
N THR A 6 -5.90 -7.45 2.85
CA THR A 6 -5.80 -7.66 1.41
C THR A 6 -5.79 -6.33 0.67
N GLY A 7 -4.98 -6.25 -0.39
CA GLY A 7 -4.90 -5.03 -1.16
C GLY A 7 -3.65 -4.97 -2.03
N PRO A 8 -3.37 -3.83 -2.66
CA PRO A 8 -2.20 -3.65 -3.52
C PRO A 8 -0.89 -3.64 -2.73
N CYS A 9 -0.91 -2.97 -1.58
CA CYS A 9 0.29 -2.87 -0.74
C CYS A 9 0.67 -4.24 -0.18
N CYS A 10 -0.29 -5.14 -0.08
CA CYS A 10 -0.04 -6.47 0.44
C CYS A 10 -0.39 -7.55 -0.59
N ARG A 11 0.61 -8.33 -0.98
CA ARG A 11 0.41 -9.39 -1.96
C ARG A 11 -0.67 -10.37 -1.51
N GLN A 12 -0.32 -11.24 -0.57
CA GLN A 12 -1.27 -12.22 -0.05
C GLN A 12 -1.25 -12.28 1.48
N CYS A 13 -0.50 -11.36 2.10
CA CYS A 13 -0.40 -11.31 3.56
C CYS A 13 0.56 -10.22 4.00
N LYS A 14 1.78 -10.25 3.46
CA LYS A 14 2.80 -9.27 3.80
C LYS A 14 2.64 -8.00 2.96
N LEU A 15 2.99 -6.86 3.54
CA LEU A 15 2.88 -5.59 2.85
C LEU A 15 4.26 -5.06 2.46
N LYS A 16 4.31 -4.29 1.37
CA LYS A 16 5.56 -3.73 0.89
C LYS A 16 6.22 -2.85 1.95
N PRO A 17 7.54 -2.61 1.84
CA PRO A 17 8.27 -1.78 2.79
C PRO A 17 7.73 -0.35 2.87
N ALA A 18 7.83 0.25 4.04
CA ALA A 18 7.35 1.62 4.24
C ALA A 18 8.07 2.59 3.31
N GLY A 19 7.33 3.13 2.35
CA GLY A 19 7.91 4.07 1.41
C GLY A 19 7.92 3.54 -0.01
N THR A 20 7.02 2.59 -0.30
CA THR A 20 6.94 2.01 -1.64
C THR A 20 5.66 2.44 -2.33
N THR A 21 5.68 2.43 -3.66
CA THR A 21 4.52 2.82 -4.46
C THR A 21 3.66 1.61 -4.80
N CYS A 22 2.42 1.63 -4.32
CA CYS A 22 1.49 0.52 -4.58
C CYS A 22 0.62 0.82 -5.80
N TRP A 23 0.18 2.07 -5.92
CA TRP A 23 -0.66 2.47 -7.04
C TRP A 23 0.14 3.27 -8.06
N LYS A 24 0.11 2.82 -9.32
CA LYS A 24 0.84 3.48 -10.38
C LYS A 24 -0.06 3.69 -11.60
N THR A 25 -1.34 3.95 -11.35
CA THR A 25 -2.30 4.16 -12.43
C THR A 25 -1.89 5.36 -13.29
N SER A 26 -2.61 5.56 -14.39
CA SER A 26 -2.32 6.66 -15.30
C SER A 26 -3.15 7.89 -14.93
N VAL A 27 -3.10 8.27 -13.65
CA VAL A 27 -3.84 9.43 -13.17
C VAL A 27 -3.25 9.96 -11.87
N SER A 28 -2.95 9.05 -10.96
CA SER A 28 -2.37 9.41 -9.67
C SER A 28 -1.77 8.19 -8.97
N SER A 29 -0.54 8.34 -8.48
CA SER A 29 0.13 7.24 -7.80
C SER A 29 0.23 7.54 -6.30
N HIS A 30 0.29 6.47 -5.50
CA HIS A 30 0.39 6.61 -4.05
C HIS A 30 1.51 5.73 -3.50
N TYR A 31 1.80 5.89 -2.22
CA TYR A 31 2.85 5.11 -1.57
C TYR A 31 2.35 4.53 -0.24
N CYS A 32 3.04 3.50 0.24
CA CYS A 32 2.67 2.85 1.49
C CYS A 32 3.59 3.32 2.62
N THR A 33 3.03 3.43 3.82
CA THR A 33 3.81 3.86 4.98
C THR A 33 4.09 2.68 5.91
N GLY A 34 4.07 1.47 5.36
CA GLY A 34 4.33 0.29 6.16
C GLY A 34 3.47 0.21 7.40
N ARG A 35 2.30 0.85 7.34
CA ARG A 35 1.37 0.84 8.47
C ARG A 35 0.26 -0.18 8.26
N SER A 36 -0.14 -0.37 7.00
CA SER A 36 -1.19 -1.32 6.68
C SER A 36 -1.25 -1.56 5.17
N CYS A 37 -2.06 -2.52 4.76
CA CYS A 37 -2.21 -2.85 3.35
C CYS A 37 -2.98 -1.76 2.61
N GLU A 38 -3.89 -1.11 3.32
CA GLU A 38 -4.70 -0.05 2.73
C GLU A 38 -3.83 1.16 2.38
N CYS A 39 -3.64 1.39 1.08
CA CYS A 39 -2.84 2.50 0.61
C CYS A 39 -3.51 3.84 0.94
N PRO A 40 -2.71 4.89 1.18
CA PRO A 40 -3.24 6.22 1.50
C PRO A 40 -3.91 6.89 0.31
N SER A 41 -4.47 8.07 0.53
CA SER A 41 -5.15 8.81 -0.53
C SER A 41 -4.45 10.14 -0.80
N TYR A 42 -3.13 10.15 -0.61
CA TYR A 42 -2.34 11.35 -0.83
C TYR A 42 -1.37 11.16 -2.00
N PRO A 43 -1.83 11.44 -3.23
CA PRO A 43 -1.00 11.30 -4.43
C PRO A 43 0.10 12.34 -4.49
N GLY A 44 1.26 12.00 -3.95
CA GLY A 44 2.39 12.93 -3.95
C GLY A 44 3.73 12.21 -4.03
N ALA A 1 2.90 -11.61 11.61
CA ALA A 1 2.11 -10.49 11.01
C ALA A 1 1.09 -9.96 12.01
N MET A 2 0.35 -8.93 11.60
CA MET A 2 -0.66 -8.33 12.45
C MET A 2 -1.96 -8.10 11.68
N ASP A 3 -2.84 -9.10 11.73
CA ASP A 3 -4.12 -9.01 11.04
C ASP A 3 -3.92 -8.84 9.53
N CYS A 4 -3.71 -9.96 8.84
CA CYS A 4 -3.51 -9.93 7.39
C CYS A 4 -4.72 -9.35 6.68
N THR A 5 -4.54 -8.16 6.11
CA THR A 5 -5.62 -7.48 5.40
C THR A 5 -5.52 -7.75 3.89
N THR A 6 -6.55 -7.32 3.15
CA THR A 6 -6.57 -7.50 1.71
C THR A 6 -6.59 -6.16 0.99
N GLY A 7 -5.41 -5.69 0.58
CA GLY A 7 -5.32 -4.41 -0.11
C GLY A 7 -4.20 -4.40 -1.13
N PRO A 8 -4.24 -3.44 -2.08
CA PRO A 8 -3.21 -3.33 -3.12
C PRO A 8 -1.88 -2.81 -2.58
N CYS A 9 -1.30 -3.55 -1.64
CA CYS A 9 -0.02 -3.16 -1.05
C CYS A 9 0.42 -4.17 0.02
N CYS A 10 0.18 -5.45 -0.27
CA CYS A 10 0.55 -6.52 0.65
C CYS A 10 0.89 -7.79 -0.11
N ARG A 11 1.59 -8.72 0.56
CA ARG A 11 1.98 -9.97 -0.05
C ARG A 11 0.98 -11.08 0.31
N GLN A 12 -0.30 -10.75 0.23
CA GLN A 12 -1.36 -11.71 0.55
C GLN A 12 -1.46 -11.97 2.05
N CYS A 13 -0.68 -11.22 2.84
CA CYS A 13 -0.68 -11.38 4.28
C CYS A 13 0.26 -10.39 4.95
N LYS A 14 1.42 -10.18 4.31
CA LYS A 14 2.42 -9.25 4.84
C LYS A 14 2.12 -7.82 4.41
N LEU A 15 2.84 -6.87 4.99
CA LEU A 15 2.65 -5.46 4.66
C LEU A 15 3.88 -4.90 3.94
N LYS A 16 3.65 -4.31 2.77
CA LYS A 16 4.73 -3.74 1.98
C LYS A 16 5.45 -2.64 2.77
N PRO A 17 6.70 -2.31 2.38
CA PRO A 17 7.49 -1.27 3.04
C PRO A 17 6.87 0.11 2.91
N ALA A 18 7.00 0.92 3.95
CA ALA A 18 6.45 2.26 3.94
C ALA A 18 7.02 3.10 2.80
N GLY A 19 6.35 4.19 2.48
CA GLY A 19 6.81 5.05 1.40
C GLY A 19 6.90 4.32 0.07
N THR A 20 6.13 3.24 -0.06
CA THR A 20 6.13 2.46 -1.30
C THR A 20 4.79 2.59 -2.03
N THR A 21 4.82 3.19 -3.20
CA THR A 21 3.61 3.38 -4.00
C THR A 21 2.97 2.03 -4.34
N CYS A 22 1.75 2.08 -4.85
CA CYS A 22 1.02 0.88 -5.22
C CYS A 22 0.25 1.08 -6.52
N TRP A 23 -0.47 2.20 -6.61
CA TRP A 23 -1.24 2.51 -7.80
C TRP A 23 -0.39 3.24 -8.83
N LYS A 24 -0.73 3.06 -10.10
CA LYS A 24 0.01 3.71 -11.19
C LYS A 24 -0.60 3.35 -12.55
N THR A 25 -1.60 4.11 -12.97
CA THR A 25 -2.26 3.88 -14.24
C THR A 25 -2.34 5.17 -15.06
N SER A 26 -1.19 5.72 -15.40
CA SER A 26 -1.13 6.95 -16.18
C SER A 26 -2.03 8.03 -15.60
N VAL A 27 -2.13 8.05 -14.27
CA VAL A 27 -2.96 9.04 -13.59
C VAL A 27 -2.28 9.55 -12.33
N SER A 28 -1.81 8.62 -11.51
CA SER A 28 -1.14 8.97 -10.26
C SER A 28 -0.70 7.71 -9.51
N SER A 29 -0.21 7.91 -8.29
CA SER A 29 0.25 6.79 -7.46
C SER A 29 -0.06 7.04 -5.99
N HIS A 30 -0.30 5.97 -5.24
CA HIS A 30 -0.61 6.08 -3.83
C HIS A 30 0.54 5.54 -2.98
N TYR A 31 1.26 6.44 -2.33
CA TYR A 31 2.39 6.05 -1.48
C TYR A 31 1.91 5.39 -0.20
N CYS A 32 2.16 4.09 -0.07
CA CYS A 32 1.75 3.34 1.10
C CYS A 32 2.58 3.76 2.32
N THR A 33 1.92 3.83 3.48
CA THR A 33 2.61 4.20 4.71
C THR A 33 3.06 2.97 5.49
N GLY A 34 3.13 1.83 4.82
CA GLY A 34 3.55 0.61 5.47
C GLY A 34 2.80 0.33 6.76
N ARG A 35 1.58 0.86 6.86
CA ARG A 35 0.76 0.67 8.05
C ARG A 35 -0.34 -0.35 7.81
N SER A 36 -0.85 -0.38 6.58
CA SER A 36 -1.90 -1.31 6.22
C SER A 36 -1.87 -1.62 4.72
N CYS A 37 -2.69 -2.58 4.30
CA CYS A 37 -2.76 -2.96 2.90
C CYS A 37 -3.45 -1.89 2.06
N GLU A 38 -4.38 -1.18 2.69
CA GLU A 38 -5.11 -0.11 2.00
C GLU A 38 -4.16 0.97 1.49
N CYS A 39 -4.47 1.51 0.32
CA CYS A 39 -3.64 2.54 -0.29
C CYS A 39 -4.28 3.92 -0.11
N PRO A 40 -3.93 4.63 0.97
CA PRO A 40 -4.48 5.97 1.25
C PRO A 40 -4.02 7.01 0.23
N SER A 41 -4.70 8.15 0.21
CA SER A 41 -4.36 9.22 -0.72
C SER A 41 -3.24 10.10 -0.15
N TYR A 42 -2.11 9.48 0.15
CA TYR A 42 -0.96 10.20 0.70
C TYR A 42 0.24 10.11 -0.24
N PRO A 43 0.18 10.81 -1.39
CA PRO A 43 1.25 10.80 -2.37
C PRO A 43 2.49 11.55 -1.87
N GLY A 44 3.53 11.58 -2.70
CA GLY A 44 4.76 12.27 -2.33
C GLY A 44 5.82 12.18 -3.40
N ALA A 1 0.34 -14.78 12.51
CA ALA A 1 0.04 -14.49 13.93
C ALA A 1 -0.53 -13.09 14.10
N MET A 2 -0.10 -12.17 13.24
CA MET A 2 -0.56 -10.79 13.29
C MET A 2 -1.55 -10.51 12.16
N ASP A 3 -2.37 -11.50 11.83
CA ASP A 3 -3.36 -11.36 10.76
C ASP A 3 -2.68 -11.06 9.42
N CYS A 4 -3.37 -11.36 8.33
CA CYS A 4 -2.83 -11.13 7.00
C CYS A 4 -3.55 -9.96 6.33
N THR A 5 -2.82 -8.88 6.07
CA THR A 5 -3.38 -7.70 5.43
C THR A 5 -3.57 -7.94 3.93
N THR A 6 -4.83 -7.93 3.50
CA THR A 6 -5.15 -8.15 2.09
C THR A 6 -5.55 -6.84 1.42
N GLY A 7 -4.98 -6.59 0.25
CA GLY A 7 -5.29 -5.37 -0.49
C GLY A 7 -4.28 -5.08 -1.57
N PRO A 8 -4.25 -3.84 -2.09
CA PRO A 8 -3.31 -3.44 -3.15
C PRO A 8 -1.91 -3.23 -2.63
N CYS A 9 -1.78 -2.81 -1.38
CA CYS A 9 -0.49 -2.57 -0.77
C CYS A 9 -0.04 -3.76 0.08
N CYS A 10 -0.54 -4.94 -0.27
CA CYS A 10 -0.18 -6.16 0.46
C CYS A 10 -0.13 -7.36 -0.48
N ARG A 11 0.83 -8.25 -0.24
CA ARG A 11 0.99 -9.45 -1.06
C ARG A 11 0.13 -10.58 -0.54
N GLN A 12 -1.17 -10.31 -0.39
CA GLN A 12 -2.11 -11.32 0.10
C GLN A 12 -1.94 -11.57 1.60
N CYS A 13 -1.07 -10.79 2.24
CA CYS A 13 -0.83 -10.94 3.67
C CYS A 13 0.17 -9.89 4.16
N LYS A 14 1.36 -9.89 3.58
CA LYS A 14 2.40 -8.94 3.96
C LYS A 14 2.20 -7.60 3.25
N LEU A 15 2.34 -6.51 4.00
CA LEU A 15 2.18 -5.18 3.45
C LEU A 15 3.52 -4.60 3.04
N LYS A 16 3.51 -3.74 2.01
CA LYS A 16 4.73 -3.11 1.52
C LYS A 16 5.31 -2.16 2.57
N PRO A 17 6.63 -1.89 2.47
CA PRO A 17 7.30 -0.99 3.42
C PRO A 17 6.77 0.44 3.35
N ALA A 18 6.74 1.11 4.50
CA ALA A 18 6.26 2.48 4.56
C ALA A 18 7.08 3.40 3.66
N GLY A 19 6.40 4.06 2.73
CA GLY A 19 7.08 4.96 1.82
C GLY A 19 7.30 4.34 0.45
N THR A 20 6.48 3.36 0.10
CA THR A 20 6.60 2.69 -1.19
C THR A 20 5.26 2.69 -1.92
N THR A 21 5.32 2.74 -3.25
CA THR A 21 4.12 2.75 -4.07
C THR A 21 3.27 1.50 -3.82
N CYS A 22 2.01 1.56 -4.24
CA CYS A 22 1.10 0.44 -4.06
C CYS A 22 -0.01 0.46 -5.11
N TRP A 23 -0.60 1.62 -5.31
CA TRP A 23 -1.67 1.79 -6.29
C TRP A 23 -1.15 2.45 -7.57
N LYS A 24 -0.51 1.67 -8.42
CA LYS A 24 0.03 2.17 -9.67
C LYS A 24 -1.05 2.23 -10.75
N THR A 25 -1.31 3.42 -11.26
CA THR A 25 -2.32 3.61 -12.30
C THR A 25 -1.72 4.31 -13.51
N SER A 26 -2.50 4.39 -14.58
CA SER A 26 -2.05 5.03 -15.81
C SER A 26 -2.45 6.50 -15.83
N VAL A 27 -2.17 7.20 -14.74
CA VAL A 27 -2.50 8.62 -14.63
C VAL A 27 -2.03 9.19 -13.30
N SER A 28 -2.19 8.41 -12.24
CA SER A 28 -1.79 8.83 -10.90
C SER A 28 -1.63 7.63 -9.97
N SER A 29 -0.49 7.55 -9.30
CA SER A 29 -0.21 6.45 -8.39
C SER A 29 -0.01 6.98 -6.97
N HIS A 30 -0.52 6.22 -5.98
CA HIS A 30 -0.38 6.61 -4.59
C HIS A 30 0.75 5.84 -3.92
N TYR A 31 1.00 6.16 -2.65
CA TYR A 31 2.05 5.49 -1.89
C TYR A 31 1.51 4.91 -0.59
N CYS A 32 2.35 4.15 0.12
CA CYS A 32 1.94 3.53 1.37
C CYS A 32 2.70 4.16 2.54
N THR A 33 2.02 4.26 3.68
CA THR A 33 2.63 4.84 4.88
C THR A 33 2.97 3.75 5.90
N GLY A 34 3.07 2.50 5.43
CA GLY A 34 3.38 1.40 6.32
C GLY A 34 2.45 1.33 7.52
N ARG A 35 1.25 1.88 7.37
CA ARG A 35 0.26 1.87 8.44
C ARG A 35 -0.91 0.95 8.10
N SER A 36 -1.25 0.88 6.81
CA SER A 36 -2.35 0.04 6.36
C SER A 36 -2.18 -0.30 4.88
N CYS A 37 -3.02 -1.21 4.39
CA CYS A 37 -2.98 -1.62 2.99
C CYS A 37 -3.50 -0.51 2.09
N GLU A 38 -4.41 0.30 2.61
CA GLU A 38 -5.00 1.38 1.83
C GLU A 38 -3.92 2.37 1.37
N CYS A 39 -4.14 2.97 0.21
CA CYS A 39 -3.18 3.92 -0.35
C CYS A 39 -3.77 5.34 -0.36
N PRO A 40 -3.56 6.11 0.72
CA PRO A 40 -4.07 7.47 0.83
C PRO A 40 -3.70 8.32 -0.39
N SER A 41 -4.16 9.57 -0.40
CA SER A 41 -3.88 10.48 -1.49
C SER A 41 -2.71 11.39 -1.16
N TYR A 42 -1.69 10.82 -0.52
CA TYR A 42 -0.50 11.58 -0.14
C TYR A 42 0.68 11.21 -1.02
N PRO A 43 0.73 11.75 -2.25
CA PRO A 43 1.83 11.47 -3.19
C PRO A 43 3.15 12.09 -2.75
N GLY A 44 4.18 11.93 -3.58
CA GLY A 44 5.48 12.48 -3.25
C GLY A 44 5.80 13.72 -4.08
N ALA A 1 -5.69 -11.46 16.25
CA ALA A 1 -4.95 -12.76 16.29
C ALA A 1 -4.29 -13.04 14.94
N MET A 2 -3.11 -12.49 14.74
CA MET A 2 -2.37 -12.69 13.50
C MET A 2 -3.15 -12.16 12.31
N ASP A 3 -3.11 -10.84 12.12
CA ASP A 3 -3.82 -10.20 11.01
C ASP A 3 -2.89 -9.94 9.84
N CYS A 4 -3.32 -10.32 8.65
CA CYS A 4 -2.52 -10.13 7.44
C CYS A 4 -2.94 -8.86 6.70
N THR A 5 -4.24 -8.59 6.71
CA THR A 5 -4.78 -7.41 6.04
C THR A 5 -4.54 -7.46 4.54
N THR A 6 -5.57 -7.17 3.76
CA THR A 6 -5.47 -7.19 2.30
C THR A 6 -5.46 -5.78 1.73
N GLY A 7 -4.87 -5.63 0.55
CA GLY A 7 -4.79 -4.33 -0.08
C GLY A 7 -3.62 -4.21 -1.03
N PRO A 8 -3.58 -3.15 -1.86
CA PRO A 8 -2.49 -2.92 -2.82
C PRO A 8 -1.12 -2.90 -2.16
N CYS A 9 -1.10 -2.60 -0.86
CA CYS A 9 0.15 -2.54 -0.11
C CYS A 9 0.41 -3.84 0.65
N CYS A 10 -0.08 -4.95 0.09
CA CYS A 10 0.09 -6.26 0.71
C CYS A 10 -0.54 -7.35 -0.14
N ARG A 11 0.25 -8.38 -0.47
CA ARG A 11 -0.23 -9.48 -1.27
C ARG A 11 -1.02 -10.48 -0.42
N GLN A 12 -0.30 -11.29 0.34
CA GLN A 12 -0.93 -12.28 1.20
C GLN A 12 -0.73 -11.94 2.68
N CYS A 13 0.27 -11.12 2.98
CA CYS A 13 0.56 -10.74 4.36
C CYS A 13 1.73 -9.76 4.41
N LYS A 14 2.72 -9.97 3.55
CA LYS A 14 3.90 -9.12 3.50
C LYS A 14 3.61 -7.82 2.77
N LEU A 15 3.32 -6.77 3.52
CA LEU A 15 3.02 -5.46 2.95
C LEU A 15 4.27 -4.82 2.37
N LYS A 16 4.10 -4.05 1.30
CA LYS A 16 5.22 -3.37 0.65
C LYS A 16 5.98 -2.50 1.63
N PRO A 17 7.31 -2.37 1.46
CA PRO A 17 8.14 -1.56 2.34
C PRO A 17 7.62 -0.14 2.49
N ALA A 18 7.80 0.43 3.67
CA ALA A 18 7.35 1.79 3.94
C ALA A 18 8.01 2.79 3.00
N GLY A 19 7.25 3.24 2.00
CA GLY A 19 7.79 4.19 1.04
C GLY A 19 7.85 3.62 -0.36
N THR A 20 6.93 2.72 -0.68
CA THR A 20 6.88 2.09 -2.00
C THR A 20 5.55 2.36 -2.68
N THR A 21 5.56 2.36 -4.01
CA THR A 21 4.35 2.61 -4.78
C THR A 21 3.32 1.51 -4.55
N CYS A 22 2.09 1.77 -4.96
CA CYS A 22 1.01 0.80 -4.80
C CYS A 22 -0.12 1.04 -5.81
N TRP A 23 -0.49 2.31 -5.96
CA TRP A 23 -1.55 2.68 -6.89
C TRP A 23 -0.99 3.48 -8.06
N LYS A 24 -1.59 3.30 -9.24
CA LYS A 24 -1.15 4.01 -10.43
C LYS A 24 -2.21 3.97 -11.52
N THR A 25 -2.89 5.08 -11.72
CA THR A 25 -3.94 5.17 -12.73
C THR A 25 -3.45 5.90 -13.97
N SER A 26 -2.61 5.23 -14.76
CA SER A 26 -2.05 5.80 -15.98
C SER A 26 -0.90 6.76 -15.66
N VAL A 27 -1.20 7.76 -14.84
CA VAL A 27 -0.20 8.75 -14.45
C VAL A 27 -0.22 8.99 -12.94
N SER A 28 -1.42 9.12 -12.39
CA SER A 28 -1.57 9.36 -10.96
C SER A 28 -1.25 8.09 -10.17
N SER A 29 -0.20 8.18 -9.35
CA SER A 29 0.23 7.05 -8.53
C SER A 29 0.50 7.49 -7.09
N HIS A 30 0.17 6.61 -6.15
CA HIS A 30 0.38 6.91 -4.73
C HIS A 30 1.48 6.02 -4.15
N TYR A 31 1.81 6.26 -2.88
CA TYR A 31 2.84 5.49 -2.21
C TYR A 31 2.35 4.98 -0.86
N CYS A 32 2.96 3.90 -0.38
CA CYS A 32 2.58 3.31 0.90
C CYS A 32 3.55 3.73 2.00
N THR A 33 3.01 3.95 3.20
CA THR A 33 3.84 4.36 4.33
C THR A 33 4.07 3.19 5.28
N GLY A 34 3.93 1.97 4.78
CA GLY A 34 4.13 0.80 5.60
C GLY A 34 3.35 0.83 6.90
N ARG A 35 2.24 1.57 6.89
CA ARG A 35 1.41 1.69 8.08
C ARG A 35 0.22 0.72 8.03
N SER A 36 -0.27 0.47 6.81
CA SER A 36 -1.39 -0.43 6.62
C SER A 36 -1.55 -0.81 5.15
N CYS A 37 -2.45 -1.74 4.88
CA CYS A 37 -2.69 -2.20 3.51
C CYS A 37 -3.40 -1.12 2.70
N GLU A 38 -4.21 -0.32 3.38
CA GLU A 38 -4.95 0.76 2.73
C GLU A 38 -4.03 1.92 2.38
N CYS A 39 -3.53 1.92 1.15
CA CYS A 39 -2.63 2.98 0.70
C CYS A 39 -3.33 4.34 0.75
N PRO A 40 -2.56 5.43 0.88
CA PRO A 40 -3.11 6.78 0.94
C PRO A 40 -3.70 7.23 -0.40
N SER A 41 -4.80 7.99 -0.33
CA SER A 41 -5.46 8.47 -1.54
C SER A 41 -5.04 9.91 -1.84
N TYR A 42 -3.78 10.23 -1.56
CA TYR A 42 -3.26 11.57 -1.80
C TYR A 42 -1.79 11.51 -2.22
N PRO A 43 -1.29 12.57 -2.89
CA PRO A 43 0.09 12.64 -3.34
C PRO A 43 1.08 12.37 -2.21
N GLY A 44 2.00 11.44 -2.45
CA GLY A 44 2.99 11.10 -1.44
C GLY A 44 2.60 9.88 -0.63
N ALA A 1 -9.40 -6.38 12.16
CA ALA A 1 -8.70 -6.40 10.85
C ALA A 1 -7.30 -5.81 10.96
N MET A 2 -6.31 -6.65 11.21
CA MET A 2 -4.93 -6.20 11.34
C MET A 2 -3.96 -7.30 10.95
N ASP A 3 -4.20 -8.50 11.46
CA ASP A 3 -3.34 -9.65 11.16
C ASP A 3 -3.33 -9.94 9.66
N CYS A 4 -2.40 -9.30 8.95
CA CYS A 4 -2.28 -9.49 7.52
C CYS A 4 -3.56 -9.07 6.80
N THR A 5 -3.46 -8.00 6.02
CA THR A 5 -4.61 -7.49 5.28
C THR A 5 -4.42 -7.68 3.77
N THR A 6 -5.51 -7.57 3.03
CA THR A 6 -5.46 -7.73 1.58
C THR A 6 -5.47 -6.38 0.88
N GLY A 7 -4.46 -6.14 0.06
CA GLY A 7 -4.37 -4.89 -0.66
C GLY A 7 -3.14 -4.81 -1.55
N PRO A 8 -3.08 -3.83 -2.47
CA PRO A 8 -1.94 -3.66 -3.37
C PRO A 8 -0.62 -3.58 -2.63
N CYS A 9 -0.67 -3.19 -1.36
CA CYS A 9 0.53 -3.08 -0.54
C CYS A 9 0.74 -4.33 0.31
N CYS A 10 0.27 -5.47 -0.20
CA CYS A 10 0.41 -6.73 0.51
C CYS A 10 0.22 -7.91 -0.44
N ARG A 11 1.24 -8.76 -0.53
CA ARG A 11 1.18 -9.92 -1.40
C ARG A 11 0.19 -10.96 -0.87
N GLN A 12 0.62 -11.75 0.11
CA GLN A 12 -0.24 -12.77 0.70
C GLN A 12 -0.29 -12.67 2.22
N CYS A 13 0.48 -11.72 2.78
CA CYS A 13 0.51 -11.54 4.23
C CYS A 13 1.50 -10.43 4.60
N LYS A 14 2.61 -10.37 3.90
CA LYS A 14 3.64 -9.37 4.16
C LYS A 14 3.21 -8.00 3.62
N LEU A 15 3.93 -6.96 4.01
CA LEU A 15 3.64 -5.61 3.57
C LEU A 15 4.81 -5.01 2.80
N LYS A 16 4.51 -4.30 1.72
CA LYS A 16 5.55 -3.68 0.91
C LYS A 16 6.38 -2.70 1.74
N PRO A 17 7.66 -2.54 1.39
CA PRO A 17 8.57 -1.61 2.10
C PRO A 17 7.99 -0.20 2.21
N ALA A 18 8.24 0.45 3.34
CA ALA A 18 7.75 1.80 3.57
C ALA A 18 8.33 2.76 2.55
N GLY A 19 7.51 3.19 1.59
CA GLY A 19 7.97 4.11 0.57
C GLY A 19 7.95 3.50 -0.81
N THR A 20 7.06 2.55 -1.03
CA THR A 20 6.95 1.88 -2.33
C THR A 20 5.59 2.16 -2.96
N THR A 21 5.54 2.12 -4.30
CA THR A 21 4.32 2.37 -5.02
C THR A 21 3.39 1.16 -4.97
N CYS A 22 2.13 1.40 -4.60
CA CYS A 22 1.16 0.32 -4.50
C CYS A 22 -0.01 0.56 -5.45
N TRP A 23 -0.46 1.82 -5.53
CA TRP A 23 -1.57 2.18 -6.40
C TRP A 23 -1.06 2.81 -7.70
N LYS A 24 -1.94 2.91 -8.69
CA LYS A 24 -1.58 3.50 -9.98
C LYS A 24 -2.80 3.57 -10.89
N THR A 25 -3.47 4.71 -10.89
CA THR A 25 -4.65 4.91 -11.72
C THR A 25 -4.32 5.79 -12.93
N SER A 26 -3.45 5.29 -13.79
CA SER A 26 -3.03 6.02 -14.99
C SER A 26 -2.02 7.11 -14.65
N VAL A 27 -2.41 8.00 -13.75
CA VAL A 27 -1.54 9.09 -13.33
C VAL A 27 -1.33 9.07 -11.82
N SER A 28 -2.41 8.82 -11.08
CA SER A 28 -2.34 8.77 -9.62
C SER A 28 -1.68 7.48 -9.15
N SER A 29 -0.47 7.60 -8.63
CA SER A 29 0.26 6.44 -8.14
C SER A 29 0.62 6.61 -6.67
N HIS A 30 -0.35 6.35 -5.79
CA HIS A 30 -0.13 6.47 -4.35
C HIS A 30 0.96 5.52 -3.88
N TYR A 31 1.63 5.89 -2.80
CA TYR A 31 2.70 5.07 -2.24
C TYR A 31 2.29 4.49 -0.90
N CYS A 32 3.12 3.57 -0.38
CA CYS A 32 2.84 2.94 0.90
C CYS A 32 3.80 3.44 1.98
N THR A 33 3.30 3.59 3.19
CA THR A 33 4.12 4.06 4.30
C THR A 33 4.46 2.92 5.26
N GLY A 34 4.42 1.69 4.75
CA GLY A 34 4.73 0.53 5.57
C GLY A 34 3.91 0.49 6.85
N ARG A 35 2.71 1.03 6.80
CA ARG A 35 1.82 1.05 7.97
C ARG A 35 0.75 -0.02 7.85
N SER A 36 0.28 -0.26 6.63
CA SER A 36 -0.75 -1.25 6.38
C SER A 36 -0.87 -1.57 4.90
N CYS A 37 -1.66 -2.58 4.57
CA CYS A 37 -1.86 -2.98 3.18
C CYS A 37 -2.71 -1.96 2.43
N GLU A 38 -3.61 -1.30 3.15
CA GLU A 38 -4.49 -0.29 2.56
C GLU A 38 -3.69 0.96 2.18
N CYS A 39 -3.60 1.22 0.88
CA CYS A 39 -2.88 2.38 0.39
C CYS A 39 -3.49 3.68 0.92
N PRO A 40 -2.66 4.71 1.12
CA PRO A 40 -3.12 6.01 1.63
C PRO A 40 -3.98 6.75 0.61
N SER A 41 -4.48 7.92 1.02
CA SER A 41 -5.33 8.73 0.14
C SER A 41 -4.79 10.15 0.04
N TYR A 42 -3.47 10.29 0.13
CA TYR A 42 -2.83 11.60 0.06
C TYR A 42 -1.36 11.46 -0.35
N PRO A 43 -1.08 11.43 -1.66
CA PRO A 43 0.28 11.31 -2.17
C PRO A 43 1.23 12.34 -1.57
N GLY A 44 2.34 11.87 -1.01
CA GLY A 44 3.31 12.77 -0.40
C GLY A 44 4.47 13.08 -1.32
N ALA A 1 -2.23 -17.36 14.31
CA ALA A 1 -0.83 -16.89 14.09
C ALA A 1 -0.81 -15.52 13.43
N MET A 2 -0.69 -14.48 14.23
CA MET A 2 -0.66 -13.11 13.72
C MET A 2 -1.94 -12.79 12.97
N ASP A 3 -1.98 -11.61 12.36
CA ASP A 3 -3.16 -11.17 11.60
C ASP A 3 -2.76 -10.65 10.23
N CYS A 4 -3.26 -11.31 9.19
CA CYS A 4 -2.96 -10.90 7.82
C CYS A 4 -3.80 -9.70 7.40
N THR A 5 -3.13 -8.67 6.90
CA THR A 5 -3.81 -7.46 6.46
C THR A 5 -3.95 -7.42 4.95
N THR A 6 -5.19 -7.41 4.47
CA THR A 6 -5.45 -7.38 3.03
C THR A 6 -5.55 -5.94 2.53
N GLY A 7 -5.32 -5.75 1.24
CA GLY A 7 -5.39 -4.42 0.65
C GLY A 7 -4.50 -4.28 -0.56
N PRO A 8 -4.73 -3.24 -1.39
CA PRO A 8 -3.93 -3.00 -2.60
C PRO A 8 -2.44 -2.94 -2.30
N CYS A 9 -2.11 -2.53 -1.08
CA CYS A 9 -0.71 -2.43 -0.67
C CYS A 9 -0.31 -3.61 0.20
N CYS A 10 -0.88 -4.78 -0.09
CA CYS A 10 -0.58 -5.99 0.67
C CYS A 10 -0.72 -7.23 -0.21
N ARG A 11 0.12 -8.23 0.06
CA ARG A 11 0.08 -9.47 -0.70
C ARG A 11 -0.82 -10.50 -0.02
N GLN A 12 -2.03 -10.07 0.35
CA GLN A 12 -2.99 -10.96 1.00
C GLN A 12 -2.59 -11.22 2.46
N CYS A 13 -1.55 -10.55 2.93
CA CYS A 13 -1.07 -10.73 4.30
C CYS A 13 0.10 -9.80 4.59
N LYS A 14 1.11 -9.85 3.75
CA LYS A 14 2.30 -9.02 3.93
C LYS A 14 2.00 -7.57 3.54
N LEU A 15 2.80 -6.65 4.09
CA LEU A 15 2.62 -5.23 3.80
C LEU A 15 3.85 -4.66 3.09
N LYS A 16 3.61 -3.85 2.07
CA LYS A 16 4.70 -3.24 1.32
C LYS A 16 5.49 -2.27 2.19
N PRO A 17 6.77 -2.05 1.85
CA PRO A 17 7.65 -1.14 2.61
C PRO A 17 7.20 0.31 2.51
N ALA A 18 7.36 1.05 3.61
CA ALA A 18 6.98 2.45 3.64
C ALA A 18 7.79 3.27 2.65
N GLY A 19 7.09 3.90 1.70
CA GLY A 19 7.76 4.70 0.69
C GLY A 19 7.76 4.05 -0.68
N THR A 20 6.80 3.14 -0.89
CA THR A 20 6.71 2.44 -2.17
C THR A 20 5.31 2.61 -2.77
N THR A 21 5.26 3.00 -4.03
CA THR A 21 3.99 3.19 -4.72
C THR A 21 3.18 1.90 -4.76
N CYS A 22 1.87 2.03 -4.90
CA CYS A 22 0.99 0.87 -4.96
C CYS A 22 0.02 0.96 -6.14
N TRP A 23 -0.55 2.15 -6.33
CA TRP A 23 -1.49 2.35 -7.43
C TRP A 23 -0.77 2.35 -8.78
N LYS A 24 -0.04 3.42 -9.06
CA LYS A 24 0.69 3.55 -10.31
C LYS A 24 -0.16 3.11 -11.51
N THR A 25 -0.85 4.08 -12.13
CA THR A 25 -1.70 3.78 -13.28
C THR A 25 -1.36 4.70 -14.44
N SER A 26 -0.10 4.68 -14.85
CA SER A 26 0.38 5.49 -15.97
C SER A 26 -0.14 6.92 -15.89
N VAL A 27 -0.41 7.40 -14.68
CA VAL A 27 -0.91 8.75 -14.48
C VAL A 27 -0.63 9.24 -13.06
N SER A 28 -1.29 8.61 -12.09
CA SER A 28 -1.11 8.97 -10.69
C SER A 28 -0.75 7.74 -9.86
N SER A 29 0.05 7.96 -8.81
CA SER A 29 0.46 6.86 -7.94
C SER A 29 0.47 7.31 -6.48
N HIS A 30 0.12 6.39 -5.59
CA HIS A 30 0.09 6.69 -4.16
C HIS A 30 1.39 6.26 -3.49
N TYR A 31 1.40 6.28 -2.16
CA TYR A 31 2.58 5.89 -1.40
C TYR A 31 2.19 5.18 -0.11
N CYS A 32 2.84 4.04 0.15
CA CYS A 32 2.56 3.28 1.35
C CYS A 32 3.37 3.79 2.54
N THR A 33 2.72 3.96 3.68
CA THR A 33 3.39 4.43 4.88
C THR A 33 3.83 3.28 5.76
N GLY A 34 3.92 2.09 5.18
CA GLY A 34 4.33 0.91 5.93
C GLY A 34 3.55 0.75 7.22
N ARG A 35 2.32 1.26 7.25
CA ARG A 35 1.49 1.17 8.44
C ARG A 35 0.25 0.32 8.17
N SER A 36 -0.30 0.45 6.96
CA SER A 36 -1.48 -0.30 6.58
C SER A 36 -1.50 -0.57 5.07
N CYS A 37 -2.32 -1.53 4.65
CA CYS A 37 -2.42 -1.88 3.24
C CYS A 37 -3.15 -0.79 2.46
N GLU A 38 -4.03 -0.06 3.14
CA GLU A 38 -4.79 1.00 2.50
C GLU A 38 -3.86 2.09 1.98
N CYS A 39 -4.01 2.41 0.68
CA CYS A 39 -3.18 3.43 0.06
C CYS A 39 -3.80 4.82 0.24
N PRO A 40 -2.96 5.87 0.33
CA PRO A 40 -3.43 7.25 0.51
C PRO A 40 -4.09 7.79 -0.75
N SER A 41 -5.16 8.57 -0.55
CA SER A 41 -5.88 9.16 -1.66
C SER A 41 -5.44 10.60 -1.91
N TYR A 42 -4.15 10.86 -1.71
CA TYR A 42 -3.61 12.19 -1.91
C TYR A 42 -2.11 12.13 -2.20
N PRO A 43 -1.73 11.92 -3.48
CA PRO A 43 -0.33 11.83 -3.88
C PRO A 43 0.38 13.18 -3.80
N GLY A 44 1.71 13.15 -3.74
CA GLY A 44 2.48 14.37 -3.67
C GLY A 44 3.91 14.19 -4.15
N ALA A 1 -1.70 -16.75 12.82
CA ALA A 1 -1.13 -15.45 12.37
C ALA A 1 -2.07 -14.30 12.70
N MET A 2 -3.22 -14.26 12.03
CA MET A 2 -4.20 -13.21 12.25
C MET A 2 -3.61 -11.84 11.93
N ASP A 3 -4.49 -10.89 11.60
CA ASP A 3 -4.05 -9.53 11.27
C ASP A 3 -3.14 -9.54 10.06
N CYS A 4 -3.73 -9.68 8.87
CA CYS A 4 -2.97 -9.70 7.63
C CYS A 4 -3.24 -8.45 6.80
N THR A 5 -4.47 -7.95 6.88
CA THR A 5 -4.86 -6.75 6.14
C THR A 5 -4.68 -6.96 4.64
N THR A 6 -5.63 -7.66 4.02
CA THR A 6 -5.59 -7.92 2.59
C THR A 6 -5.96 -6.68 1.80
N GLY A 7 -4.96 -6.07 1.16
CA GLY A 7 -5.20 -4.89 0.37
C GLY A 7 -4.25 -4.76 -0.81
N PRO A 8 -4.17 -3.58 -1.43
CA PRO A 8 -3.29 -3.35 -2.59
C PRO A 8 -1.81 -3.31 -2.20
N CYS A 9 -1.54 -2.92 -0.95
CA CYS A 9 -0.18 -2.83 -0.46
C CYS A 9 0.20 -4.07 0.34
N CYS A 10 -0.41 -5.20 -0.01
CA CYS A 10 -0.13 -6.46 0.68
C CYS A 10 -0.20 -7.63 -0.30
N ARG A 11 0.95 -8.28 -0.50
CA ARG A 11 1.01 -9.43 -1.41
C ARG A 11 0.07 -10.54 -0.98
N GLN A 12 -0.30 -10.53 0.30
CA GLN A 12 -1.20 -11.53 0.86
C GLN A 12 -1.35 -11.34 2.36
N CYS A 13 -0.30 -10.81 2.98
CA CYS A 13 -0.30 -10.56 4.42
C CYS A 13 0.80 -9.58 4.81
N LYS A 14 1.99 -9.78 4.26
CA LYS A 14 3.12 -8.91 4.54
C LYS A 14 2.97 -7.56 3.85
N LEU A 15 2.91 -6.50 4.65
CA LEU A 15 2.76 -5.15 4.11
C LEU A 15 4.03 -4.71 3.38
N LYS A 16 3.84 -3.97 2.28
CA LYS A 16 4.97 -3.50 1.49
C LYS A 16 5.84 -2.53 2.30
N PRO A 17 7.16 -2.50 2.02
CA PRO A 17 8.10 -1.63 2.72
C PRO A 17 7.67 -0.16 2.68
N ALA A 18 7.95 0.56 3.75
CA ALA A 18 7.59 1.97 3.84
C ALA A 18 8.26 2.77 2.72
N GLY A 19 7.47 3.19 1.75
CA GLY A 19 8.01 3.96 0.64
C GLY A 19 7.91 3.22 -0.68
N THR A 20 6.95 2.32 -0.78
CA THR A 20 6.74 1.55 -2.00
C THR A 20 5.54 2.07 -2.79
N THR A 21 5.46 1.69 -4.06
CA THR A 21 4.37 2.13 -4.91
C THR A 21 3.25 1.07 -4.95
N CYS A 22 2.05 1.47 -4.53
CA CYS A 22 0.91 0.57 -4.51
C CYS A 22 -0.06 0.91 -5.63
N TRP A 23 -0.22 2.21 -5.90
CA TRP A 23 -1.11 2.68 -6.95
C TRP A 23 -0.33 3.35 -8.07
N LYS A 24 -0.68 3.00 -9.31
CA LYS A 24 -0.01 3.57 -10.47
C LYS A 24 -0.97 3.66 -11.66
N THR A 25 -2.05 4.42 -11.48
CA THR A 25 -3.04 4.59 -12.54
C THR A 25 -2.47 5.42 -13.68
N SER A 26 -1.54 4.83 -14.43
CA SER A 26 -0.91 5.52 -15.56
C SER A 26 0.18 6.48 -15.08
N VAL A 27 -0.22 7.40 -14.22
CA VAL A 27 0.72 8.39 -13.69
C VAL A 27 0.48 8.62 -12.19
N SER A 28 -0.78 8.69 -11.80
CA SER A 28 -1.13 8.92 -10.40
C SER A 28 -0.62 7.78 -9.52
N SER A 29 -0.33 8.10 -8.27
CA SER A 29 0.17 7.11 -7.32
C SER A 29 -0.11 7.54 -5.88
N HIS A 30 -0.30 6.56 -5.00
CA HIS A 30 -0.58 6.85 -3.60
C HIS A 30 0.61 6.47 -2.72
N TYR A 31 1.36 5.45 -3.14
CA TYR A 31 2.52 5.00 -2.39
C TYR A 31 2.11 4.53 -0.99
N CYS A 32 3.06 3.94 -0.27
CA CYS A 32 2.80 3.45 1.08
C CYS A 32 3.86 3.96 2.06
N THR A 33 3.43 4.28 3.28
CA THR A 33 4.34 4.77 4.31
C THR A 33 4.55 3.72 5.39
N GLY A 34 4.41 2.45 5.02
CA GLY A 34 4.60 1.37 5.96
C GLY A 34 3.71 1.51 7.19
N ARG A 35 2.52 2.08 7.00
CA ARG A 35 1.58 2.27 8.10
C ARG A 35 0.41 1.30 7.98
N SER A 36 0.04 0.98 6.76
CA SER A 36 -1.07 0.06 6.51
C SER A 36 -1.22 -0.24 5.02
N CYS A 37 -2.10 -1.18 4.70
CA CYS A 37 -2.35 -1.56 3.31
C CYS A 37 -3.10 -0.46 2.56
N GLU A 38 -3.92 0.28 3.29
CA GLU A 38 -4.69 1.37 2.70
C GLU A 38 -3.78 2.53 2.30
N CYS A 39 -3.61 2.72 1.00
CA CYS A 39 -2.77 3.79 0.49
C CYS A 39 -3.40 5.16 0.75
N PRO A 40 -2.58 6.18 1.06
CA PRO A 40 -3.06 7.53 1.35
C PRO A 40 -3.91 8.08 0.21
N SER A 41 -4.96 8.82 0.56
CA SER A 41 -5.85 9.42 -0.43
C SER A 41 -5.15 10.49 -1.23
N TYR A 42 -4.22 11.19 -0.59
CA TYR A 42 -3.46 12.25 -1.24
C TYR A 42 -2.69 11.71 -2.44
N PRO A 43 -3.10 12.07 -3.66
CA PRO A 43 -2.43 11.61 -4.88
C PRO A 43 -1.04 12.22 -5.05
N GLY A 44 -0.02 11.45 -4.70
CA GLY A 44 1.35 11.92 -4.83
C GLY A 44 1.94 12.32 -3.48
N ALA A 1 -2.85 -11.89 17.28
CA ALA A 1 -1.79 -10.84 17.36
C ALA A 1 -1.67 -10.09 16.04
N MET A 2 -1.27 -10.80 14.99
CA MET A 2 -1.10 -10.19 13.68
C MET A 2 -2.46 -9.99 13.01
N ASP A 3 -2.50 -9.10 12.02
CA ASP A 3 -3.73 -8.80 11.29
C ASP A 3 -3.43 -8.49 9.82
N CYS A 4 -3.34 -9.52 9.01
CA CYS A 4 -3.06 -9.36 7.59
C CYS A 4 -4.29 -8.82 6.85
N THR A 5 -4.19 -7.59 6.37
CA THR A 5 -5.30 -6.96 5.65
C THR A 5 -5.14 -7.17 4.14
N THR A 6 -6.18 -6.77 3.39
CA THR A 6 -6.16 -6.91 1.94
C THR A 6 -5.95 -5.56 1.26
N GLY A 7 -5.03 -5.52 0.30
CA GLY A 7 -4.75 -4.29 -0.41
C GLY A 7 -3.54 -4.40 -1.32
N PRO A 8 -3.45 -3.55 -2.35
CA PRO A 8 -2.31 -3.56 -3.29
C PRO A 8 -0.97 -3.50 -2.58
N CYS A 9 -0.95 -2.90 -1.39
CA CYS A 9 0.27 -2.78 -0.61
C CYS A 9 0.42 -3.95 0.36
N CYS A 10 0.23 -5.16 -0.14
CA CYS A 10 0.34 -6.36 0.69
C CYS A 10 0.52 -7.60 -0.17
N ARG A 11 1.52 -8.41 0.16
CA ARG A 11 1.80 -9.63 -0.58
C ARG A 11 0.98 -10.79 -0.04
N GLN A 12 -0.34 -10.61 -0.03
CA GLN A 12 -1.25 -11.64 0.47
C GLN A 12 -1.21 -11.74 1.99
N CYS A 13 -0.50 -10.81 2.63
CA CYS A 13 -0.39 -10.81 4.09
C CYS A 13 0.47 -9.66 4.58
N LYS A 14 1.78 -9.73 4.28
CA LYS A 14 2.71 -8.69 4.69
C LYS A 14 2.59 -7.46 3.78
N LEU A 15 2.65 -6.28 4.39
CA LEU A 15 2.56 -5.03 3.65
C LEU A 15 3.89 -4.66 3.03
N LYS A 16 3.85 -3.93 1.93
CA LYS A 16 5.07 -3.50 1.24
C LYS A 16 5.82 -2.46 2.07
N PRO A 17 7.14 -2.33 1.83
CA PRO A 17 7.98 -1.37 2.55
C PRO A 17 7.42 0.05 2.49
N ALA A 18 7.60 0.79 3.58
CA ALA A 18 7.11 2.17 3.67
C ALA A 18 7.77 3.04 2.61
N GLY A 19 7.01 3.40 1.58
CA GLY A 19 7.54 4.24 0.52
C GLY A 19 7.61 3.52 -0.82
N THR A 20 6.72 2.53 -1.00
CA THR A 20 6.68 1.77 -2.23
C THR A 20 5.41 2.07 -3.02
N THR A 21 5.54 2.11 -4.34
CA THR A 21 4.40 2.40 -5.21
C THR A 21 3.51 1.16 -5.36
N CYS A 22 2.21 1.38 -5.45
CA CYS A 22 1.26 0.28 -5.59
C CYS A 22 0.39 0.47 -6.83
N TRP A 23 -0.06 1.71 -7.05
CA TRP A 23 -0.89 2.02 -8.21
C TRP A 23 -0.06 2.55 -9.35
N LYS A 24 0.47 3.76 -9.17
CA LYS A 24 1.29 4.40 -10.19
C LYS A 24 0.50 4.61 -11.48
N THR A 25 -0.78 4.89 -11.33
CA THR A 25 -1.65 5.12 -12.48
C THR A 25 -1.49 6.54 -13.03
N SER A 26 -1.77 6.71 -14.31
CA SER A 26 -1.65 8.03 -14.95
C SER A 26 -2.56 9.04 -14.27
N VAL A 27 -3.69 8.56 -13.75
CA VAL A 27 -4.65 9.44 -13.08
C VAL A 27 -4.16 9.80 -11.67
N SER A 28 -3.43 8.88 -11.05
CA SER A 28 -2.90 9.11 -9.71
C SER A 28 -1.97 7.97 -9.29
N SER A 29 -0.80 8.34 -8.77
CA SER A 29 0.19 7.35 -8.33
C SER A 29 0.25 7.29 -6.81
N HIS A 30 -0.51 6.37 -6.22
CA HIS A 30 -0.54 6.21 -4.78
C HIS A 30 0.67 5.41 -4.30
N TYR A 31 1.01 5.59 -3.03
CA TYR A 31 2.15 4.89 -2.44
C TYR A 31 1.74 4.17 -1.15
N CYS A 32 2.67 3.37 -0.62
CA CYS A 32 2.40 2.62 0.61
C CYS A 32 3.20 3.19 1.77
N THR A 33 2.51 3.52 2.86
CA THR A 33 3.15 4.09 4.04
C THR A 33 3.46 3.00 5.07
N GLY A 34 3.53 1.75 4.61
CA GLY A 34 3.81 0.64 5.50
C GLY A 34 2.89 0.60 6.70
N ARG A 35 1.69 1.16 6.54
CA ARG A 35 0.71 1.19 7.62
C ARG A 35 -0.47 0.27 7.31
N SER A 36 -0.81 0.17 6.03
CA SER A 36 -1.92 -0.67 5.59
C SER A 36 -1.75 -1.10 4.14
N CYS A 37 -2.50 -2.12 3.74
CA CYS A 37 -2.43 -2.62 2.37
C CYS A 37 -3.08 -1.64 1.39
N GLU A 38 -4.03 -0.86 1.89
CA GLU A 38 -4.72 0.13 1.06
C GLU A 38 -3.76 1.17 0.54
N CYS A 39 -4.14 1.86 -0.53
CA CYS A 39 -3.31 2.89 -1.13
C CYS A 39 -3.95 4.28 -0.95
N PRO A 40 -3.59 4.98 0.13
CA PRO A 40 -4.12 6.31 0.42
C PRO A 40 -4.03 7.25 -0.78
N SER A 41 -5.02 8.12 -0.92
CA SER A 41 -5.05 9.08 -2.02
C SER A 41 -3.82 9.97 -2.00
N TYR A 42 -3.28 10.20 -0.81
CA TYR A 42 -2.10 11.03 -0.65
C TYR A 42 -0.84 10.19 -0.47
N PRO A 43 -0.12 9.89 -1.57
CA PRO A 43 1.11 9.09 -1.52
C PRO A 43 2.24 9.82 -0.81
N GLY A 44 2.33 9.61 0.49
CA GLY A 44 3.38 10.26 1.27
C GLY A 44 4.69 9.50 1.21
N ALA A 1 -10.87 -12.03 10.93
CA ALA A 1 -10.00 -10.84 11.03
C ALA A 1 -8.56 -11.24 11.29
N MET A 2 -7.87 -11.67 10.24
CA MET A 2 -6.47 -12.08 10.36
C MET A 2 -5.56 -10.87 10.55
N ASP A 3 -4.32 -11.13 10.96
CA ASP A 3 -3.35 -10.07 11.19
C ASP A 3 -2.43 -9.90 9.98
N CYS A 4 -3.01 -10.04 8.79
CA CYS A 4 -2.24 -9.91 7.55
C CYS A 4 -2.60 -8.61 6.83
N THR A 5 -3.87 -8.25 6.90
CA THR A 5 -4.35 -7.03 6.26
C THR A 5 -4.14 -7.10 4.74
N THR A 6 -5.24 -7.11 4.00
CA THR A 6 -5.18 -7.18 2.54
C THR A 6 -5.19 -5.79 1.92
N GLY A 7 -4.73 -5.69 0.67
CA GLY A 7 -4.69 -4.42 -0.01
C GLY A 7 -3.64 -4.36 -1.08
N PRO A 8 -3.54 -3.25 -1.82
CA PRO A 8 -2.55 -3.08 -2.89
C PRO A 8 -1.12 -3.01 -2.36
N CYS A 9 -0.98 -2.60 -1.11
CA CYS A 9 0.33 -2.49 -0.49
C CYS A 9 0.63 -3.71 0.39
N CYS A 10 0.08 -4.86 -0.01
CA CYS A 10 0.28 -6.10 0.73
C CYS A 10 0.00 -7.31 -0.14
N ARG A 11 1.06 -8.02 -0.52
CA ARG A 11 0.91 -9.21 -1.36
C ARG A 11 -0.04 -10.23 -0.73
N GLN A 12 0.46 -11.00 0.23
CA GLN A 12 -0.35 -12.00 0.90
C GLN A 12 -0.44 -11.74 2.40
N CYS A 13 0.49 -10.96 2.93
CA CYS A 13 0.51 -10.63 4.35
C CYS A 13 1.48 -9.49 4.64
N LYS A 14 2.65 -9.54 4.01
CA LYS A 14 3.66 -8.51 4.21
C LYS A 14 3.30 -7.23 3.44
N LEU A 15 3.78 -6.10 3.92
CA LEU A 15 3.50 -4.82 3.28
C LEU A 15 4.72 -4.34 2.49
N LYS A 16 4.46 -3.68 1.36
CA LYS A 16 5.52 -3.18 0.51
C LYS A 16 6.41 -2.19 1.27
N PRO A 17 7.60 -1.88 0.74
CA PRO A 17 8.54 -0.95 1.38
C PRO A 17 8.00 0.48 1.40
N ALA A 18 8.33 1.21 2.47
CA ALA A 18 7.90 2.59 2.61
C ALA A 18 8.36 3.44 1.44
N GLY A 19 7.60 4.50 1.14
CA GLY A 19 7.95 5.38 0.05
C GLY A 19 7.89 4.69 -1.29
N THR A 20 7.05 3.66 -1.39
CA THR A 20 6.89 2.91 -2.63
C THR A 20 5.44 2.91 -3.08
N THR A 21 5.22 2.69 -4.38
CA THR A 21 3.88 2.66 -4.93
C THR A 21 3.15 1.36 -4.56
N CYS A 22 1.86 1.47 -4.31
CA CYS A 22 1.06 0.31 -3.93
C CYS A 22 -0.07 0.07 -4.95
N TRP A 23 -0.68 1.14 -5.40
CA TRP A 23 -1.77 1.04 -6.37
C TRP A 23 -1.25 1.24 -7.79
N LYS A 24 -0.88 2.47 -8.11
CA LYS A 24 -0.36 2.79 -9.44
C LYS A 24 -1.38 2.46 -10.52
N THR A 25 -2.06 3.47 -11.02
CA THR A 25 -3.07 3.28 -12.06
C THR A 25 -2.90 4.32 -13.17
N SER A 26 -1.76 4.26 -13.87
CA SER A 26 -1.47 5.18 -14.96
C SER A 26 -1.03 6.54 -14.43
N VAL A 27 -1.87 7.14 -13.60
CA VAL A 27 -1.56 8.44 -13.02
C VAL A 27 -1.84 8.46 -11.52
N SER A 28 -2.99 7.90 -11.14
CA SER A 28 -3.38 7.84 -9.73
C SER A 28 -2.62 6.74 -9.00
N SER A 29 -1.37 7.01 -8.67
CA SER A 29 -0.53 6.05 -7.96
C SER A 29 -0.40 6.41 -6.49
N HIS A 30 -0.94 5.57 -5.62
CA HIS A 30 -0.88 5.81 -4.18
C HIS A 30 0.42 5.28 -3.60
N TYR A 31 1.08 6.10 -2.78
CA TYR A 31 2.34 5.72 -2.16
C TYR A 31 2.10 5.09 -0.79
N CYS A 32 3.02 4.22 -0.37
CA CYS A 32 2.90 3.55 0.91
C CYS A 32 3.94 4.08 1.90
N THR A 33 3.59 4.06 3.19
CA THR A 33 4.49 4.55 4.22
C THR A 33 5.03 3.40 5.07
N GLY A 34 5.03 2.19 4.49
CA GLY A 34 5.53 1.03 5.21
C GLY A 34 4.86 0.83 6.55
N ARG A 35 3.59 1.23 6.63
CA ARG A 35 2.83 1.09 7.88
C ARG A 35 1.69 0.10 7.71
N SER A 36 0.69 0.50 6.93
CA SER A 36 -0.47 -0.35 6.68
C SER A 36 -0.61 -0.66 5.19
N CYS A 37 -1.39 -1.68 4.87
CA CYS A 37 -1.61 -2.08 3.48
C CYS A 37 -2.49 -1.06 2.76
N GLU A 38 -3.36 -0.39 3.51
CA GLU A 38 -4.26 0.60 2.95
C GLU A 38 -3.54 1.95 2.78
N CYS A 39 -3.10 2.22 1.56
CA CYS A 39 -2.40 3.47 1.27
C CYS A 39 -3.27 4.68 1.60
N PRO A 40 -2.66 5.80 2.00
CA PRO A 40 -3.39 7.03 2.35
C PRO A 40 -3.98 7.71 1.12
N SER A 41 -4.70 8.80 1.35
CA SER A 41 -5.32 9.55 0.26
C SER A 41 -4.47 10.76 -0.12
N TYR A 42 -3.16 10.62 0.02
CA TYR A 42 -2.23 11.70 -0.31
C TYR A 42 -1.06 11.19 -1.14
N PRO A 43 -1.21 11.15 -2.47
CA PRO A 43 -0.16 10.67 -3.38
C PRO A 43 1.02 11.63 -3.44
N GLY A 44 2.06 11.34 -2.66
CA GLY A 44 3.23 12.19 -2.65
C GLY A 44 4.10 11.97 -1.42
N ALA A 1 -0.20 -8.63 15.27
CA ALA A 1 0.05 -9.98 15.86
C ALA A 1 -0.31 -11.08 14.88
N MET A 2 -1.59 -11.14 14.50
CA MET A 2 -2.06 -12.16 13.57
C MET A 2 -2.98 -11.54 12.52
N ASP A 3 -2.71 -10.30 12.16
CA ASP A 3 -3.52 -9.59 11.17
C ASP A 3 -2.76 -9.47 9.85
N CYS A 4 -3.39 -9.92 8.77
CA CYS A 4 -2.77 -9.86 7.44
C CYS A 4 -3.36 -8.71 6.63
N THR A 5 -4.64 -8.42 6.83
CA THR A 5 -5.31 -7.35 6.12
C THR A 5 -5.26 -7.58 4.62
N THR A 6 -5.99 -6.74 3.87
CA THR A 6 -6.02 -6.85 2.42
C THR A 6 -5.87 -5.48 1.77
N GLY A 7 -5.30 -5.46 0.57
CA GLY A 7 -5.11 -4.21 -0.14
C GLY A 7 -4.00 -4.30 -1.17
N PRO A 8 -4.03 -3.42 -2.20
CA PRO A 8 -3.01 -3.41 -3.26
C PRO A 8 -1.59 -3.36 -2.70
N CYS A 9 -1.45 -2.77 -1.52
CA CYS A 9 -0.14 -2.65 -0.88
C CYS A 9 0.43 -4.03 -0.55
N CYS A 10 -0.40 -4.90 0.01
CA CYS A 10 0.02 -6.25 0.38
C CYS A 10 -0.49 -7.26 -0.63
N ARG A 11 0.27 -8.34 -0.82
CA ARG A 11 -0.11 -9.39 -1.76
C ARG A 11 -1.25 -10.23 -1.21
N GLN A 12 -0.91 -11.14 -0.28
CA GLN A 12 -1.92 -12.00 0.33
C GLN A 12 -1.75 -12.06 1.86
N CYS A 13 -0.85 -11.24 2.39
CA CYS A 13 -0.62 -11.22 3.83
C CYS A 13 0.50 -10.23 4.18
N LYS A 14 1.52 -10.18 3.33
CA LYS A 14 2.64 -9.28 3.55
C LYS A 14 2.44 -7.96 2.79
N LEU A 15 2.82 -6.86 3.44
CA LEU A 15 2.68 -5.53 2.84
C LEU A 15 4.03 -5.01 2.36
N LYS A 16 4.00 -4.22 1.29
CA LYS A 16 5.22 -3.64 0.73
C LYS A 16 5.94 -2.77 1.75
N PRO A 17 7.26 -2.63 1.62
CA PRO A 17 8.07 -1.81 2.54
C PRO A 17 7.51 -0.40 2.70
N ALA A 18 7.62 0.15 3.91
CA ALA A 18 7.13 1.48 4.19
C ALA A 18 7.82 2.51 3.31
N GLY A 19 7.10 3.03 2.32
CA GLY A 19 7.65 4.02 1.42
C GLY A 19 7.78 3.50 0.00
N THR A 20 6.91 2.57 -0.37
CA THR A 20 6.93 1.99 -1.70
C THR A 20 5.59 2.20 -2.41
N THR A 21 5.60 2.07 -3.73
CA THR A 21 4.38 2.24 -4.52
C THR A 21 3.49 1.01 -4.44
N CYS A 22 2.19 1.22 -4.45
CA CYS A 22 1.23 0.12 -4.39
C CYS A 22 0.34 0.09 -5.63
N TRP A 23 -0.08 1.27 -6.08
CA TRP A 23 -0.93 1.38 -7.26
C TRP A 23 -0.09 1.61 -8.51
N LYS A 24 0.56 2.77 -8.56
CA LYS A 24 1.40 3.13 -9.70
C LYS A 24 0.57 3.17 -10.99
N THR A 25 -0.15 4.28 -11.17
CA THR A 25 -0.98 4.45 -12.36
C THR A 25 -0.50 5.64 -13.19
N SER A 26 -1.08 5.81 -14.37
CA SER A 26 -0.72 6.91 -15.25
C SER A 26 -1.36 8.21 -14.78
N VAL A 27 -2.52 8.11 -14.16
CA VAL A 27 -3.23 9.28 -13.66
C VAL A 27 -2.62 9.78 -12.35
N SER A 28 -2.16 8.85 -11.53
CA SER A 28 -1.55 9.19 -10.25
C SER A 28 -1.08 7.94 -9.51
N SER A 29 0.20 7.91 -9.16
CA SER A 29 0.76 6.77 -8.45
C SER A 29 0.63 6.95 -6.94
N HIS A 30 0.25 5.87 -6.27
CA HIS A 30 0.08 5.90 -4.82
C HIS A 30 1.24 5.20 -4.12
N TYR A 31 1.52 5.62 -2.88
CA TYR A 31 2.61 5.04 -2.11
C TYR A 31 2.09 4.48 -0.79
N CYS A 32 2.96 3.78 -0.06
CA CYS A 32 2.59 3.20 1.22
C CYS A 32 3.52 3.67 2.33
N THR A 33 3.00 3.73 3.55
CA THR A 33 3.80 4.18 4.69
C THR A 33 4.04 3.03 5.66
N GLY A 34 3.98 1.79 5.15
CA GLY A 34 4.20 0.63 6.00
C GLY A 34 3.27 0.59 7.19
N ARG A 35 2.05 1.13 7.01
CA ARG A 35 1.07 1.15 8.08
C ARG A 35 -0.03 0.12 7.85
N SER A 36 -0.80 0.34 6.80
CA SER A 36 -1.90 -0.56 6.45
C SER A 36 -1.82 -0.97 4.98
N CYS A 37 -2.65 -1.93 4.60
CA CYS A 37 -2.67 -2.42 3.22
C CYS A 37 -3.36 -1.41 2.31
N GLU A 38 -4.32 -0.68 2.85
CA GLU A 38 -5.06 0.32 2.08
C GLU A 38 -4.15 1.50 1.71
N CYS A 39 -4.12 1.82 0.42
CA CYS A 39 -3.30 2.92 -0.07
C CYS A 39 -3.94 4.26 0.24
N PRO A 40 -3.13 5.32 0.39
CA PRO A 40 -3.62 6.67 0.70
C PRO A 40 -4.38 7.28 -0.47
N SER A 41 -5.03 8.41 -0.22
CA SER A 41 -5.80 9.10 -1.26
C SER A 41 -5.11 10.40 -1.68
N TYR A 42 -4.41 11.02 -0.73
CA TYR A 42 -3.70 12.26 -0.99
C TYR A 42 -2.31 11.98 -1.59
N PRO A 43 -2.11 12.31 -2.87
CA PRO A 43 -0.82 12.09 -3.54
C PRO A 43 0.27 13.03 -3.03
N GLY A 44 1.21 12.47 -2.27
CA GLY A 44 2.30 13.28 -1.74
C GLY A 44 3.25 13.75 -2.81
N ALA A 1 -4.05 -16.53 5.89
CA ALA A 1 -5.40 -17.07 6.15
C ALA A 1 -6.22 -16.12 7.04
N MET A 2 -5.57 -15.60 8.08
CA MET A 2 -6.23 -14.68 9.00
C MET A 2 -5.20 -13.82 9.73
N ASP A 3 -5.66 -12.71 10.30
CA ASP A 3 -4.79 -11.80 11.02
C ASP A 3 -3.71 -11.25 10.11
N CYS A 4 -4.07 -10.95 8.86
CA CYS A 4 -3.12 -10.42 7.89
C CYS A 4 -3.74 -9.26 7.12
N THR A 5 -3.09 -8.10 7.18
CA THR A 5 -3.57 -6.91 6.49
C THR A 5 -3.68 -7.16 4.98
N THR A 6 -4.90 -7.10 4.47
CA THR A 6 -5.14 -7.32 3.04
C THR A 6 -5.43 -6.00 2.33
N GLY A 7 -4.68 -5.74 1.26
CA GLY A 7 -4.87 -4.52 0.50
C GLY A 7 -3.79 -4.31 -0.54
N PRO A 8 -3.80 -3.16 -1.24
CA PRO A 8 -2.80 -2.86 -2.27
C PRO A 8 -1.41 -2.64 -1.69
N CYS A 9 -1.37 -2.19 -0.44
CA CYS A 9 -0.10 -1.93 0.24
C CYS A 9 0.45 -3.22 0.86
N CYS A 10 -0.45 -4.14 1.21
CA CYS A 10 -0.05 -5.40 1.82
C CYS A 10 -0.09 -6.53 0.78
N ARG A 11 0.52 -7.67 1.14
CA ARG A 11 0.55 -8.82 0.25
C ARG A 11 1.31 -9.98 0.91
N GLN A 12 0.71 -11.16 0.91
CA GLN A 12 1.32 -12.34 1.50
C GLN A 12 1.49 -12.18 3.01
N CYS A 13 0.81 -11.18 3.58
CA CYS A 13 0.89 -10.90 5.01
C CYS A 13 2.21 -10.22 5.36
N LYS A 14 2.36 -8.99 4.90
CA LYS A 14 3.57 -8.22 5.17
C LYS A 14 3.45 -6.82 4.57
N LEU A 15 3.30 -5.82 5.45
CA LEU A 15 3.18 -4.43 5.01
C LEU A 15 4.39 -4.01 4.19
N LYS A 16 4.12 -3.43 3.02
CA LYS A 16 5.20 -2.98 2.14
C LYS A 16 6.06 -1.92 2.82
N PRO A 17 7.37 -1.89 2.51
CA PRO A 17 8.30 -0.93 3.10
C PRO A 17 7.84 0.52 2.91
N ALA A 18 8.12 1.35 3.91
CA ALA A 18 7.74 2.75 3.86
C ALA A 18 8.36 3.45 2.65
N GLY A 19 7.53 3.84 1.70
CA GLY A 19 8.02 4.51 0.52
C GLY A 19 7.80 3.70 -0.75
N THR A 20 6.89 2.72 -0.68
CA THR A 20 6.59 1.87 -1.82
C THR A 20 5.20 2.16 -2.37
N THR A 21 5.10 2.34 -3.68
CA THR A 21 3.82 2.62 -4.33
C THR A 21 2.79 1.55 -3.99
N CYS A 22 1.52 1.90 -4.16
CA CYS A 22 0.43 0.96 -3.89
C CYS A 22 -0.77 1.23 -4.79
N TRP A 23 -0.49 1.73 -5.99
CA TRP A 23 -1.55 2.04 -6.94
C TRP A 23 -0.96 2.52 -8.27
N LYS A 24 -1.82 2.68 -9.26
CA LYS A 24 -1.39 3.13 -10.58
C LYS A 24 -2.58 3.32 -11.51
N THR A 25 -3.39 4.35 -11.24
CA THR A 25 -4.56 4.64 -12.05
C THR A 25 -4.15 5.14 -13.44
N SER A 26 -3.60 4.24 -14.24
CA SER A 26 -3.16 4.58 -15.60
C SER A 26 -1.82 5.30 -15.57
N VAL A 27 -1.78 6.42 -14.84
CA VAL A 27 -0.56 7.21 -14.73
C VAL A 27 -0.29 7.61 -13.29
N SER A 28 -1.34 8.04 -12.60
CA SER A 28 -1.22 8.46 -11.20
C SER A 28 -1.13 7.25 -10.28
N SER A 29 -0.44 7.42 -9.16
CA SER A 29 -0.28 6.33 -8.19
C SER A 29 -0.20 6.89 -6.77
N HIS A 30 -0.05 6.00 -5.80
CA HIS A 30 0.05 6.41 -4.40
C HIS A 30 1.24 5.74 -3.71
N TYR A 31 2.00 6.51 -2.97
CA TYR A 31 3.17 6.00 -2.26
C TYR A 31 2.80 5.55 -0.85
N CYS A 32 3.07 4.29 -0.55
CA CYS A 32 2.77 3.73 0.76
C CYS A 32 3.79 4.20 1.80
N THR A 33 3.31 4.51 3.00
CA THR A 33 4.19 4.97 4.07
C THR A 33 4.59 3.80 4.98
N GLY A 34 4.44 2.58 4.49
CA GLY A 34 4.79 1.41 5.28
C GLY A 34 4.18 1.43 6.67
N ARG A 35 3.00 2.03 6.78
CA ARG A 35 2.32 2.12 8.07
C ARG A 35 1.11 1.19 8.11
N SER A 36 0.11 1.51 7.30
CA SER A 36 -1.11 0.72 7.23
C SER A 36 -1.39 0.28 5.80
N CYS A 37 -2.38 -0.60 5.65
CA CYS A 37 -2.75 -1.10 4.33
C CYS A 37 -3.48 -0.03 3.53
N GLU A 38 -4.22 0.83 4.22
CA GLU A 38 -4.97 1.90 3.58
C GLU A 38 -4.02 2.95 3.00
N CYS A 39 -3.96 3.03 1.69
CA CYS A 39 -3.09 3.98 1.01
C CYS A 39 -3.51 5.42 1.34
N PRO A 40 -2.56 6.37 1.24
CA PRO A 40 -2.84 7.78 1.53
C PRO A 40 -3.77 8.41 0.50
N SER A 41 -4.15 9.67 0.74
CA SER A 41 -5.03 10.39 -0.16
C SER A 41 -4.29 11.49 -0.91
N TYR A 42 -3.02 11.22 -1.22
CA TYR A 42 -2.19 12.20 -1.94
C TYR A 42 -1.20 11.49 -2.86
N PRO A 43 -0.86 12.12 -4.00
CA PRO A 43 0.08 11.54 -4.96
C PRO A 43 1.52 11.56 -4.45
N GLY A 44 2.02 10.39 -4.07
CA GLY A 44 3.38 10.29 -3.57
C GLY A 44 3.46 10.51 -2.06
N ALA A 1 0.64 -13.97 12.41
CA ALA A 1 -0.71 -13.49 12.02
C ALA A 1 -1.30 -12.61 13.12
N MET A 2 -1.55 -11.35 12.79
CA MET A 2 -2.10 -10.39 13.74
C MET A 2 -3.25 -9.61 13.11
N ASP A 3 -3.02 -9.09 11.90
CA ASP A 3 -4.03 -8.32 11.19
C ASP A 3 -4.09 -8.72 9.72
N CYS A 4 -2.93 -8.81 9.09
CA CYS A 4 -2.84 -9.18 7.68
C CYS A 4 -3.56 -8.16 6.80
N THR A 5 -4.88 -8.27 6.73
CA THR A 5 -5.68 -7.35 5.92
C THR A 5 -5.37 -7.52 4.44
N THR A 6 -6.28 -7.06 3.58
CA THR A 6 -6.09 -7.15 2.14
C THR A 6 -6.02 -5.77 1.51
N GLY A 7 -5.14 -5.63 0.52
CA GLY A 7 -5.00 -4.35 -0.15
C GLY A 7 -3.69 -4.24 -0.92
N PRO A 8 -3.56 -3.27 -1.83
CA PRO A 8 -2.35 -3.07 -2.64
C PRO A 8 -1.15 -2.64 -1.78
N CYS A 9 -0.74 -3.51 -0.87
CA CYS A 9 0.39 -3.22 0.00
C CYS A 9 0.71 -4.40 0.91
N CYS A 10 0.56 -5.61 0.36
CA CYS A 10 0.83 -6.83 1.11
C CYS A 10 0.64 -8.06 0.24
N ARG A 11 1.59 -8.98 0.29
CA ARG A 11 1.53 -10.20 -0.50
C ARG A 11 0.29 -11.01 -0.15
N GLN A 12 0.33 -11.72 0.97
CA GLN A 12 -0.81 -12.52 1.41
C GLN A 12 -1.10 -12.33 2.90
N CYS A 13 -0.39 -11.38 3.53
CA CYS A 13 -0.57 -11.10 4.95
C CYS A 13 0.44 -10.06 5.42
N LYS A 14 1.67 -10.17 4.92
CA LYS A 14 2.72 -9.24 5.31
C LYS A 14 2.54 -7.89 4.62
N LEU A 15 2.72 -6.82 5.38
CA LEU A 15 2.58 -5.47 4.86
C LEU A 15 3.83 -5.06 4.08
N LYS A 16 3.62 -4.48 2.90
CA LYS A 16 4.74 -4.04 2.06
C LYS A 16 5.59 -3.01 2.79
N PRO A 17 6.86 -2.85 2.38
CA PRO A 17 7.78 -1.89 3.00
C PRO A 17 7.22 -0.47 3.01
N ALA A 18 7.50 0.26 4.08
CA ALA A 18 7.03 1.64 4.21
C ALA A 18 7.67 2.54 3.16
N GLY A 19 6.90 2.86 2.13
CA GLY A 19 7.40 3.72 1.08
C GLY A 19 7.41 3.03 -0.28
N THR A 20 6.45 2.13 -0.49
CA THR A 20 6.35 1.40 -1.75
C THR A 20 5.17 1.90 -2.57
N THR A 21 5.35 1.98 -3.88
CA THR A 21 4.30 2.44 -4.77
C THR A 21 3.16 1.42 -4.85
N CYS A 22 1.93 1.90 -4.72
CA CYS A 22 0.75 1.04 -4.77
C CYS A 22 -0.19 1.47 -5.89
N TRP A 23 -0.38 2.79 -6.01
CA TRP A 23 -1.27 3.33 -7.04
C TRP A 23 -0.46 3.78 -8.25
N LYS A 24 -0.88 3.34 -9.43
CA LYS A 24 -0.21 3.70 -10.67
C LYS A 24 -1.21 4.06 -11.76
N THR A 25 -2.22 4.85 -11.38
CA THR A 25 -3.26 5.26 -12.32
C THR A 25 -2.65 6.05 -13.48
N SER A 26 -3.48 6.36 -14.47
CA SER A 26 -3.01 7.10 -15.64
C SER A 26 -3.05 8.60 -15.38
N VAL A 27 -2.34 9.03 -14.34
CA VAL A 27 -2.30 10.45 -13.99
C VAL A 27 -1.26 10.70 -12.90
N SER A 28 -1.21 9.81 -11.92
CA SER A 28 -0.26 9.94 -10.81
C SER A 28 -0.17 8.62 -10.04
N SER A 29 0.91 8.48 -9.26
CA SER A 29 1.13 7.28 -8.47
C SER A 29 1.50 7.64 -7.03
N HIS A 30 0.81 7.02 -6.08
CA HIS A 30 1.07 7.28 -4.67
C HIS A 30 2.01 6.22 -4.08
N TYR A 31 2.22 6.29 -2.77
CA TYR A 31 3.10 5.34 -2.09
C TYR A 31 2.43 4.77 -0.84
N CYS A 32 3.07 3.79 -0.24
CA CYS A 32 2.54 3.15 0.96
C CYS A 32 3.36 3.53 2.19
N THR A 33 2.73 3.42 3.36
CA THR A 33 3.41 3.76 4.61
C THR A 33 3.64 2.50 5.47
N GLY A 34 3.56 1.34 4.84
CA GLY A 34 3.76 0.09 5.55
C GLY A 34 2.95 0.00 6.84
N ARG A 35 1.76 0.59 6.82
CA ARG A 35 0.89 0.58 7.99
C ARG A 35 -0.40 -0.19 7.71
N SER A 36 -0.92 -0.04 6.50
CA SER A 36 -2.15 -0.72 6.10
C SER A 36 -2.01 -1.32 4.71
N CYS A 37 -2.81 -2.36 4.44
CA CYS A 37 -2.79 -3.02 3.15
C CYS A 37 -3.39 -2.14 2.06
N GLU A 38 -4.27 -1.23 2.47
CA GLU A 38 -4.93 -0.32 1.52
C GLU A 38 -3.99 0.80 1.11
N CYS A 39 -4.04 1.17 -0.17
CA CYS A 39 -3.19 2.23 -0.69
C CYS A 39 -3.81 3.61 -0.41
N PRO A 40 -3.01 4.58 0.05
CA PRO A 40 -3.49 5.93 0.35
C PRO A 40 -3.84 6.71 -0.90
N SER A 41 -4.62 7.77 -0.74
CA SER A 41 -5.03 8.61 -1.85
C SER A 41 -4.53 10.03 -1.69
N TYR A 42 -3.31 10.16 -1.17
CA TYR A 42 -2.70 11.48 -0.95
C TYR A 42 -1.49 11.68 -1.86
N PRO A 43 -1.71 12.23 -3.07
CA PRO A 43 -0.64 12.48 -4.03
C PRO A 43 0.53 13.24 -3.42
N GLY A 44 1.73 12.70 -3.54
CA GLY A 44 2.91 13.35 -3.00
C GLY A 44 3.13 14.72 -3.60
N ALA A 1 -3.80 -4.92 15.97
CA ALA A 1 -5.05 -5.07 15.18
C ALA A 1 -4.78 -5.73 13.84
N MET A 2 -3.82 -5.17 13.10
CA MET A 2 -3.46 -5.70 11.78
C MET A 2 -2.65 -6.99 11.92
N ASP A 3 -3.09 -8.04 11.23
CA ASP A 3 -2.41 -9.33 11.28
C ASP A 3 -1.67 -9.59 9.98
N CYS A 4 -2.31 -9.28 8.86
CA CYS A 4 -1.71 -9.48 7.54
C CYS A 4 -2.47 -8.72 6.47
N THR A 5 -3.80 -8.79 6.53
CA THR A 5 -4.65 -8.11 5.57
C THR A 5 -4.35 -8.59 4.15
N THR A 6 -5.29 -8.32 3.23
CA THR A 6 -5.12 -8.73 1.85
C THR A 6 -5.50 -7.59 0.90
N GLY A 7 -4.52 -7.13 0.12
CA GLY A 7 -4.77 -6.04 -0.82
C GLY A 7 -3.69 -5.93 -1.87
N PRO A 8 -3.70 -4.83 -2.66
CA PRO A 8 -2.70 -4.62 -3.70
C PRO A 8 -1.32 -4.32 -3.14
N CYS A 9 -1.28 -3.78 -1.93
CA CYS A 9 -0.02 -3.44 -1.28
C CYS A 9 0.41 -4.56 -0.33
N CYS A 10 0.20 -5.80 -0.74
CA CYS A 10 0.57 -6.96 0.08
C CYS A 10 0.86 -8.17 -0.79
N ARG A 11 1.93 -8.88 -0.48
CA ARG A 11 2.31 -10.08 -1.23
C ARG A 11 1.32 -11.21 -0.99
N GLN A 12 0.69 -11.21 0.18
CA GLN A 12 -0.28 -12.23 0.55
C GLN A 12 -0.58 -12.16 2.04
N CYS A 13 0.39 -11.69 2.81
CA CYS A 13 0.24 -11.57 4.26
C CYS A 13 0.82 -10.25 4.76
N LYS A 14 2.02 -9.92 4.31
CA LYS A 14 2.69 -8.70 4.71
C LYS A 14 2.33 -7.55 3.78
N LEU A 15 2.78 -6.34 4.12
CA LEU A 15 2.50 -5.16 3.31
C LEU A 15 3.80 -4.52 2.82
N LYS A 16 3.72 -3.80 1.70
CA LYS A 16 4.88 -3.13 1.14
C LYS A 16 5.49 -2.15 2.15
N PRO A 17 6.81 -1.88 2.02
CA PRO A 17 7.51 -0.96 2.91
C PRO A 17 6.98 0.46 2.82
N ALA A 18 7.05 1.19 3.93
CA ALA A 18 6.58 2.57 3.98
C ALA A 18 7.25 3.42 2.91
N GLY A 19 6.49 3.80 1.89
CA GLY A 19 7.04 4.62 0.82
C GLY A 19 7.06 3.88 -0.51
N THR A 20 6.21 2.87 -0.65
CA THR A 20 6.14 2.09 -1.88
C THR A 20 4.98 2.56 -2.74
N THR A 21 5.00 2.17 -4.02
CA THR A 21 3.94 2.54 -4.96
C THR A 21 3.06 1.34 -5.28
N CYS A 22 1.75 1.57 -5.32
CA CYS A 22 0.80 0.51 -5.62
C CYS A 22 -0.26 0.99 -6.62
N TRP A 23 -0.80 2.17 -6.36
CA TRP A 23 -1.82 2.74 -7.23
C TRP A 23 -1.19 3.50 -8.40
N LYS A 24 -2.00 3.78 -9.41
CA LYS A 24 -1.51 4.51 -10.59
C LYS A 24 -2.65 4.79 -11.56
N THR A 25 -3.45 5.80 -11.25
CA THR A 25 -4.57 6.18 -12.10
C THR A 25 -4.11 7.05 -13.26
N SER A 26 -3.28 6.48 -14.13
CA SER A 26 -2.75 7.19 -15.30
C SER A 26 -1.63 8.13 -14.91
N VAL A 27 -1.93 9.03 -13.98
CA VAL A 27 -0.94 10.00 -13.52
C VAL A 27 -0.81 9.96 -11.99
N SER A 28 -1.95 9.91 -11.32
CA SER A 28 -1.96 9.87 -9.86
C SER A 28 -1.61 8.48 -9.34
N SER A 29 -0.55 8.40 -8.54
CA SER A 29 -0.10 7.13 -7.98
C SER A 29 0.21 7.27 -6.50
N HIS A 30 -0.72 6.81 -5.66
CA HIS A 30 -0.55 6.89 -4.21
C HIS A 30 0.53 5.93 -3.75
N TYR A 31 0.88 6.02 -2.46
CA TYR A 31 1.91 5.15 -1.89
C TYR A 31 1.43 4.53 -0.58
N CYS A 32 2.20 3.60 -0.04
CA CYS A 32 1.86 2.93 1.21
C CYS A 32 2.81 3.34 2.32
N THR A 33 2.40 3.12 3.56
CA THR A 33 3.22 3.46 4.72
C THR A 33 3.55 2.22 5.55
N GLY A 34 3.55 1.05 4.88
CA GLY A 34 3.85 -0.18 5.57
C GLY A 34 2.96 -0.42 6.78
N ARG A 35 1.71 0.05 6.69
CA ARG A 35 0.76 -0.12 7.78
C ARG A 35 -0.31 -1.14 7.43
N SER A 36 -0.65 -1.21 6.15
CA SER A 36 -1.67 -2.15 5.67
C SER A 36 -1.70 -2.20 4.15
N CYS A 37 -2.48 -3.12 3.61
CA CYS A 37 -2.60 -3.28 2.17
C CYS A 37 -3.38 -2.11 1.55
N GLU A 38 -4.29 -1.56 2.33
CA GLU A 38 -5.11 -0.42 1.87
C GLU A 38 -4.23 0.76 1.53
N CYS A 39 -3.98 0.96 0.23
CA CYS A 39 -3.15 2.06 -0.24
C CYS A 39 -3.74 3.41 0.20
N PRO A 40 -3.09 4.10 1.15
CA PRO A 40 -3.56 5.40 1.63
C PRO A 40 -3.45 6.50 0.58
N SER A 41 -3.91 7.70 0.93
CA SER A 41 -3.86 8.83 0.01
C SER A 41 -2.71 9.77 0.37
N TYR A 42 -1.56 9.18 0.71
CA TYR A 42 -0.38 9.97 1.07
C TYR A 42 0.74 9.77 0.05
N PRO A 43 0.74 10.59 -1.02
CA PRO A 43 1.75 10.51 -2.07
C PRO A 43 3.17 10.56 -1.50
N GLY A 44 4.16 10.56 -2.39
CA GLY A 44 5.54 10.61 -1.97
C GLY A 44 6.51 10.16 -3.05
N ALA A 1 -1.79 -16.49 14.72
CA ALA A 1 -2.03 -15.22 15.45
C ALA A 1 -2.00 -14.03 14.50
N MET A 2 -2.34 -12.86 15.01
CA MET A 2 -2.36 -11.65 14.22
C MET A 2 -3.34 -11.77 13.06
N ASP A 3 -3.35 -10.76 12.19
CA ASP A 3 -4.25 -10.75 11.04
C ASP A 3 -3.46 -10.50 9.75
N CYS A 4 -4.04 -10.94 8.63
CA CYS A 4 -3.39 -10.76 7.33
C CYS A 4 -4.04 -9.62 6.55
N THR A 5 -3.26 -8.59 6.26
CA THR A 5 -3.76 -7.43 5.52
C THR A 5 -3.64 -7.65 4.02
N THR A 6 -4.77 -7.89 3.36
CA THR A 6 -4.78 -8.11 1.93
C THR A 6 -5.31 -6.89 1.18
N GLY A 7 -4.58 -6.45 0.17
CA GLY A 7 -5.00 -5.30 -0.61
C GLY A 7 -4.02 -4.96 -1.72
N PRO A 8 -4.06 -3.72 -2.23
CA PRO A 8 -3.17 -3.28 -3.30
C PRO A 8 -1.73 -3.10 -2.83
N CYS A 9 -1.56 -2.80 -1.54
CA CYS A 9 -0.24 -2.61 -0.97
C CYS A 9 0.16 -3.79 -0.09
N CYS A 10 -0.39 -4.96 -0.40
CA CYS A 10 -0.08 -6.17 0.36
C CYS A 10 -0.01 -7.39 -0.55
N ARG A 11 1.09 -8.12 -0.46
CA ARG A 11 1.27 -9.32 -1.28
C ARG A 11 0.18 -10.34 -1.02
N GLN A 12 0.32 -11.10 0.07
CA GLN A 12 -0.66 -12.12 0.42
C GLN A 12 -0.98 -12.09 1.92
N CYS A 13 -0.45 -11.09 2.63
CA CYS A 13 -0.69 -10.96 4.06
C CYS A 13 -0.01 -9.72 4.62
N LYS A 14 1.25 -9.50 4.21
CA LYS A 14 2.01 -8.35 4.67
C LYS A 14 1.85 -7.17 3.72
N LEU A 15 2.27 -5.99 4.17
CA LEU A 15 2.17 -4.79 3.35
C LEU A 15 3.54 -4.42 2.77
N LYS A 16 3.53 -3.51 1.80
CA LYS A 16 4.77 -3.07 1.16
C LYS A 16 5.61 -2.23 2.12
N PRO A 17 6.94 -2.21 1.93
CA PRO A 17 7.85 -1.44 2.79
C PRO A 17 7.44 0.03 2.89
N ALA A 18 7.71 0.62 4.05
CA ALA A 18 7.36 2.02 4.28
C ALA A 18 8.03 2.93 3.26
N GLY A 19 7.24 3.47 2.35
CA GLY A 19 7.77 4.35 1.32
C GLY A 19 7.70 3.73 -0.07
N THR A 20 6.75 2.81 -0.25
CA THR A 20 6.59 2.15 -1.55
C THR A 20 5.18 2.37 -2.08
N THR A 21 5.10 2.74 -3.36
CA THR A 21 3.82 2.98 -4.02
C THR A 21 2.93 1.73 -3.96
N CYS A 22 1.68 1.90 -4.37
CA CYS A 22 0.73 0.79 -4.37
C CYS A 22 -0.23 0.89 -5.56
N TRP A 23 -0.78 2.09 -5.75
CA TRP A 23 -1.71 2.32 -6.85
C TRP A 23 -1.04 2.12 -8.19
N LYS A 24 -0.13 3.03 -8.53
CA LYS A 24 0.60 2.95 -9.80
C LYS A 24 -0.36 2.89 -10.97
N THR A 25 -0.97 4.02 -11.30
CA THR A 25 -1.91 4.09 -12.41
C THR A 25 -1.56 5.25 -13.35
N SER A 26 -2.25 5.31 -14.49
CA SER A 26 -2.01 6.36 -15.47
C SER A 26 -2.17 7.74 -14.86
N VAL A 27 -2.90 7.83 -13.75
CA VAL A 27 -3.13 9.10 -13.08
C VAL A 27 -1.96 9.46 -12.17
N SER A 28 -1.61 8.54 -11.28
CA SER A 28 -0.52 8.75 -10.35
C SER A 28 -0.32 7.53 -9.46
N SER A 29 0.45 7.69 -8.39
CA SER A 29 0.72 6.60 -7.46
C SER A 29 0.71 7.10 -6.01
N HIS A 30 0.40 6.21 -5.09
CA HIS A 30 0.36 6.56 -3.67
C HIS A 30 1.42 5.80 -2.88
N TYR A 31 2.39 6.53 -2.35
CA TYR A 31 3.46 5.92 -1.58
C TYR A 31 2.96 5.44 -0.23
N CYS A 32 3.02 4.13 -0.01
CA CYS A 32 2.58 3.55 1.25
C CYS A 32 3.50 3.95 2.40
N THR A 33 2.90 4.18 3.56
CA THR A 33 3.67 4.57 4.75
C THR A 33 3.97 3.36 5.62
N GLY A 34 3.92 2.17 5.03
CA GLY A 34 4.18 0.96 5.79
C GLY A 34 3.35 0.85 7.04
N ARG A 35 2.17 1.46 7.02
CA ARG A 35 1.26 1.42 8.17
C ARG A 35 0.09 0.48 7.91
N SER A 36 -0.35 0.42 6.66
CA SER A 36 -1.47 -0.44 6.28
C SER A 36 -1.64 -0.49 4.77
N CYS A 37 -2.54 -1.35 4.31
CA CYS A 37 -2.80 -1.50 2.89
C CYS A 37 -3.55 -0.28 2.34
N GLU A 38 -4.37 0.33 3.20
CA GLU A 38 -5.14 1.50 2.80
C GLU A 38 -4.22 2.63 2.36
N CYS A 39 -4.02 2.75 1.05
CA CYS A 39 -3.16 3.79 0.49
C CYS A 39 -3.72 5.17 0.79
N PRO A 40 -2.85 6.18 0.94
CA PRO A 40 -3.27 7.56 1.22
C PRO A 40 -3.97 8.21 0.03
N SER A 41 -4.43 9.44 0.22
CA SER A 41 -5.12 10.17 -0.83
C SER A 41 -4.26 11.33 -1.34
N TYR A 42 -2.94 11.14 -1.30
CA TYR A 42 -2.01 12.16 -1.76
C TYR A 42 -1.17 11.66 -2.93
N PRO A 43 -1.73 11.73 -4.15
CA PRO A 43 -1.02 11.28 -5.37
C PRO A 43 0.37 11.90 -5.49
N GLY A 44 1.34 11.08 -5.88
CA GLY A 44 2.70 11.57 -6.04
C GLY A 44 2.83 12.60 -7.14
N ALA A 1 -3.59 -11.44 16.21
CA ALA A 1 -3.10 -12.82 15.94
C ALA A 1 -4.04 -13.54 14.97
N MET A 2 -3.47 -14.43 14.16
CA MET A 2 -4.25 -15.19 13.20
C MET A 2 -4.94 -14.26 12.20
N ASP A 3 -4.25 -13.17 11.85
CA ASP A 3 -4.80 -12.20 10.91
C ASP A 3 -3.77 -11.84 9.84
N CYS A 4 -4.20 -11.85 8.59
CA CYS A 4 -3.31 -11.53 7.47
C CYS A 4 -3.63 -10.15 6.91
N THR A 5 -2.61 -9.49 6.37
CA THR A 5 -2.78 -8.15 5.79
C THR A 5 -3.04 -8.24 4.30
N THR A 6 -4.28 -7.95 3.89
CA THR A 6 -4.66 -8.01 2.48
C THR A 6 -4.90 -6.60 1.94
N GLY A 7 -4.81 -6.46 0.62
CA GLY A 7 -5.01 -5.17 0.00
C GLY A 7 -4.00 -4.87 -1.08
N PRO A 8 -4.07 -3.68 -1.71
CA PRO A 8 -3.14 -3.30 -2.77
C PRO A 8 -1.74 -3.04 -2.25
N CYS A 9 -1.65 -2.55 -1.01
CA CYS A 9 -0.36 -2.27 -0.38
C CYS A 9 0.05 -3.42 0.54
N CYS A 10 -0.35 -4.63 0.19
CA CYS A 10 -0.03 -5.81 1.00
C CYS A 10 0.01 -7.06 0.12
N ARG A 11 0.91 -7.99 0.47
CA ARG A 11 1.05 -9.22 -0.27
C ARG A 11 0.38 -10.39 0.47
N GLN A 12 -0.94 -10.39 0.49
CA GLN A 12 -1.71 -11.43 1.17
C GLN A 12 -1.53 -11.36 2.67
N CYS A 13 -0.32 -11.66 3.13
CA CYS A 13 -0.01 -11.63 4.56
C CYS A 13 1.30 -10.89 4.81
N LYS A 14 1.51 -9.80 4.07
CA LYS A 14 2.71 -8.99 4.22
C LYS A 14 2.46 -7.56 3.79
N LEU A 15 3.09 -6.62 4.49
CA LEU A 15 2.93 -5.20 4.19
C LEU A 15 4.09 -4.70 3.33
N LYS A 16 3.80 -3.79 2.42
CA LYS A 16 4.82 -3.22 1.54
C LYS A 16 5.70 -2.22 2.29
N PRO A 17 6.92 -1.97 1.80
CA PRO A 17 7.85 -1.03 2.43
C PRO A 17 7.38 0.41 2.32
N ALA A 18 7.64 1.20 3.36
CA ALA A 18 7.23 2.60 3.38
C ALA A 18 7.85 3.36 2.21
N GLY A 19 7.29 4.53 1.91
CA GLY A 19 7.80 5.33 0.82
C GLY A 19 7.75 4.61 -0.51
N THR A 20 6.87 3.61 -0.61
CA THR A 20 6.73 2.83 -1.84
C THR A 20 5.33 2.98 -2.42
N THR A 21 5.26 3.34 -3.69
CA THR A 21 3.97 3.51 -4.36
C THR A 21 3.16 2.22 -4.34
N CYS A 22 1.90 2.31 -4.71
CA CYS A 22 1.01 1.15 -4.73
C CYS A 22 0.01 1.24 -5.88
N TRP A 23 -0.61 2.41 -6.03
CA TRP A 23 -1.58 2.62 -7.08
C TRP A 23 -0.91 3.12 -8.36
N LYS A 24 -1.56 2.90 -9.49
CA LYS A 24 -1.02 3.32 -10.78
C LYS A 24 -2.15 3.61 -11.77
N THR A 25 -2.72 4.80 -11.65
CA THR A 25 -3.81 5.21 -12.54
C THR A 25 -3.27 5.83 -13.82
N SER A 26 -2.56 5.02 -14.60
CA SER A 26 -1.96 5.47 -15.87
C SER A 26 -0.69 6.27 -15.63
N VAL A 27 -0.83 7.33 -14.83
CA VAL A 27 0.31 8.20 -14.51
C VAL A 27 0.38 8.48 -13.02
N SER A 28 -0.78 8.80 -12.44
CA SER A 28 -0.86 9.10 -11.01
C SER A 28 -0.73 7.83 -10.18
N SER A 29 -0.23 7.98 -8.97
CA SER A 29 -0.06 6.84 -8.06
C SER A 29 -0.22 7.26 -6.61
N HIS A 30 -0.12 6.30 -5.69
CA HIS A 30 -0.25 6.58 -4.27
C HIS A 30 0.96 6.04 -3.50
N TYR A 31 1.63 6.92 -2.77
CA TYR A 31 2.80 6.54 -1.99
C TYR A 31 2.39 5.89 -0.67
N CYS A 32 2.77 4.63 -0.49
CA CYS A 32 2.44 3.90 0.73
C CYS A 32 3.51 4.11 1.80
N THR A 33 3.07 4.22 3.05
CA THR A 33 4.00 4.42 4.17
C THR A 33 4.29 3.11 4.88
N GLY A 34 4.00 1.99 4.22
CA GLY A 34 4.24 0.69 4.81
C GLY A 34 3.63 0.55 6.20
N ARG A 35 2.58 1.31 6.46
CA ARG A 35 1.91 1.28 7.76
C ARG A 35 0.63 0.45 7.69
N SER A 36 -0.03 0.48 6.54
CA SER A 36 -1.27 -0.28 6.36
C SER A 36 -1.48 -0.62 4.89
N CYS A 37 -2.42 -1.53 4.63
CA CYS A 37 -2.72 -1.95 3.26
C CYS A 37 -3.43 -0.84 2.48
N GLU A 38 -4.19 -0.02 3.21
CA GLU A 38 -4.91 1.08 2.58
C GLU A 38 -3.98 2.26 2.31
N CYS A 39 -3.67 2.48 1.04
CA CYS A 39 -2.79 3.58 0.65
C CYS A 39 -3.38 4.93 1.07
N PRO A 40 -2.51 5.91 1.36
CA PRO A 40 -2.94 7.24 1.78
C PRO A 40 -3.59 8.03 0.64
N SER A 41 -4.06 9.23 0.95
CA SER A 41 -4.69 10.08 -0.04
C SER A 41 -3.76 11.20 -0.49
N TYR A 42 -2.47 10.90 -0.50
CA TYR A 42 -1.46 11.88 -0.91
C TYR A 42 -0.85 11.51 -2.26
N PRO A 43 -1.48 11.94 -3.36
CA PRO A 43 -1.00 11.63 -4.71
C PRO A 43 0.30 12.39 -5.04
N GLY A 44 1.42 11.73 -4.83
CA GLY A 44 2.71 12.34 -5.11
C GLY A 44 3.88 11.44 -4.77
N ALA A 1 -0.03 -14.00 17.36
CA ALA A 1 -1.35 -13.63 16.78
C ALA A 1 -1.37 -13.89 15.27
N MET A 2 -0.35 -13.39 14.58
CA MET A 2 -0.24 -13.57 13.14
C MET A 2 -1.43 -12.93 12.42
N ASP A 3 -1.18 -11.83 11.73
CA ASP A 3 -2.23 -11.13 11.00
C ASP A 3 -1.75 -10.68 9.63
N CYS A 4 -2.63 -10.76 8.63
CA CYS A 4 -2.28 -10.36 7.27
C CYS A 4 -3.34 -9.41 6.71
N THR A 5 -2.88 -8.45 5.91
CA THR A 5 -3.78 -7.47 5.30
C THR A 5 -4.01 -7.80 3.83
N THR A 6 -5.09 -7.24 3.27
CA THR A 6 -5.42 -7.47 1.87
C THR A 6 -5.55 -6.14 1.11
N GLY A 7 -5.04 -6.12 -0.11
CA GLY A 7 -5.11 -4.91 -0.91
C GLY A 7 -3.92 -4.77 -1.85
N PRO A 8 -3.86 -3.66 -2.62
CA PRO A 8 -2.76 -3.42 -3.56
C PRO A 8 -1.44 -3.13 -2.85
N CYS A 9 -1.54 -2.54 -1.66
CA CYS A 9 -0.36 -2.20 -0.88
C CYS A 9 0.29 -3.45 -0.30
N CYS A 10 -0.53 -4.47 -0.02
CA CYS A 10 -0.04 -5.72 0.54
C CYS A 10 0.08 -6.79 -0.54
N ARG A 11 0.98 -7.73 -0.33
CA ARG A 11 1.19 -8.82 -1.28
C ARG A 11 0.30 -10.01 -0.95
N GLN A 12 -0.99 -9.75 -0.80
CA GLN A 12 -1.96 -10.80 -0.49
C GLN A 12 -1.80 -11.29 0.95
N CYS A 13 -0.98 -10.61 1.73
CA CYS A 13 -0.75 -10.99 3.13
C CYS A 13 0.03 -9.91 3.86
N LYS A 14 1.26 -9.67 3.42
CA LYS A 14 2.12 -8.67 4.05
C LYS A 14 1.97 -7.31 3.36
N LEU A 15 2.07 -6.25 4.14
CA LEU A 15 1.94 -4.90 3.60
C LEU A 15 3.26 -4.42 3.00
N LYS A 16 3.17 -3.45 2.09
CA LYS A 16 4.36 -2.91 1.45
C LYS A 16 5.08 -1.91 2.36
N PRO A 17 6.36 -1.63 2.08
CA PRO A 17 7.16 -0.70 2.89
C PRO A 17 6.63 0.73 2.80
N ALA A 18 6.74 1.46 3.91
CA ALA A 18 6.27 2.83 3.96
C ALA A 18 7.03 3.71 2.97
N GLY A 19 6.33 4.19 1.95
CA GLY A 19 6.95 5.04 0.95
C GLY A 19 7.02 4.37 -0.41
N THR A 20 6.10 3.44 -0.66
CA THR A 20 6.07 2.73 -1.93
C THR A 20 4.66 2.76 -2.53
N THR A 21 4.60 2.84 -3.86
CA THR A 21 3.31 2.88 -4.55
C THR A 21 2.50 1.62 -4.27
N CYS A 22 1.25 1.61 -4.73
CA CYS A 22 0.37 0.48 -4.52
C CYS A 22 -0.75 0.45 -5.56
N TRP A 23 -1.35 1.61 -5.80
CA TRP A 23 -2.43 1.72 -6.77
C TRP A 23 -1.90 1.66 -8.19
N LYS A 24 -1.16 2.70 -8.58
CA LYS A 24 -0.59 2.77 -9.92
C LYS A 24 -1.67 2.69 -10.99
N THR A 25 -1.94 3.83 -11.64
CA THR A 25 -2.95 3.89 -12.68
C THR A 25 -2.42 4.62 -13.91
N SER A 26 -1.40 4.04 -14.54
CA SER A 26 -0.78 4.63 -15.74
C SER A 26 0.13 5.78 -15.37
N VAL A 27 -0.42 6.77 -14.67
CA VAL A 27 0.36 7.93 -14.25
C VAL A 27 0.12 8.25 -12.78
N SER A 28 -1.15 8.21 -12.38
CA SER A 28 -1.52 8.50 -10.99
C SER A 28 -1.36 7.25 -10.12
N SER A 29 -0.74 7.44 -8.95
CA SER A 29 -0.52 6.34 -8.02
C SER A 29 -0.46 6.85 -6.59
N HIS A 30 -0.81 5.98 -5.64
CA HIS A 30 -0.79 6.33 -4.23
C HIS A 30 0.34 5.62 -3.50
N TYR A 31 1.09 6.37 -2.69
CA TYR A 31 2.20 5.81 -1.94
C TYR A 31 1.76 5.39 -0.55
N CYS A 32 2.05 4.14 -0.20
CA CYS A 32 1.67 3.60 1.11
C CYS A 32 2.54 4.21 2.21
N THR A 33 1.93 4.50 3.35
CA THR A 33 2.65 5.08 4.47
C THR A 33 3.09 4.01 5.47
N GLY A 34 3.16 2.76 4.99
CA GLY A 34 3.56 1.66 5.86
C GLY A 34 2.76 1.60 7.14
N ARG A 35 1.54 2.11 7.10
CA ARG A 35 0.67 2.11 8.27
C ARG A 35 -0.48 1.12 8.09
N SER A 36 -0.94 0.97 6.86
CA SER A 36 -2.03 0.06 6.55
C SER A 36 -2.05 -0.31 5.07
N CYS A 37 -2.91 -1.25 4.71
CA CYS A 37 -3.02 -1.70 3.33
C CYS A 37 -3.68 -0.63 2.46
N GLU A 38 -4.55 0.16 3.08
CA GLU A 38 -5.26 1.22 2.36
C GLU A 38 -4.28 2.21 1.75
N CYS A 39 -4.60 2.69 0.55
CA CYS A 39 -3.74 3.65 -0.14
C CYS A 39 -4.32 5.05 -0.06
N PRO A 40 -3.95 5.82 0.98
CA PRO A 40 -4.43 7.20 1.15
C PRO A 40 -3.91 8.15 0.09
N SER A 41 -4.38 9.39 0.12
CA SER A 41 -3.95 10.39 -0.84
C SER A 41 -2.66 11.08 -0.38
N TYR A 42 -1.62 10.28 -0.16
CA TYR A 42 -0.34 10.80 0.28
C TYR A 42 0.77 10.41 -0.69
N PRO A 43 0.80 11.03 -1.88
CA PRO A 43 1.82 10.75 -2.90
C PRO A 43 3.21 11.25 -2.49
N GLY A 44 4.13 11.26 -3.45
CA GLY A 44 5.48 11.72 -3.17
C GLY A 44 6.26 10.74 -2.33
N ALA A 1 -4.08 -17.51 14.41
CA ALA A 1 -4.28 -16.52 15.49
C ALA A 1 -3.62 -15.19 15.14
N MET A 2 -3.62 -14.85 13.86
CA MET A 2 -3.02 -13.60 13.39
C MET A 2 -3.88 -12.96 12.32
N ASP A 3 -4.01 -11.64 12.38
CA ASP A 3 -4.81 -10.90 11.41
C ASP A 3 -3.95 -10.42 10.24
N CYS A 4 -4.28 -10.88 9.04
CA CYS A 4 -3.53 -10.51 7.85
C CYS A 4 -4.33 -9.53 6.98
N THR A 5 -3.86 -8.29 6.93
CA THR A 5 -4.54 -7.25 6.14
C THR A 5 -4.46 -7.57 4.65
N THR A 6 -5.17 -6.79 3.85
CA THR A 6 -5.18 -6.98 2.40
C THR A 6 -5.02 -5.65 1.67
N GLY A 7 -4.80 -5.73 0.36
CA GLY A 7 -4.63 -4.52 -0.43
C GLY A 7 -3.43 -4.62 -1.38
N PRO A 8 -3.32 -3.67 -2.32
CA PRO A 8 -2.21 -3.67 -3.28
C PRO A 8 -0.84 -3.75 -2.61
N CYS A 9 -0.60 -2.83 -1.68
CA CYS A 9 0.67 -2.80 -0.95
C CYS A 9 0.88 -4.10 -0.19
N CYS A 10 -0.21 -4.76 0.19
CA CYS A 10 -0.14 -6.01 0.93
C CYS A 10 0.41 -7.13 0.04
N ARG A 11 1.49 -7.75 0.50
CA ARG A 11 2.12 -8.84 -0.25
C ARG A 11 1.37 -10.15 -0.05
N GLN A 12 0.61 -10.23 1.05
CA GLN A 12 -0.16 -11.42 1.38
C GLN A 12 -0.67 -11.34 2.81
N CYS A 13 0.08 -10.65 3.66
CA CYS A 13 -0.29 -10.49 5.07
C CYS A 13 0.25 -9.18 5.63
N LYS A 14 1.52 -8.90 5.34
CA LYS A 14 2.15 -7.68 5.82
C LYS A 14 2.00 -6.56 4.81
N LEU A 15 2.32 -5.34 5.22
CA LEU A 15 2.22 -4.17 4.35
C LEU A 15 3.57 -3.84 3.72
N LYS A 16 3.56 -3.48 2.44
CA LYS A 16 4.78 -3.14 1.73
C LYS A 16 5.49 -1.96 2.41
N PRO A 17 6.77 -1.72 2.05
CA PRO A 17 7.55 -0.62 2.63
C PRO A 17 7.00 0.75 2.27
N ALA A 18 7.14 1.70 3.18
CA ALA A 18 6.65 3.05 2.96
C ALA A 18 7.29 3.67 1.72
N GLY A 19 6.72 4.77 1.24
CA GLY A 19 7.24 5.43 0.06
C GLY A 19 7.25 4.52 -1.16
N THR A 20 6.46 3.46 -1.12
CA THR A 20 6.38 2.52 -2.23
C THR A 20 5.04 2.64 -2.95
N THR A 21 5.10 2.93 -4.25
CA THR A 21 3.90 3.07 -5.06
C THR A 21 3.07 1.78 -5.05
N CYS A 22 1.78 1.92 -5.28
CA CYS A 22 0.88 0.76 -5.30
C CYS A 22 -0.43 1.10 -6.00
N TRP A 23 -0.34 1.82 -7.11
CA TRP A 23 -1.52 2.21 -7.87
C TRP A 23 -1.13 2.97 -9.14
N LYS A 24 -2.05 3.01 -10.10
CA LYS A 24 -1.81 3.71 -11.36
C LYS A 24 -3.13 3.99 -12.08
N THR A 25 -3.42 5.27 -12.28
CA THR A 25 -4.65 5.67 -12.95
C THR A 25 -4.38 6.71 -14.02
N SER A 26 -3.87 6.25 -15.17
CA SER A 26 -3.56 7.15 -16.28
C SER A 26 -2.64 8.28 -15.85
N VAL A 27 -1.35 7.98 -15.75
CA VAL A 27 -0.36 8.97 -15.35
C VAL A 27 -0.49 9.31 -13.87
N SER A 28 -0.93 8.34 -13.08
CA SER A 28 -1.10 8.54 -11.65
C SER A 28 -0.43 7.42 -10.86
N SER A 29 -0.33 7.60 -9.55
CA SER A 29 0.29 6.59 -8.69
C SER A 29 0.21 7.01 -7.22
N HIS A 30 -0.11 6.06 -6.35
CA HIS A 30 -0.21 6.32 -4.93
C HIS A 30 0.89 5.60 -4.16
N TYR A 31 1.54 6.32 -3.25
CA TYR A 31 2.61 5.74 -2.45
C TYR A 31 2.13 5.41 -1.04
N CYS A 32 2.57 4.27 -0.51
CA CYS A 32 2.19 3.84 0.82
C CYS A 32 3.04 4.54 1.88
N THR A 33 2.51 4.63 3.10
CA THR A 33 3.22 5.28 4.20
C THR A 33 3.70 4.26 5.22
N GLY A 34 3.81 3.00 4.79
CA GLY A 34 4.27 1.95 5.68
C GLY A 34 3.47 1.90 6.98
N ARG A 35 2.21 2.34 6.92
CA ARG A 35 1.35 2.33 8.08
C ARG A 35 0.36 1.18 8.04
N SER A 36 -0.07 0.82 6.83
CA SER A 36 -1.02 -0.28 6.65
C SER A 36 -0.89 -0.88 5.25
N CYS A 37 -1.59 -1.98 5.02
CA CYS A 37 -1.55 -2.66 3.74
C CYS A 37 -2.32 -1.87 2.68
N GLU A 38 -3.35 -1.16 3.13
CA GLU A 38 -4.17 -0.35 2.22
C GLU A 38 -3.35 0.78 1.61
N CYS A 39 -3.80 1.27 0.45
CA CYS A 39 -3.11 2.35 -0.23
C CYS A 39 -3.88 3.66 -0.09
N PRO A 40 -3.61 4.42 0.99
CA PRO A 40 -4.28 5.69 1.25
C PRO A 40 -3.87 6.77 0.24
N SER A 41 -4.54 7.92 0.31
CA SER A 41 -4.25 9.03 -0.59
C SER A 41 -3.12 9.89 -0.03
N TYR A 42 -1.97 9.27 0.21
CA TYR A 42 -0.82 9.99 0.74
C TYR A 42 0.38 9.86 -0.20
N PRO A 43 0.42 10.64 -1.27
CA PRO A 43 1.51 10.61 -2.25
C PRO A 43 2.81 11.17 -1.68
N GLY A 44 3.79 11.38 -2.55
CA GLY A 44 5.07 11.93 -2.11
C GLY A 44 5.98 12.27 -3.28
N ALA A 1 0.97 -7.79 12.25
CA ALA A 1 0.44 -8.01 13.62
C ALA A 1 0.02 -9.46 13.82
N MET A 2 -1.02 -9.89 13.13
CA MET A 2 -1.51 -11.26 13.24
C MET A 2 -2.36 -11.62 12.03
N ASP A 3 -3.49 -10.92 11.88
CA ASP A 3 -4.39 -11.18 10.77
C ASP A 3 -3.74 -10.84 9.43
N CYS A 4 -3.92 -11.72 8.45
CA CYS A 4 -3.34 -11.52 7.13
C CYS A 4 -3.98 -10.31 6.43
N THR A 5 -3.15 -9.37 6.01
CA THR A 5 -3.62 -8.17 5.33
C THR A 5 -3.73 -8.40 3.83
N THR A 6 -4.88 -8.07 3.25
CA THR A 6 -5.11 -8.24 1.83
C THR A 6 -5.29 -6.89 1.14
N GLY A 7 -4.71 -6.74 -0.05
CA GLY A 7 -4.82 -5.51 -0.79
C GLY A 7 -3.63 -5.26 -1.69
N PRO A 8 -3.52 -4.04 -2.26
CA PRO A 8 -2.41 -3.69 -3.15
C PRO A 8 -1.09 -3.55 -2.41
N CYS A 9 -1.16 -3.14 -1.14
CA CYS A 9 0.02 -2.97 -0.32
C CYS A 9 0.24 -4.17 0.58
N CYS A 10 -0.19 -5.35 0.12
CA CYS A 10 -0.04 -6.58 0.90
C CYS A 10 0.16 -7.77 -0.03
N ARG A 11 1.03 -8.69 0.37
CA ARG A 11 1.30 -9.88 -0.41
C ARG A 11 0.36 -11.02 -0.03
N GLN A 12 -0.94 -10.74 -0.03
CA GLN A 12 -1.94 -11.73 0.32
C GLN A 12 -1.95 -12.02 1.82
N CYS A 13 -1.17 -11.25 2.58
CA CYS A 13 -1.10 -11.43 4.03
C CYS A 13 -0.15 -10.42 4.65
N LYS A 14 1.10 -10.40 4.19
CA LYS A 14 2.10 -9.48 4.72
C LYS A 14 1.78 -8.05 4.31
N LEU A 15 2.48 -7.10 4.93
CA LEU A 15 2.27 -5.69 4.63
C LEU A 15 3.47 -5.11 3.87
N LYS A 16 3.18 -4.41 2.78
CA LYS A 16 4.23 -3.81 1.96
C LYS A 16 5.06 -2.83 2.78
N PRO A 17 6.37 -2.70 2.45
CA PRO A 17 7.27 -1.79 3.15
C PRO A 17 6.86 -0.33 3.02
N ALA A 18 7.08 0.44 4.07
CA ALA A 18 6.73 1.86 4.07
C ALA A 18 7.57 2.63 3.07
N GLY A 19 6.90 3.29 2.14
CA GLY A 19 7.59 4.06 1.12
C GLY A 19 7.56 3.40 -0.23
N THR A 20 6.57 2.53 -0.45
CA THR A 20 6.43 1.83 -1.72
C THR A 20 5.13 2.23 -2.43
N THR A 21 5.22 2.40 -3.74
CA THR A 21 4.05 2.79 -4.53
C THR A 21 3.12 1.60 -4.75
N CYS A 22 1.82 1.86 -4.71
CA CYS A 22 0.82 0.81 -4.90
C CYS A 22 -0.04 1.09 -6.13
N TRP A 23 -0.40 2.35 -6.31
CA TRP A 23 -1.23 2.75 -7.44
C TRP A 23 -0.36 3.23 -8.61
N LYS A 24 -0.31 2.42 -9.67
CA LYS A 24 0.47 2.77 -10.85
C LYS A 24 -0.43 3.16 -12.01
N THR A 25 -1.54 3.83 -11.69
CA THR A 25 -2.48 4.26 -12.71
C THR A 25 -1.81 5.22 -13.70
N SER A 26 -2.53 5.55 -14.77
CA SER A 26 -2.00 6.46 -15.79
C SER A 26 -2.46 7.89 -15.53
N VAL A 27 -2.07 8.43 -14.38
CA VAL A 27 -2.44 9.80 -14.02
C VAL A 27 -1.78 10.21 -12.70
N SER A 28 -1.74 9.28 -11.76
CA SER A 28 -1.15 9.54 -10.45
C SER A 28 -0.85 8.23 -9.71
N SER A 29 -0.01 8.31 -8.69
CA SER A 29 0.35 7.14 -7.90
C SER A 29 0.39 7.47 -6.42
N HIS A 30 0.31 6.44 -5.58
CA HIS A 30 0.33 6.62 -4.13
C HIS A 30 1.29 5.64 -3.48
N TYR A 31 1.89 6.05 -2.36
CA TYR A 31 2.82 5.21 -1.63
C TYR A 31 2.27 4.84 -0.27
N CYS A 32 2.77 3.73 0.29
CA CYS A 32 2.31 3.26 1.60
C CYS A 32 3.32 3.65 2.68
N THR A 33 2.90 3.50 3.94
CA THR A 33 3.77 3.83 5.07
C THR A 33 3.96 2.62 5.98
N GLY A 34 3.82 1.42 5.41
CA GLY A 34 3.99 0.21 6.18
C GLY A 34 3.08 0.16 7.40
N ARG A 35 1.95 0.84 7.31
CA ARG A 35 0.98 0.87 8.41
C ARG A 35 -0.25 0.03 8.08
N SER A 36 -0.67 0.09 6.82
CA SER A 36 -1.84 -0.66 6.39
C SER A 36 -1.90 -0.73 4.86
N CYS A 37 -2.76 -1.59 4.34
CA CYS A 37 -2.92 -1.76 2.90
C CYS A 37 -3.63 -0.55 2.29
N GLU A 38 -4.47 0.09 3.08
CA GLU A 38 -5.22 1.26 2.62
C GLU A 38 -4.27 2.37 2.19
N CYS A 39 -3.99 2.44 0.88
CA CYS A 39 -3.10 3.47 0.35
C CYS A 39 -3.65 4.86 0.61
N PRO A 40 -2.76 5.86 0.77
CA PRO A 40 -3.17 7.25 1.02
C PRO A 40 -3.81 7.89 -0.20
N SER A 41 -4.55 8.97 0.02
CA SER A 41 -5.22 9.68 -1.05
C SER A 41 -4.55 11.02 -1.32
N TYR A 42 -3.24 11.06 -1.14
CA TYR A 42 -2.47 12.28 -1.37
C TYR A 42 -1.19 11.99 -2.13
N PRO A 43 -1.26 11.97 -3.48
CA PRO A 43 -0.10 11.70 -4.34
C PRO A 43 0.91 12.84 -4.31
N GLY A 44 2.09 12.58 -3.74
CA GLY A 44 3.12 13.59 -3.67
C GLY A 44 3.85 13.56 -2.33
N ALA A 1 -6.76 -5.24 14.91
CA ALA A 1 -6.70 -6.63 14.37
C ALA A 1 -5.32 -6.93 13.78
N MET A 2 -4.80 -8.10 14.11
CA MET A 2 -3.49 -8.52 13.61
C MET A 2 -3.62 -9.59 12.53
N ASP A 3 -4.72 -9.51 11.77
CA ASP A 3 -4.97 -10.47 10.71
C ASP A 3 -4.34 -10.00 9.39
N CYS A 4 -4.49 -10.82 8.35
CA CYS A 4 -3.94 -10.49 7.04
C CYS A 4 -4.84 -9.50 6.30
N THR A 5 -4.36 -8.28 6.15
CA THR A 5 -5.12 -7.24 5.45
C THR A 5 -4.87 -7.30 3.95
N THR A 6 -5.89 -7.66 3.19
CA THR A 6 -5.78 -7.75 1.74
C THR A 6 -5.64 -6.36 1.12
N GLY A 7 -4.77 -6.25 0.12
CA GLY A 7 -4.55 -4.98 -0.54
C GLY A 7 -3.52 -5.06 -1.63
N PRO A 8 -3.48 -4.07 -2.54
CA PRO A 8 -2.51 -4.04 -3.65
C PRO A 8 -1.08 -3.85 -3.16
N CYS A 9 -0.94 -3.21 -1.99
CA CYS A 9 0.38 -2.97 -1.42
C CYS A 9 0.68 -3.95 -0.30
N CYS A 10 0.22 -5.18 -0.46
CA CYS A 10 0.43 -6.22 0.54
C CYS A 10 0.26 -7.61 -0.06
N ARG A 11 1.38 -8.30 -0.28
CA ARG A 11 1.35 -9.63 -0.85
C ARG A 11 0.64 -10.59 0.09
N GLN A 12 -0.70 -10.61 0.03
CA GLN A 12 -1.51 -11.48 0.88
C GLN A 12 -1.49 -11.00 2.32
N CYS A 13 -0.32 -11.04 2.94
CA CYS A 13 -0.18 -10.61 4.33
C CYS A 13 1.02 -9.67 4.50
N LYS A 14 2.06 -9.88 3.70
CA LYS A 14 3.26 -9.05 3.78
C LYS A 14 3.06 -7.73 3.06
N LEU A 15 3.38 -6.63 3.75
CA LEU A 15 3.24 -5.30 3.16
C LEU A 15 4.55 -4.84 2.53
N LYS A 16 4.44 -3.98 1.52
CA LYS A 16 5.61 -3.47 0.83
C LYS A 16 6.44 -2.57 1.75
N PRO A 17 7.74 -2.43 1.47
CA PRO A 17 8.65 -1.59 2.27
C PRO A 17 8.16 -0.15 2.37
N ALA A 18 8.38 0.46 3.52
CA ALA A 18 7.98 1.85 3.75
C ALA A 18 8.69 2.78 2.78
N GLY A 19 7.95 3.30 1.81
CA GLY A 19 8.53 4.21 0.83
C GLY A 19 8.50 3.64 -0.59
N THR A 20 7.54 2.76 -0.85
CA THR A 20 7.41 2.15 -2.16
C THR A 20 6.03 2.43 -2.75
N THR A 21 5.99 2.66 -4.06
CA THR A 21 4.74 2.95 -4.75
C THR A 21 3.97 1.66 -5.06
N CYS A 22 2.66 1.70 -4.88
CA CYS A 22 1.82 0.53 -5.14
C CYS A 22 0.88 0.80 -6.32
N TRP A 23 0.40 2.03 -6.42
CA TRP A 23 -0.50 2.40 -7.50
C TRP A 23 0.23 3.22 -8.56
N LYS A 24 -0.51 3.67 -9.57
CA LYS A 24 0.07 4.45 -10.65
C LYS A 24 -1.00 4.84 -11.67
N THR A 25 -1.92 3.93 -11.93
CA THR A 25 -2.99 4.18 -12.89
C THR A 25 -3.82 5.39 -12.48
N SER A 26 -4.74 5.79 -13.36
CA SER A 26 -5.59 6.95 -13.09
C SER A 26 -4.78 8.23 -12.99
N VAL A 27 -3.54 8.20 -13.48
CA VAL A 27 -2.67 9.37 -13.44
C VAL A 27 -2.25 9.68 -12.01
N SER A 28 -2.16 8.64 -11.19
CA SER A 28 -1.77 8.80 -9.79
C SER A 28 -1.06 7.55 -9.27
N SER A 29 0.05 7.75 -8.58
CA SER A 29 0.82 6.63 -8.02
C SER A 29 1.03 6.81 -6.52
N HIS A 30 0.04 6.40 -5.74
CA HIS A 30 0.11 6.51 -4.28
C HIS A 30 1.31 5.74 -3.75
N TYR A 31 1.84 6.20 -2.62
CA TYR A 31 2.98 5.56 -1.98
C TYR A 31 2.55 4.71 -0.80
N CYS A 32 3.49 3.95 -0.24
CA CYS A 32 3.21 3.09 0.90
C CYS A 32 4.14 3.40 2.06
N THR A 33 3.56 3.69 3.22
CA THR A 33 4.34 4.00 4.41
C THR A 33 4.52 2.77 5.29
N GLY A 34 4.34 1.58 4.71
CA GLY A 34 4.48 0.36 5.47
C GLY A 34 3.66 0.34 6.75
N ARG A 35 2.56 1.10 6.74
CA ARG A 35 1.69 1.18 7.90
C ARG A 35 0.47 0.27 7.73
N SER A 36 -0.01 0.15 6.50
CA SER A 36 -1.17 -0.69 6.20
C SER A 36 -0.97 -1.45 4.89
N CYS A 37 -1.72 -2.53 4.73
CA CYS A 37 -1.63 -3.34 3.52
C CYS A 37 -2.25 -2.63 2.33
N GLU A 38 -3.20 -1.73 2.60
CA GLU A 38 -3.86 -0.97 1.54
C GLU A 38 -3.22 0.39 1.38
N CYS A 39 -3.07 0.82 0.12
CA CYS A 39 -2.48 2.11 -0.18
C CYS A 39 -3.28 3.25 0.45
N PRO A 40 -2.60 4.34 0.84
CA PRO A 40 -3.24 5.50 1.47
C PRO A 40 -4.09 6.30 0.47
N SER A 41 -4.76 7.33 0.97
CA SER A 41 -5.59 8.17 0.12
C SER A 41 -4.93 9.52 -0.14
N TYR A 42 -3.61 9.50 -0.28
CA TYR A 42 -2.86 10.72 -0.54
C TYR A 42 -1.78 10.48 -1.61
N PRO A 43 -1.42 11.54 -2.37
CA PRO A 43 -0.40 11.44 -3.42
C PRO A 43 1.00 11.24 -2.85
N GLY A 44 1.22 11.72 -1.63
CA GLY A 44 2.52 11.58 -1.00
C GLY A 44 2.84 12.73 -0.07
N ALA A 1 -2.57 -15.87 16.35
CA ALA A 1 -3.66 -15.03 15.76
C ALA A 1 -3.10 -14.08 14.70
N MET A 2 -3.54 -14.27 13.46
CA MET A 2 -3.09 -13.42 12.36
C MET A 2 -4.25 -13.07 11.43
N ASP A 3 -4.31 -11.81 11.02
CA ASP A 3 -5.36 -11.35 10.13
C ASP A 3 -4.82 -11.11 8.72
N CYS A 4 -3.61 -10.59 8.64
CA CYS A 4 -2.99 -10.32 7.35
C CYS A 4 -3.80 -9.32 6.55
N THR A 5 -3.24 -8.13 6.34
CA THR A 5 -3.92 -7.08 5.58
C THR A 5 -3.90 -7.39 4.09
N THR A 6 -5.05 -7.17 3.44
CA THR A 6 -5.17 -7.43 2.01
C THR A 6 -5.25 -6.12 1.23
N GLY A 7 -4.64 -6.11 0.04
CA GLY A 7 -4.65 -4.91 -0.78
C GLY A 7 -3.43 -4.82 -1.68
N PRO A 8 -3.28 -3.70 -2.42
CA PRO A 8 -2.14 -3.49 -3.31
C PRO A 8 -0.83 -3.30 -2.55
N CYS A 9 -0.93 -2.64 -1.39
CA CYS A 9 0.25 -2.39 -0.57
C CYS A 9 0.75 -3.67 0.08
N CYS A 10 -0.17 -4.59 0.36
CA CYS A 10 0.18 -5.86 0.97
C CYS A 10 0.44 -6.93 -0.08
N ARG A 11 1.67 -7.46 -0.10
CA ARG A 11 2.04 -8.48 -1.06
C ARG A 11 1.16 -9.71 -0.91
N GLN A 12 1.39 -10.47 0.16
CA GLN A 12 0.61 -11.68 0.42
C GLN A 12 0.14 -11.75 1.88
N CYS A 13 0.38 -10.68 2.63
CA CYS A 13 -0.03 -10.63 4.04
C CYS A 13 0.37 -9.29 4.68
N LYS A 14 1.67 -9.04 4.72
CA LYS A 14 2.18 -7.80 5.30
C LYS A 14 2.19 -6.67 4.27
N LEU A 15 2.19 -5.44 4.76
CA LEU A 15 2.20 -4.27 3.90
C LEU A 15 3.62 -3.94 3.43
N LYS A 16 3.73 -3.32 2.26
CA LYS A 16 5.02 -2.96 1.71
C LYS A 16 5.70 -1.88 2.56
N PRO A 17 7.02 -1.73 2.41
CA PRO A 17 7.79 -0.72 3.17
C PRO A 17 7.19 0.67 3.05
N ALA A 18 7.30 1.45 4.11
CA ALA A 18 6.77 2.80 4.13
C ALA A 18 7.43 3.66 3.05
N GLY A 19 6.65 4.05 2.05
CA GLY A 19 7.17 4.86 0.97
C GLY A 19 7.36 4.08 -0.31
N THR A 20 6.58 3.01 -0.47
CA THR A 20 6.66 2.17 -1.66
C THR A 20 5.42 2.32 -2.53
N THR A 21 5.51 1.86 -3.78
CA THR A 21 4.40 1.94 -4.70
C THR A 21 3.41 0.80 -4.47
N CYS A 22 2.15 1.03 -4.85
CA CYS A 22 1.11 0.03 -4.68
C CYS A 22 -0.04 0.26 -5.65
N TRP A 23 -0.48 1.51 -5.75
CA TRP A 23 -1.57 1.87 -6.64
C TRP A 23 -1.05 2.66 -7.84
N LYS A 24 -1.02 2.01 -9.00
CA LYS A 24 -0.55 2.66 -10.22
C LYS A 24 -1.65 2.69 -11.28
N THR A 25 -2.46 3.75 -11.24
CA THR A 25 -3.55 3.90 -12.20
C THR A 25 -3.13 4.77 -13.37
N SER A 26 -3.84 4.65 -14.48
CA SER A 26 -3.54 5.43 -15.68
C SER A 26 -3.65 6.92 -15.40
N VAL A 27 -4.55 7.28 -14.49
CA VAL A 27 -4.75 8.69 -14.13
C VAL A 27 -3.64 9.18 -13.21
N SER A 28 -3.14 8.28 -12.36
CA SER A 28 -2.07 8.62 -11.42
C SER A 28 -1.64 7.40 -10.62
N SER A 29 -0.76 7.63 -9.64
CA SER A 29 -0.26 6.55 -8.81
C SER A 29 0.07 7.05 -7.40
N HIS A 30 -0.35 6.30 -6.39
CA HIS A 30 -0.09 6.67 -5.00
C HIS A 30 0.98 5.77 -4.39
N TYR A 31 1.33 6.07 -3.14
CA TYR A 31 2.34 5.29 -2.44
C TYR A 31 1.85 4.89 -1.05
N CYS A 32 2.46 3.86 -0.49
CA CYS A 32 2.09 3.38 0.83
C CYS A 32 2.93 4.05 1.92
N THR A 33 2.34 4.19 3.11
CA THR A 33 3.03 4.83 4.22
C THR A 33 3.50 3.79 5.24
N GLY A 34 3.55 2.53 4.83
CA GLY A 34 3.98 1.47 5.72
C GLY A 34 3.18 1.44 7.01
N ARG A 35 1.97 1.99 6.98
CA ARG A 35 1.12 2.01 8.17
C ARG A 35 -0.16 1.21 7.94
N SER A 36 -0.65 1.21 6.71
CA SER A 36 -1.86 0.48 6.36
C SER A 36 -1.80 -0.01 4.91
N CYS A 37 -2.68 -0.96 4.60
CA CYS A 37 -2.72 -1.53 3.24
C CYS A 37 -3.32 -0.52 2.27
N GLU A 38 -4.18 0.36 2.77
CA GLU A 38 -4.82 1.36 1.93
C GLU A 38 -3.83 2.49 1.58
N CYS A 39 -3.42 2.52 0.31
CA CYS A 39 -2.49 3.53 -0.15
C CYS A 39 -3.05 4.94 0.05
N PRO A 40 -2.48 5.72 0.98
CA PRO A 40 -2.95 7.08 1.26
C PRO A 40 -3.04 7.93 -0.01
N SER A 41 -3.61 9.12 0.12
CA SER A 41 -3.76 10.03 -1.01
C SER A 41 -2.71 11.14 -0.95
N TYR A 42 -1.52 10.80 -0.47
CA TYR A 42 -0.43 11.76 -0.37
C TYR A 42 0.80 11.27 -1.13
N PRO A 43 0.81 11.44 -2.47
CA PRO A 43 1.94 11.00 -3.30
C PRO A 43 3.27 11.56 -2.80
N GLY A 44 4.13 10.66 -2.34
CA GLY A 44 5.44 11.07 -1.84
C GLY A 44 5.38 11.53 -0.40
#